data_9HN5
#
_entry.id   9HN5
#
_cell.length_a   1.00
_cell.length_b   1.00
_cell.length_c   1.00
_cell.angle_alpha   90.00
_cell.angle_beta   90.00
_cell.angle_gamma   90.00
#
_symmetry.space_group_name_H-M   'P 1'
#
loop_
_entity.id
_entity.type
_entity.pdbx_description
1 polymer 'Double-strand-break repair protein rad21 homolog'
2 polymer Separin
3 non-polymer 'ZINC ION'
#
loop_
_entity_poly.entity_id
_entity_poly.type
_entity_poly.pdbx_seq_one_letter_code
_entity_poly.pdbx_strand_id
1 'polypeptide(L)'
;NREAAYNAITLPEEFHDFDQPLPDLDDIDVAQQFSLIQSRVEEITMREEVGNISILQENDFGDFGMDDREIMREG(SEP)
AFEDDDMLV(SEP)TTTSNLLLESEQSTSNLNEKINHLEYEDQYKDDNFGEGNDGGILDDKLISNNDGGIFDDEIMREGP
PALSEAGVMLPEQPAHDDMDEDDNVSMGGPDSPDSVDPVEPMPTMTDQTTLVPNEEEAFALEPIDITVKETKAKR
;
B
2 'polypeptide(L)'
;MDYKDHDGDYKDHDIDYKDDDDKSGPGGSGGSGGGSGGGSGENLYFQGGGSGGSGMRSFKRVNFGTLLSSQKEAEELLPD
LKEFLSNPPAGFPSSRSDAERRQACDAILRACNQQLTAKLACPRHLGSLLELAELACDGYLVSTPQRPPLYLERILFVLL
RNAAAQGSPEVTLRLAQPLHACLVQCSREAAPQDYEAVARGSFSLLWKGAEALLERRAAFAARLKALSFLVLLEDESTPC
EVPHFASPTACRAVAAHQLFDASGHGLNEADADFLDDLLSRHVIRALVGERGSSSGLLSPQRALCLLELTLEHCRRFCWS
RHHDKAISAVEKAHSYLRNTNLAPSLQLCQLGVKLLQVGEEGPQAVAKLLIKASAVLSKSMEAPSPPLRALYESCQFFLS
GLERGTKRRYRLDAILSLFAFLGGYCSLLQQLRDDGVYGGSSKQQQSFLQMYFQGLHLYTVVVYDFAQGCQIVDLADLTQ
LVDSCKSTVVWMLEALEGLSGQELTDHMGMTASYTSNLAYSFYSHKLYAEACAISEPLCQHLGLVKPGTYPEVPPEKLHR
CFRLQVESLKKLGKQAQGCKMVILWLAALQPCSPEHMAEPVTFWVRVKMDAARAGDKELQLKTLRDSLSGWDPETLALLL
REELQAYKAVRADTGQERFNIICDLLELSPEETPAGAWARATHLVELAQVLCYHDFTQQTNCSALDAIREALQLLDSVRP
EAQARDQLLDDKAQALLWLYICTLEAKMQEGIERDRRAQAPGNLEEFEVNDLNYEDKLQEDRFLYSNIAFNLAADAAQSK
CLDQALALWKELLTKGQAPAVRCLQQTAASLQILAALYQLVAKPMQALEVLLLLRIVSERLKDHSKAAGSSCHITQLLLT
LGCPSYAQLHLEEAASSLKHLDQTTDTYLLLSLTCDLLRSQLYWTHQKVTKGVSLLLSVLRDPALQKSSKAWYLLRVQVL
QLVAAYLSLPSNNLSHSLWEQLCAQGWQTPEIALIDSHKLLRSIILLLMGSDILSTQKAAVETSFLDYGENLVQKWQVLS
EVLSCSEKLVCHLGRLGSVSEAKAFCLEALKLTTKLQIPRQCALFLVLKGELELARNDIDLCQSDLQQVLFLLESCTEFG
GVTQHLDSVKKVHLQKGKQQAQVPCPPQLPEEELFLRGPALELVATVAKEPGPIAPSTNSSPVLKTKPQPIPNFLSHSPT
CDCSLCASPVLTAVCLRWVLVTAGVRLAMGHQAQGLDLLQVVLKGCPEAAERLTQALQASLNHKTPPSLVPSLLDEILAQ
AYTLLALEGLNQPSNESLQKVLQSGLKFVAARIPHLEPWRASLLLIWALTKLGGLSCCTTQLFASSWGWQPPLIKSVPGS
EPSKTQGQKRSGRGRQKLASAPLSLNNTSQKGLEGRGLPCTPKPPDRIRQAGPHVPFTVFEEVCPTESKPEVPQAPRVQQ
RVQTRLKVNFSDDSDLEDPVSAEAWLAEEPKRRGTASRGRGRARKGLSLKTDAVVAPGSAPGNPGLNGRSRRAKKVASRH
CEERRPQRASDQARPGGLEVLFQGPGSGDSSKKKLPSPCPDKESDKDLGPRLQLPSAPVATGLSTLDSICDSLSVAFRGI
SHCPPSGLYAHLCRFLALCLGHRDPYATAFLVTESVSITCRHQLLTHLHRQLSKAQKHRGSLEIADQLQGLSLQEMPGDV
PLARIQRLFSFRALESGHFPQPEKESFQERLALIPSGVTVCVLALATLQPGTVGNTLLLTRLEKDSPPVSVQIPTGQNKL
HLRSVLNEFDAIQKAQKENSSCTDKREWWTGRLALDHRMEVLIASLEKSVLGCWKGLLLPSSEEPGPAQEASRLQELLQD
CGWKYPDRTLLKIMLSGAGALTPQDIQALAYGLCPTQPERAQELLNEAVGRLQGLTVPSNSHLVLVLDKDLQKLPWESMP
SLQALPVTRLPSFRFLLSYSIIKEYGASPVLSQGVDPRSTFYVLNPHNNLSSTEEQFRANFSSEAGWRGVVGEVPRPEQV
QEALTKHDLYIYAGHGAGARFLDGQAVLRLSCRAVALLFGSSSAALAVHGNLEGAGIVLKYIMAGCPLFLGNLWDVTDRD
IDRYTEALLQGWLGAGPGAPLLYYVNQARQAPRLKYLIGAAPIAYGLPVSLRSSLAEENLYFQSWSHPQFEKGGGSGGGS
GGGSWSHPQFEK
;
A
#
# COMPACT_ATOMS: atom_id res chain seq x y z
N MET A 66 -54.68 37.14 3.17
CA MET A 66 -55.61 36.64 2.13
C MET A 66 -54.81 36.25 0.87
N ASP A 67 -53.49 36.21 0.99
CA ASP A 67 -52.62 35.81 -0.15
C ASP A 67 -52.60 34.29 -0.25
N ASP A 68 -52.12 33.76 -1.38
CA ASP A 68 -52.09 32.29 -1.60
C ASP A 68 -50.93 31.67 -0.81
N ARG A 69 -50.74 30.37 -0.96
CA ARG A 69 -49.64 29.69 -0.28
C ARG A 69 -48.43 29.62 -1.20
N GLU A 70 -47.26 29.92 -0.66
CA GLU A 70 -46.02 29.81 -1.41
C GLU A 70 -45.42 28.42 -1.24
N ILE A 71 -44.81 27.92 -2.30
CA ILE A 71 -44.17 26.61 -2.28
C ILE A 71 -42.86 26.71 -1.50
N MET A 72 -42.65 25.77 -0.58
CA MET A 72 -41.42 25.71 0.17
C MET A 72 -40.33 25.07 -0.69
N ARG A 73 -39.23 25.79 -0.87
CA ARG A 73 -38.10 25.23 -1.60
C ARG A 73 -37.54 24.04 -0.82
N GLU A 74 -37.15 22.99 -1.54
CA GLU A 74 -36.66 21.76 -0.89
C GLU A 74 -35.12 21.84 -0.79
N GLY A 75 -34.55 21.36 0.32
CA GLY A 75 -33.09 21.50 0.51
C GLY A 75 -32.35 20.24 0.11
N ALA A 77 -30.20 17.22 -0.39
CA ALA A 77 -29.28 16.61 0.60
C ALA A 77 -27.84 16.72 0.09
N ASP A 80 -25.14 13.43 -0.71
CA ASP A 80 -24.55 12.84 0.53
C ASP A 80 -23.86 11.51 0.19
N ASP A 81 -23.73 11.20 -1.11
CA ASP A 81 -23.08 9.95 -1.54
C ASP A 81 -21.63 9.94 -1.07
N ASP A 82 -20.90 11.05 -1.27
CA ASP A 82 -19.49 11.15 -0.82
C ASP A 82 -18.70 9.92 -1.32
N MET A 83 -18.99 9.47 -2.55
CA MET A 83 -18.26 8.32 -3.13
C MET A 83 -16.78 8.71 -3.32
N LEU A 84 -15.86 7.83 -2.91
CA LEU A 84 -14.41 8.12 -3.02
C LEU A 84 -14.02 8.22 -4.50
N VAL A 85 -14.58 7.34 -5.34
CA VAL A 85 -14.24 7.32 -6.80
C VAL A 85 -12.71 7.40 -6.94
N THR A 87 -10.67 6.81 -9.28
CA THR A 87 -10.18 5.53 -9.83
C THR A 87 -9.12 5.82 -10.87
N THR A 88 -8.84 7.11 -11.13
CA THR A 88 -7.84 7.50 -12.15
C THR A 88 -6.67 6.54 -12.10
N THR A 89 -6.05 6.37 -10.92
CA THR A 89 -4.89 5.46 -10.73
C THR A 89 -3.67 5.96 -11.50
N SER A 90 -2.50 5.42 -11.18
CA SER A 90 -1.24 5.86 -11.83
C SER A 90 -0.84 4.83 -12.89
N ASN A 91 -1.75 3.91 -13.21
CA ASN A 91 -1.44 2.84 -14.19
C ASN A 91 -0.03 2.33 -13.91
N LEU A 92 0.14 1.62 -12.79
CA LEU A 92 1.44 1.11 -12.38
C LEU A 92 2.11 0.39 -13.53
N LEU A 93 3.43 0.52 -13.61
CA LEU A 93 4.20 -0.18 -14.64
C LEU A 93 4.16 -1.67 -14.36
N LEU A 94 3.77 -2.44 -15.38
CA LEU A 94 3.72 -3.89 -15.23
C LEU A 94 5.10 -4.43 -14.91
N GLU A 95 5.12 -5.61 -14.28
CA GLU A 95 6.43 -6.22 -13.98
C GLU A 95 7.24 -6.22 -15.28
N SER A 96 8.47 -5.68 -15.23
CA SER A 96 9.33 -5.70 -16.43
C SER A 96 9.65 -7.16 -16.79
N GLU A 97 10.26 -7.38 -17.97
CA GLU A 97 10.57 -8.76 -18.41
C GLU A 97 11.18 -9.53 -17.22
N GLN A 98 12.22 -8.97 -16.61
CA GLN A 98 12.87 -9.61 -15.42
C GLN A 98 13.15 -11.08 -15.75
N SER A 99 13.68 -11.36 -16.94
CA SER A 99 13.94 -12.76 -17.35
C SER A 99 15.42 -13.11 -17.10
N THR A 100 15.84 -14.29 -17.56
CA THR A 100 17.26 -14.70 -17.40
C THR A 100 18.15 -13.72 -18.12
N HIS A 109 27.09 -21.06 -13.91
CA HIS A 109 26.43 -22.16 -14.64
C HIS A 109 27.33 -22.63 -15.78
N LEU A 110 27.39 -21.86 -16.86
CA LEU A 110 28.25 -22.23 -18.03
C LEU A 110 29.69 -21.80 -17.75
N GLU A 111 30.29 -22.33 -16.68
CA GLU A 111 31.71 -22.01 -16.34
C GLU A 111 32.38 -23.29 -15.80
N TYR A 112 33.36 -23.82 -16.54
CA TYR A 112 34.05 -25.07 -16.13
C TYR A 112 35.36 -25.19 -16.88
N GLU A 113 36.22 -26.11 -16.45
CA GLU A 113 37.53 -26.33 -17.13
C GLU A 113 37.32 -27.28 -18.32
N SER B 299 73.59 -50.58 -38.10
CA SER B 299 73.27 -51.94 -37.70
C SER B 299 71.78 -52.10 -37.41
N PRO B 300 71.35 -53.34 -37.18
CA PRO B 300 69.92 -53.57 -36.89
C PRO B 300 69.43 -52.84 -35.65
N GLN B 301 70.27 -52.76 -34.60
CA GLN B 301 69.88 -52.12 -33.35
C GLN B 301 70.70 -50.88 -33.05
N ARG B 302 71.52 -50.41 -34.00
CA ARG B 302 72.30 -49.20 -33.79
C ARG B 302 71.37 -48.00 -33.62
N ALA B 303 70.32 -47.92 -34.44
CA ALA B 303 69.37 -46.82 -34.32
C ALA B 303 68.65 -46.86 -32.98
N LEU B 304 68.28 -48.07 -32.52
CA LEU B 304 67.62 -48.20 -31.23
C LEU B 304 68.55 -47.77 -30.10
N CYS B 305 69.83 -48.16 -30.17
CA CYS B 305 70.79 -47.76 -29.16
C CYS B 305 70.97 -46.25 -29.15
N LEU B 306 71.06 -45.63 -30.32
CA LEU B 306 71.18 -44.18 -30.41
C LEU B 306 69.94 -43.50 -29.83
N LEU B 307 68.76 -44.04 -30.12
CA LEU B 307 67.54 -43.47 -29.58
C LEU B 307 67.49 -43.57 -28.06
N GLU B 308 67.91 -44.71 -27.51
CA GLU B 308 67.95 -44.87 -26.06
C GLU B 308 68.94 -43.90 -25.43
N LEU B 309 70.11 -43.74 -26.05
CA LEU B 309 71.09 -42.78 -25.56
C LEU B 309 70.52 -41.37 -25.59
N THR B 310 69.80 -41.02 -26.67
CA THR B 310 69.20 -39.71 -26.76
C THR B 310 68.10 -39.51 -25.72
N LEU B 311 67.36 -40.58 -25.40
CA LEU B 311 66.34 -40.48 -24.38
C LEU B 311 66.94 -40.25 -23.01
N GLU B 312 68.00 -40.99 -22.67
CA GLU B 312 68.71 -40.76 -21.42
C GLU B 312 69.30 -39.35 -21.39
N HIS B 313 69.79 -38.88 -22.54
CA HIS B 313 70.31 -37.53 -22.64
C HIS B 313 69.24 -36.48 -22.41
N CYS B 314 68.04 -36.67 -22.95
CA CYS B 314 66.95 -35.73 -22.69
C CYS B 314 66.56 -35.74 -21.22
N ARG B 315 66.56 -36.94 -20.62
CA ARG B 315 66.27 -37.04 -19.19
C ARG B 315 67.29 -36.25 -18.37
N ARG B 316 68.57 -36.35 -18.74
CA ARG B 316 69.59 -35.55 -18.08
C ARG B 316 69.40 -34.07 -18.36
N PHE B 317 69.02 -33.73 -19.60
CA PHE B 317 68.84 -32.33 -19.99
C PHE B 317 67.70 -31.69 -19.23
N CYS B 318 66.74 -32.50 -18.77
CA CYS B 318 65.67 -31.97 -17.94
C CYS B 318 66.22 -31.34 -16.66
N TRP B 319 67.36 -31.82 -16.17
CA TRP B 319 67.95 -31.30 -14.95
C TRP B 319 69.29 -30.66 -15.26
N SER B 320 70.22 -31.36 -15.89
CA SER B 320 71.60 -30.89 -15.96
C SER B 320 72.00 -30.36 -17.33
N ARG B 321 71.11 -30.41 -18.33
CA ARG B 321 71.43 -29.94 -19.68
C ARG B 321 72.64 -30.68 -20.25
N HIS B 322 72.77 -31.95 -19.89
CA HIS B 322 73.88 -32.77 -20.37
C HIS B 322 73.71 -33.18 -21.83
N HIS B 323 72.56 -32.88 -22.45
CA HIS B 323 72.32 -33.29 -23.82
C HIS B 323 73.05 -32.44 -24.85
N ASP B 324 74.00 -31.60 -24.43
CA ASP B 324 74.83 -30.87 -25.40
C ASP B 324 75.93 -31.78 -25.94
N LYS B 325 76.65 -32.46 -25.04
CA LYS B 325 77.58 -33.50 -25.48
C LYS B 325 76.83 -34.60 -26.22
N ALA B 326 75.58 -34.85 -25.84
CA ALA B 326 74.78 -35.83 -26.56
C ALA B 326 74.31 -35.30 -27.90
N ILE B 327 74.17 -33.98 -28.05
CA ILE B 327 73.89 -33.41 -29.36
C ILE B 327 75.11 -33.57 -30.26
N SER B 328 76.30 -33.40 -29.68
CA SER B 328 77.53 -33.70 -30.42
C SER B 328 77.58 -35.17 -30.81
N ALA B 329 77.17 -36.06 -29.90
CA ALA B 329 77.14 -37.48 -30.21
C ALA B 329 76.11 -37.79 -31.29
N VAL B 330 75.00 -37.05 -31.30
CA VAL B 330 73.98 -37.24 -32.34
C VAL B 330 74.53 -36.77 -33.69
N GLU B 331 75.30 -35.69 -33.70
CA GLU B 331 75.97 -35.28 -34.92
C GLU B 331 76.97 -36.34 -35.37
N LYS B 332 77.68 -36.95 -34.43
CA LYS B 332 78.59 -38.04 -34.76
C LYS B 332 77.84 -39.23 -35.36
N ALA B 333 76.66 -39.53 -34.81
CA ALA B 333 75.84 -40.61 -35.35
C ALA B 333 75.36 -40.27 -36.76
N HIS B 334 74.94 -39.03 -36.99
CA HIS B 334 74.55 -38.59 -38.32
C HIS B 334 75.72 -38.66 -39.29
N SER B 335 76.94 -38.49 -38.79
CA SER B 335 78.11 -38.76 -39.61
C SER B 335 78.24 -40.25 -39.91
N TYR B 336 78.09 -41.09 -38.88
CA TYR B 336 78.14 -42.53 -39.08
C TYR B 336 76.97 -43.01 -39.92
N LEU B 337 75.77 -42.50 -39.63
CA LEU B 337 74.57 -42.80 -40.40
C LEU B 337 74.20 -41.54 -41.17
N ARG B 338 74.64 -41.48 -42.43
CA ARG B 338 74.53 -40.26 -43.22
C ARG B 338 73.09 -39.79 -43.36
N ASN B 339 72.18 -40.71 -43.65
CA ASN B 339 70.77 -40.39 -43.81
C ASN B 339 69.95 -41.21 -42.81
N THR B 340 69.22 -40.53 -41.94
CA THR B 340 68.36 -41.21 -40.96
C THR B 340 67.30 -40.20 -40.52
N ASN B 341 66.04 -40.47 -40.89
CA ASN B 341 64.96 -39.58 -40.47
C ASN B 341 64.83 -39.53 -38.96
N LEU B 342 65.06 -40.66 -38.30
CA LEU B 342 65.02 -40.69 -36.83
C LEU B 342 66.08 -39.77 -36.25
N ALA B 343 67.27 -39.78 -36.84
CA ALA B 343 68.37 -38.92 -36.41
C ALA B 343 68.01 -37.44 -36.59
N PRO B 344 67.48 -37.06 -37.77
CA PRO B 344 67.06 -35.66 -37.94
C PRO B 344 65.97 -35.25 -36.97
N SER B 345 65.01 -36.16 -36.70
CA SER B 345 63.98 -35.88 -35.72
C SER B 345 64.58 -35.71 -34.33
N LEU B 346 65.59 -36.52 -34.00
CA LEU B 346 66.27 -36.37 -32.72
C LEU B 346 67.01 -35.05 -32.62
N GLN B 347 67.61 -34.60 -33.72
CA GLN B 347 68.29 -33.31 -33.72
C GLN B 347 67.31 -32.17 -33.53
N LEU B 348 66.16 -32.24 -34.21
CA LEU B 348 65.12 -31.23 -34.02
C LEU B 348 64.61 -31.26 -32.59
N CYS B 349 64.44 -32.45 -32.02
CA CYS B 349 64.00 -32.58 -30.64
C CYS B 349 65.07 -32.06 -29.67
N GLN B 350 66.34 -32.13 -30.07
CA GLN B 350 67.40 -31.58 -29.23
C GLN B 350 67.36 -30.06 -29.25
N LEU B 351 67.11 -29.47 -30.41
CA LEU B 351 66.88 -28.02 -30.46
C LEU B 351 65.68 -27.63 -29.62
N GLY B 352 64.60 -28.41 -29.71
CA GLY B 352 63.43 -28.15 -28.88
C GLY B 352 63.72 -28.32 -27.40
N VAL B 353 64.60 -29.26 -27.06
CA VAL B 353 64.99 -29.46 -25.66
C VAL B 353 65.81 -28.28 -25.16
N LYS B 354 66.66 -27.73 -26.01
CA LYS B 354 67.36 -26.49 -25.66
C LYS B 354 66.36 -25.35 -25.43
N LEU B 355 65.36 -25.25 -26.29
CA LEU B 355 64.32 -24.25 -26.09
C LEU B 355 63.55 -24.47 -24.78
N LEU B 356 63.26 -25.73 -24.45
CA LEU B 356 62.54 -26.04 -23.22
C LEU B 356 63.41 -25.76 -22.00
N GLN B 357 64.73 -25.96 -22.13
CA GLN B 357 65.64 -25.53 -21.09
C GLN B 357 65.58 -24.01 -20.92
N VAL B 358 65.49 -23.29 -22.03
CA VAL B 358 65.16 -21.87 -21.96
C VAL B 358 63.74 -21.68 -21.42
N GLY B 359 62.89 -22.67 -21.63
CA GLY B 359 61.51 -22.63 -21.13
C GLY B 359 60.55 -21.82 -21.96
N GLU B 360 60.73 -20.51 -22.01
CA GLU B 360 59.91 -19.63 -22.82
C GLU B 360 60.81 -18.65 -23.54
N GLU B 361 60.53 -18.43 -24.82
CA GLU B 361 61.35 -17.55 -25.64
C GLU B 361 60.54 -16.98 -26.79
N GLY B 362 61.21 -16.38 -27.76
CA GLY B 362 60.55 -15.86 -28.94
C GLY B 362 59.81 -16.94 -29.69
N PRO B 363 58.59 -16.63 -30.15
CA PRO B 363 57.83 -17.65 -30.89
C PRO B 363 58.50 -18.10 -32.17
N GLN B 364 59.43 -17.30 -32.69
CA GLN B 364 60.12 -17.66 -33.93
C GLN B 364 60.92 -18.95 -33.78
N ALA B 365 61.62 -19.10 -32.65
CA ALA B 365 62.43 -20.30 -32.44
C ALA B 365 61.56 -21.54 -32.35
N VAL B 366 60.47 -21.46 -31.60
CA VAL B 366 59.56 -22.60 -31.48
C VAL B 366 58.93 -22.92 -32.83
N ALA B 367 58.57 -21.88 -33.58
CA ALA B 367 57.98 -22.07 -34.90
C ALA B 367 58.97 -22.76 -35.84
N LYS B 368 60.24 -22.33 -35.81
CA LYS B 368 61.25 -22.95 -36.66
C LYS B 368 61.49 -24.40 -36.29
N LEU B 369 61.57 -24.68 -34.98
CA LEU B 369 61.77 -26.05 -34.54
C LEU B 369 60.60 -26.94 -34.96
N LEU B 370 59.38 -26.43 -34.81
CA LEU B 370 58.20 -27.20 -35.18
C LEU B 370 58.10 -27.37 -36.69
N ILE B 371 58.54 -26.38 -37.45
CA ILE B 371 58.53 -26.50 -38.91
C ILE B 371 59.52 -27.57 -39.36
N LYS B 372 60.71 -27.57 -38.76
CA LYS B 372 61.69 -28.61 -39.06
C LYS B 372 61.15 -29.98 -38.69
N ALA B 373 60.49 -30.08 -37.52
CA ALA B 373 59.91 -31.35 -37.10
C ALA B 373 58.82 -31.80 -38.07
N SER B 374 57.97 -30.88 -38.52
CA SER B 374 56.90 -31.22 -39.45
C SER B 374 57.46 -31.69 -40.78
N ALA B 375 58.50 -31.01 -41.28
CA ALA B 375 59.13 -31.42 -42.52
C ALA B 375 59.74 -32.82 -42.39
N VAL B 376 60.43 -33.08 -41.27
CA VAL B 376 61.04 -34.39 -41.06
C VAL B 376 59.97 -35.46 -40.96
N LEU B 377 58.88 -35.17 -40.25
CA LEU B 377 57.80 -36.13 -40.10
C LEU B 377 57.13 -36.43 -41.42
N SER B 378 56.90 -35.41 -42.25
CA SER B 378 56.31 -35.61 -43.56
C SER B 378 57.22 -36.46 -44.44
N LYS B 379 58.52 -36.17 -44.40
CA LYS B 379 59.47 -36.94 -45.19
C LYS B 379 59.50 -38.40 -44.74
N SER B 380 59.46 -38.64 -43.43
CA SER B 380 59.53 -40.00 -42.91
C SER B 380 58.25 -40.78 -43.23
N MET B 381 57.09 -40.14 -42.99
CA MET B 381 55.82 -40.82 -43.23
C MET B 381 55.60 -41.09 -44.72
N GLU B 382 55.98 -40.14 -45.58
CA GLU B 382 55.82 -40.35 -47.02
C GLU B 382 56.65 -41.52 -47.49
N ALA B 383 57.89 -41.64 -47.01
CA ALA B 383 58.72 -42.78 -47.34
C ALA B 383 58.18 -44.04 -46.66
N PRO B 384 58.46 -45.20 -47.23
CA PRO B 384 57.97 -46.45 -46.63
C PRO B 384 58.81 -46.90 -45.45
N SER B 385 58.91 -46.05 -44.43
CA SER B 385 59.70 -46.33 -43.24
C SER B 385 58.87 -46.05 -42.00
N PRO B 386 57.93 -46.92 -41.64
CA PRO B 386 57.13 -46.71 -40.43
C PRO B 386 57.84 -47.28 -39.21
N PRO B 387 59.10 -46.93 -39.01
CA PRO B 387 59.85 -47.47 -37.87
C PRO B 387 59.31 -46.95 -36.54
N LEU B 388 59.44 -47.76 -35.49
CA LEU B 388 59.04 -47.33 -34.16
C LEU B 388 59.98 -46.27 -33.62
N ARG B 389 61.18 -46.14 -34.19
CA ARG B 389 62.10 -45.09 -33.77
C ARG B 389 61.55 -43.71 -34.11
N ALA B 390 60.85 -43.58 -35.23
CA ALA B 390 60.18 -42.31 -35.54
C ALA B 390 59.13 -41.99 -34.49
N LEU B 391 58.38 -43.01 -34.04
CA LEU B 391 57.40 -42.81 -32.98
C LEU B 391 58.08 -42.39 -31.69
N TYR B 392 59.24 -42.98 -31.38
CA TYR B 392 59.97 -42.59 -30.18
C TYR B 392 60.44 -41.14 -30.27
N GLU B 393 60.95 -40.74 -31.42
CA GLU B 393 61.38 -39.35 -31.60
C GLU B 393 60.21 -38.40 -31.48
N SER B 394 59.06 -38.77 -32.05
CA SER B 394 57.86 -37.94 -31.93
C SER B 394 57.42 -37.84 -30.48
N CYS B 395 57.51 -38.94 -29.73
CA CYS B 395 57.16 -38.90 -28.32
C CYS B 395 58.11 -38.00 -27.54
N GLN B 396 59.41 -38.05 -27.87
CA GLN B 396 60.37 -37.15 -27.22
C GLN B 396 60.04 -35.70 -27.51
N PHE B 397 59.70 -35.40 -28.77
CA PHE B 397 59.32 -34.04 -29.13
C PHE B 397 58.06 -33.61 -28.40
N PHE B 398 57.09 -34.50 -28.29
CA PHE B 398 55.86 -34.19 -27.58
C PHE B 398 56.10 -33.95 -26.10
N LEU B 399 57.01 -34.73 -25.50
CA LEU B 399 57.37 -34.51 -24.10
C LEU B 399 58.06 -33.16 -23.93
N SER B 400 58.93 -32.80 -24.87
CA SER B 400 59.57 -31.49 -24.82
C SER B 400 58.54 -30.37 -24.93
N GLY B 401 57.56 -30.53 -25.82
CA GLY B 401 56.51 -29.54 -25.93
C GLY B 401 55.64 -29.46 -24.69
N LEU B 402 55.41 -30.60 -24.05
CA LEU B 402 54.66 -30.62 -22.79
C LEU B 402 55.42 -29.85 -21.72
N GLU B 403 56.73 -30.02 -21.66
CA GLU B 403 57.56 -29.17 -20.80
C GLU B 403 57.46 -27.72 -21.22
N ARG B 404 57.48 -27.46 -22.53
CA ARG B 404 57.22 -26.12 -23.04
C ARG B 404 55.77 -25.72 -22.82
N GLY B 405 54.86 -26.68 -22.60
CA GLY B 405 53.48 -26.35 -22.33
C GLY B 405 53.31 -25.66 -20.98
N THR B 406 54.27 -25.84 -20.07
CA THR B 406 54.21 -25.14 -18.79
C THR B 406 54.30 -23.63 -18.99
N LYS B 407 54.94 -23.19 -20.09
CA LYS B 407 54.99 -21.77 -20.40
C LYS B 407 53.60 -21.22 -20.67
N ARG B 408 52.74 -22.02 -21.30
CA ARG B 408 51.36 -21.63 -21.62
C ARG B 408 51.34 -20.36 -22.48
N ARG B 409 52.30 -20.26 -23.39
CA ARG B 409 52.40 -19.12 -24.31
C ARG B 409 52.63 -19.68 -25.71
N TYR B 410 51.68 -19.45 -26.60
CA TYR B 410 51.79 -19.92 -27.98
C TYR B 410 51.00 -18.97 -28.89
N ARG B 411 51.58 -18.65 -30.04
CA ARG B 411 50.92 -17.80 -31.02
C ARG B 411 50.05 -18.65 -31.94
N LEU B 412 49.33 -17.98 -32.84
CA LEU B 412 48.51 -18.68 -33.82
C LEU B 412 49.39 -19.55 -34.71
N ASP B 413 50.54 -19.02 -35.13
CA ASP B 413 51.48 -19.82 -35.92
C ASP B 413 52.02 -20.98 -35.11
N ALA B 414 52.31 -20.77 -33.82
CA ALA B 414 52.76 -21.87 -32.98
C ALA B 414 51.67 -22.94 -32.86
N ILE B 415 50.42 -22.52 -32.72
CA ILE B 415 49.31 -23.46 -32.65
C ILE B 415 49.20 -24.24 -33.95
N LEU B 416 49.35 -23.58 -35.08
CA LEU B 416 49.27 -24.27 -36.38
C LEU B 416 50.42 -25.26 -36.55
N SER B 417 51.62 -24.88 -36.11
CA SER B 417 52.76 -25.78 -36.21
C SER B 417 52.57 -27.00 -35.32
N LEU B 418 52.06 -26.79 -34.10
CA LEU B 418 51.73 -27.92 -33.23
C LEU B 418 50.65 -28.79 -33.86
N PHE B 419 49.69 -28.16 -34.55
CA PHE B 419 48.68 -28.90 -35.28
C PHE B 419 49.29 -29.79 -36.35
N ALA B 420 50.23 -29.26 -37.12
CA ALA B 420 50.88 -30.04 -38.17
C ALA B 420 51.66 -31.20 -37.58
N PHE B 421 52.39 -30.94 -36.50
CA PHE B 421 53.14 -32.00 -35.82
C PHE B 421 52.21 -33.08 -35.30
N LEU B 422 51.08 -32.67 -34.70
CA LEU B 422 50.12 -33.63 -34.19
C LEU B 422 49.47 -34.42 -35.32
N GLY B 423 49.23 -33.79 -36.47
CA GLY B 423 48.69 -34.52 -37.60
C GLY B 423 49.65 -35.58 -38.11
N GLY B 424 50.93 -35.23 -38.21
CA GLY B 424 51.93 -36.21 -38.59
C GLY B 424 52.01 -37.36 -37.59
N TYR B 425 51.98 -37.03 -36.29
CA TYR B 425 52.02 -38.06 -35.26
C TYR B 425 50.79 -38.94 -35.33
N CYS B 426 49.62 -38.35 -35.62
CA CYS B 426 48.39 -39.13 -35.74
C CYS B 426 48.46 -40.07 -36.93
N SER B 427 49.02 -39.60 -38.04
CA SER B 427 49.19 -40.46 -39.20
C SER B 427 50.11 -41.63 -38.86
N LEU B 428 51.22 -41.36 -38.16
CA LEU B 428 52.12 -42.43 -37.75
C LEU B 428 51.44 -43.40 -36.81
N LEU B 429 50.64 -42.90 -35.87
CA LEU B 429 49.94 -43.77 -34.93
C LEU B 429 48.90 -44.62 -35.63
N GLN B 430 48.20 -44.05 -36.61
CA GLN B 430 47.24 -44.84 -37.38
C GLN B 430 47.94 -45.93 -38.18
N GLN B 431 49.10 -45.61 -38.76
CA GLN B 431 49.87 -46.62 -39.47
C GLN B 431 50.32 -47.74 -38.52
N LEU B 432 50.75 -47.37 -37.31
CA LEU B 432 51.16 -48.37 -36.33
C LEU B 432 49.99 -49.24 -35.90
N ARG B 433 48.82 -48.63 -35.70
CA ARG B 433 47.64 -49.40 -35.32
C ARG B 433 47.20 -50.32 -36.46
N ASP B 434 47.42 -49.91 -37.71
CA ASP B 434 47.12 -50.76 -38.84
C ASP B 434 47.97 -52.03 -38.82
N ASP B 435 49.21 -51.90 -38.34
CA ASP B 435 50.10 -53.05 -38.21
C ASP B 435 49.53 -54.08 -37.26
N GLY B 436 49.76 -55.36 -37.57
CA GLY B 436 49.19 -56.43 -36.76
C GLY B 436 49.78 -56.50 -35.36
N VAL B 437 50.91 -55.84 -35.13
CA VAL B 437 51.53 -55.87 -33.81
C VAL B 437 50.63 -55.20 -32.77
N TYR B 438 50.02 -54.07 -33.14
CA TYR B 438 49.14 -53.37 -32.22
C TYR B 438 47.93 -54.21 -31.84
N GLY B 439 47.34 -54.91 -32.82
CA GLY B 439 46.18 -55.73 -32.53
C GLY B 439 46.53 -57.03 -31.83
N GLY B 440 47.75 -57.52 -32.02
CA GLY B 440 48.14 -58.77 -31.40
C GLY B 440 48.19 -58.70 -29.90
N SER B 441 48.74 -57.61 -29.37
CA SER B 441 48.82 -57.36 -27.94
C SER B 441 47.82 -56.27 -27.59
N SER B 442 46.84 -56.61 -26.74
CA SER B 442 45.84 -55.63 -26.32
C SER B 442 46.49 -54.46 -25.59
N LYS B 443 47.54 -54.75 -24.82
CA LYS B 443 48.27 -53.69 -24.13
C LYS B 443 48.90 -52.72 -25.12
N GLN B 444 49.44 -53.23 -26.23
CA GLN B 444 50.06 -52.37 -27.23
C GLN B 444 49.04 -51.40 -27.83
N GLN B 445 47.86 -51.92 -28.21
CA GLN B 445 46.82 -51.08 -28.77
C GLN B 445 46.32 -50.07 -27.73
N GLN B 446 46.19 -50.51 -26.47
CA GLN B 446 45.77 -49.61 -25.41
C GLN B 446 46.76 -48.47 -25.24
N SER B 447 48.06 -48.78 -25.24
CA SER B 447 49.07 -47.74 -25.08
C SER B 447 49.12 -46.82 -26.28
N PHE B 448 48.92 -47.40 -27.47
CA PHE B 448 48.90 -46.58 -28.71
C PHE B 448 47.77 -45.58 -28.59
N LEU B 449 46.58 -46.08 -28.21
CA LEU B 449 45.41 -45.18 -28.03
C LEU B 449 45.76 -44.15 -26.94
N GLN B 450 46.34 -44.60 -25.82
CA GLN B 450 46.64 -43.66 -24.72
C GLN B 450 47.51 -42.51 -25.27
N MET B 451 48.57 -42.84 -26.01
CA MET B 451 49.47 -41.81 -26.56
C MET B 451 48.69 -40.92 -27.54
N TYR B 452 47.88 -41.55 -28.40
CA TYR B 452 47.11 -40.78 -29.42
C TYR B 452 46.27 -39.73 -28.70
N PHE B 453 45.52 -40.15 -27.67
CA PHE B 453 44.59 -39.20 -27.01
C PHE B 453 45.40 -38.22 -26.16
N GLN B 454 46.55 -38.65 -25.65
CA GLN B 454 47.42 -37.72 -24.89
C GLN B 454 47.82 -36.57 -25.81
N GLY B 455 48.13 -36.88 -27.07
CA GLY B 455 48.56 -35.84 -28.02
C GLY B 455 47.47 -34.79 -28.23
N LEU B 456 46.25 -35.25 -28.54
CA LEU B 456 45.12 -34.31 -28.78
C LEU B 456 44.73 -33.65 -27.44
N HIS B 457 44.99 -34.32 -26.32
CA HIS B 457 44.73 -33.71 -24.99
C HIS B 457 45.64 -32.49 -24.84
N LEU B 458 46.90 -32.63 -25.24
CA LEU B 458 47.83 -31.47 -25.19
C LEU B 458 47.29 -30.39 -26.13
N TYR B 459 46.84 -30.78 -27.32
CA TYR B 459 46.24 -29.81 -28.26
C TYR B 459 45.11 -29.10 -27.54
N THR B 460 44.26 -29.87 -26.86
CA THR B 460 43.14 -29.29 -26.09
C THR B 460 43.69 -28.26 -25.13
N VAL B 461 44.64 -28.67 -24.29
CA VAL B 461 45.17 -27.74 -23.29
C VAL B 461 45.70 -26.48 -23.97
N VAL B 462 46.39 -26.67 -25.09
CA VAL B 462 46.97 -25.51 -25.84
C VAL B 462 45.80 -24.63 -26.34
N VAL B 463 44.87 -25.23 -27.09
CA VAL B 463 43.73 -24.44 -27.67
C VAL B 463 42.94 -23.79 -26.53
N TYR B 464 42.69 -24.54 -25.45
CA TYR B 464 41.88 -23.99 -24.32
C TYR B 464 42.59 -22.78 -23.74
N ASP B 465 43.89 -22.91 -23.43
CA ASP B 465 44.67 -21.78 -22.86
C ASP B 465 44.74 -20.64 -23.88
N PHE B 466 44.91 -20.97 -25.16
CA PHE B 466 45.00 -19.94 -26.23
C PHE B 466 43.71 -19.12 -26.22
N ALA B 467 42.58 -19.80 -26.07
CA ALA B 467 41.26 -19.10 -26.05
C ALA B 467 41.21 -18.13 -24.87
N GLN B 468 41.56 -18.62 -23.67
CA GLN B 468 41.54 -17.74 -22.47
C GLN B 468 42.46 -16.53 -22.72
N GLY B 469 43.74 -16.78 -22.99
CA GLY B 469 44.68 -15.71 -23.28
C GLY B 469 44.41 -15.04 -24.61
N CYS B 470 43.21 -14.47 -24.76
CA CYS B 470 42.84 -13.77 -25.98
C CYS B 470 41.89 -12.64 -25.63
N GLN B 471 42.12 -11.47 -26.22
CA GLN B 471 41.27 -10.32 -26.02
C GLN B 471 40.23 -10.23 -27.14
N ILE B 472 39.43 -9.17 -27.11
CA ILE B 472 38.42 -8.98 -28.14
C ILE B 472 39.07 -8.70 -29.49
N VAL B 473 40.34 -8.27 -29.47
CA VAL B 473 41.05 -8.00 -30.72
C VAL B 473 41.23 -9.27 -31.52
N ASP B 474 41.51 -10.38 -30.81
CA ASP B 474 41.66 -11.71 -31.47
C ASP B 474 40.41 -11.97 -32.32
N LEU B 475 40.55 -11.96 -33.65
CA LEU B 475 39.38 -12.16 -34.54
C LEU B 475 39.52 -13.49 -35.29
N ALA B 476 40.31 -13.51 -36.37
CA ALA B 476 40.44 -14.73 -37.20
C ALA B 476 41.18 -15.84 -36.45
N ASP B 477 41.86 -15.50 -35.35
CA ASP B 477 42.67 -16.51 -34.60
C ASP B 477 41.82 -17.76 -34.37
N LEU B 478 40.85 -17.67 -33.48
CA LEU B 478 39.97 -18.84 -33.18
C LEU B 478 39.13 -19.15 -34.42
N THR B 479 38.82 -18.14 -35.23
CA THR B 479 37.96 -18.33 -36.42
C THR B 479 38.54 -19.41 -37.29
N GLN B 480 39.87 -19.58 -37.29
CA GLN B 480 40.52 -20.62 -38.12
C GLN B 480 40.84 -21.83 -37.24
N LEU B 481 41.37 -21.58 -36.04
CA LEU B 481 41.68 -22.67 -35.09
C LEU B 481 40.46 -23.60 -35.01
N VAL B 482 39.28 -23.11 -35.41
CA VAL B 482 38.07 -23.92 -35.26
C VAL B 482 37.99 -25.01 -36.32
N ASP B 483 38.60 -24.79 -37.49
CA ASP B 483 38.62 -25.83 -38.52
C ASP B 483 39.42 -27.04 -38.05
N SER B 484 40.62 -26.80 -37.53
CA SER B 484 41.42 -27.88 -36.96
C SER B 484 40.72 -28.50 -35.76
N CYS B 485 39.95 -27.70 -35.02
CA CYS B 485 39.13 -28.23 -33.93
C CYS B 485 38.11 -29.23 -34.43
N LYS B 486 37.44 -28.89 -35.54
CA LYS B 486 36.48 -29.86 -36.13
C LYS B 486 37.28 -31.12 -36.50
N SER B 487 38.47 -30.93 -37.09
CA SER B 487 39.29 -32.07 -37.53
C SER B 487 39.58 -33.00 -36.34
N THR B 488 40.03 -32.44 -35.22
CA THR B 488 40.39 -33.27 -34.05
C THR B 488 39.16 -34.02 -33.59
N VAL B 489 38.02 -33.33 -33.48
CA VAL B 489 36.76 -34.01 -33.06
C VAL B 489 36.50 -35.18 -34.01
N VAL B 490 36.60 -34.94 -35.32
CA VAL B 490 36.32 -36.02 -36.32
C VAL B 490 37.27 -37.20 -36.05
N TRP B 491 38.56 -36.92 -35.89
CA TRP B 491 39.56 -38.00 -35.66
C TRP B 491 39.22 -38.75 -34.38
N MET B 492 38.93 -38.02 -33.31
CA MET B 492 38.62 -38.65 -32.00
C MET B 492 37.41 -39.58 -32.18
N LEU B 493 36.36 -39.09 -32.85
CA LEU B 493 35.14 -39.91 -33.06
C LEU B 493 35.51 -41.14 -33.92
N GLU B 494 36.27 -40.92 -34.99
CA GLU B 494 36.69 -42.05 -35.86
C GLU B 494 37.42 -43.09 -35.01
N ALA B 495 38.27 -42.64 -34.09
CA ALA B 495 39.05 -43.57 -33.24
C ALA B 495 38.12 -44.37 -32.33
N LEU B 496 37.02 -43.76 -31.86
CA LEU B 496 36.19 -44.46 -30.90
C LEU B 496 35.64 -45.76 -31.47
N GLU B 497 35.64 -45.91 -32.80
CA GLU B 497 35.17 -47.13 -33.44
C GLU B 497 36.01 -48.32 -33.00
N GLY B 498 35.34 -49.39 -32.60
CA GLY B 498 36.01 -50.62 -32.20
C GLY B 498 36.15 -50.84 -30.71
N LEU B 499 36.43 -49.77 -29.96
CA LEU B 499 36.60 -49.89 -28.52
C LEU B 499 35.31 -50.35 -27.87
N SER B 500 35.43 -51.29 -26.94
CA SER B 500 34.29 -51.86 -26.25
C SER B 500 34.58 -51.99 -24.77
N GLY B 501 33.50 -52.04 -23.98
CA GLY B 501 33.64 -52.23 -22.55
C GLY B 501 34.15 -50.98 -21.82
N GLN B 502 34.96 -51.22 -20.79
CA GLN B 502 35.48 -50.13 -19.98
C GLN B 502 36.30 -49.17 -20.83
N GLU B 503 37.05 -49.69 -21.79
CA GLU B 503 37.82 -48.84 -22.69
C GLU B 503 36.90 -47.90 -23.45
N LEU B 504 35.80 -48.44 -23.98
CA LEU B 504 34.85 -47.61 -24.71
C LEU B 504 34.25 -46.54 -23.83
N THR B 505 33.81 -46.93 -22.62
CA THR B 505 33.22 -45.96 -21.71
C THR B 505 34.20 -44.83 -21.42
N ASP B 506 35.45 -45.18 -21.10
CA ASP B 506 36.45 -44.16 -20.80
C ASP B 506 36.70 -43.26 -22.00
N HIS B 507 36.77 -43.85 -23.20
CA HIS B 507 37.12 -43.06 -24.38
C HIS B 507 36.03 -42.07 -24.75
N MET B 508 34.77 -42.53 -24.80
CA MET B 508 33.69 -41.55 -24.96
C MET B 508 33.72 -40.49 -23.85
N GLY B 509 34.01 -40.90 -22.61
CA GLY B 509 34.06 -39.92 -21.54
C GLY B 509 35.08 -38.82 -21.77
N MET B 510 36.34 -39.23 -22.01
CA MET B 510 37.44 -38.25 -22.20
C MET B 510 37.13 -37.40 -23.44
N THR B 511 36.87 -38.05 -24.56
CA THR B 511 36.60 -37.29 -25.78
C THR B 511 35.51 -36.26 -25.55
N ALA B 512 34.43 -36.63 -24.88
CA ALA B 512 33.39 -35.67 -24.54
C ALA B 512 33.94 -34.57 -23.65
N SER B 513 34.85 -34.92 -22.74
CA SER B 513 35.42 -33.92 -21.85
C SER B 513 36.17 -32.84 -22.62
N TYR B 514 37.10 -33.23 -23.49
CA TYR B 514 37.83 -32.21 -24.22
C TYR B 514 36.94 -31.46 -25.21
N THR B 515 36.02 -32.16 -25.88
CA THR B 515 35.13 -31.45 -26.79
C THR B 515 34.32 -30.40 -26.04
N SER B 516 33.87 -30.74 -24.83
CA SER B 516 33.19 -29.75 -23.98
C SER B 516 34.12 -28.59 -23.64
N ASN B 517 35.39 -28.89 -23.35
CA ASN B 517 36.33 -27.82 -23.01
C ASN B 517 36.51 -26.85 -24.17
N LEU B 518 36.74 -27.37 -25.38
CA LEU B 518 36.88 -26.50 -26.54
C LEU B 518 35.60 -25.75 -26.85
N ALA B 519 34.45 -26.41 -26.69
CA ALA B 519 33.18 -25.73 -26.96
C ALA B 519 32.94 -24.61 -25.94
N TYR B 520 33.27 -24.89 -24.68
CA TYR B 520 33.10 -23.84 -23.63
C TYR B 520 33.79 -22.58 -24.10
N SER B 521 35.09 -22.69 -24.40
CA SER B 521 35.87 -21.52 -24.85
C SER B 521 35.26 -20.95 -26.13
N PHE B 522 34.94 -21.81 -27.09
CA PHE B 522 34.38 -21.33 -28.39
C PHE B 522 33.04 -20.65 -28.13
N TYR B 523 32.20 -21.25 -27.28
CA TYR B 523 30.91 -20.62 -26.92
C TYR B 523 31.20 -19.21 -26.42
N SER B 524 32.19 -19.08 -25.54
CA SER B 524 32.53 -17.76 -24.95
C SER B 524 32.91 -16.78 -26.06
N HIS B 525 33.60 -17.26 -27.11
CA HIS B 525 34.09 -16.34 -28.18
C HIS B 525 32.91 -15.74 -28.94
N LYS B 526 31.69 -16.24 -28.71
CA LYS B 526 30.47 -15.69 -29.37
C LYS B 526 30.46 -16.12 -30.84
N LEU B 527 31.33 -17.05 -31.24
CA LEU B 527 31.26 -17.59 -32.62
C LEU B 527 30.40 -18.85 -32.57
N TYR B 528 29.19 -18.74 -32.03
CA TYR B 528 28.32 -19.94 -31.84
C TYR B 528 28.36 -20.81 -33.09
N ALA B 529 28.35 -20.18 -34.27
CA ALA B 529 28.37 -20.96 -35.54
C ALA B 529 29.57 -21.90 -35.51
N GLU B 530 30.75 -21.37 -35.20
CA GLU B 530 31.97 -22.21 -35.12
C GLU B 530 31.80 -23.23 -34.00
N ALA B 531 31.26 -22.80 -32.85
CA ALA B 531 31.07 -23.70 -31.69
C ALA B 531 30.10 -24.84 -32.04
N CYS B 532 29.14 -24.58 -32.92
CA CYS B 532 28.22 -25.67 -33.35
C CYS B 532 28.99 -26.61 -34.29
N ALA B 533 29.52 -26.07 -35.39
CA ALA B 533 30.24 -26.88 -36.35
C ALA B 533 31.11 -27.93 -35.68
N ILE B 534 31.85 -27.54 -34.64
CA ILE B 534 32.71 -28.52 -33.97
C ILE B 534 31.86 -29.56 -33.25
N SER B 535 30.79 -29.13 -32.58
CA SER B 535 30.09 -29.98 -31.64
C SER B 535 29.00 -30.85 -32.28
N GLU B 536 28.67 -30.64 -33.56
CA GLU B 536 27.63 -31.45 -34.18
C GLU B 536 27.94 -32.95 -34.20
N PRO B 537 29.02 -33.43 -34.83
CA PRO B 537 29.14 -34.89 -35.05
C PRO B 537 29.22 -35.69 -33.77
N LEU B 538 29.83 -35.15 -32.72
CA LEU B 538 29.94 -35.91 -31.47
C LEU B 538 28.57 -36.26 -30.93
N CYS B 539 27.68 -35.27 -30.82
CA CYS B 539 26.34 -35.53 -30.30
C CYS B 539 25.53 -36.36 -31.27
N GLN B 540 25.73 -36.15 -32.59
CA GLN B 540 25.04 -37.00 -33.55
C GLN B 540 25.36 -38.47 -33.31
N HIS B 541 26.65 -38.78 -33.13
CA HIS B 541 27.05 -40.15 -32.80
C HIS B 541 26.49 -40.59 -31.45
N LEU B 542 26.58 -39.70 -30.44
CA LEU B 542 26.14 -40.06 -29.10
C LEU B 542 24.66 -40.40 -29.04
N GLY B 543 23.87 -39.81 -29.95
CA GLY B 543 22.45 -40.03 -29.92
C GLY B 543 21.93 -41.08 -30.88
N LEU B 544 22.32 -41.02 -32.16
CA LEU B 544 21.75 -41.94 -33.13
C LEU B 544 22.21 -43.37 -32.92
N VAL B 545 23.18 -43.61 -32.03
CA VAL B 545 23.54 -44.98 -31.69
C VAL B 545 22.34 -45.66 -31.07
N LYS B 546 22.35 -47.00 -31.09
CA LYS B 546 21.26 -47.77 -30.50
C LYS B 546 21.21 -47.48 -29.00
N PRO B 547 20.01 -47.29 -28.43
CA PRO B 547 19.92 -47.02 -26.99
C PRO B 547 20.56 -48.12 -26.15
N GLY B 548 21.62 -47.78 -25.43
CA GLY B 548 22.34 -48.72 -24.59
C GLY B 548 23.75 -49.02 -25.06
N THR B 549 24.16 -48.54 -26.24
CA THR B 549 25.52 -48.77 -26.69
C THR B 549 26.51 -48.07 -25.78
N TYR B 550 26.16 -46.88 -25.28
CA TYR B 550 27.00 -46.14 -24.35
C TYR B 550 26.36 -46.19 -22.97
N PRO B 551 26.66 -47.21 -22.18
CA PRO B 551 25.91 -47.43 -20.93
C PRO B 551 26.36 -46.55 -19.76
N GLU B 552 27.66 -46.26 -19.67
CA GLU B 552 28.21 -45.62 -18.49
C GLU B 552 28.74 -44.22 -18.73
N VAL B 553 28.67 -43.70 -19.95
CA VAL B 553 29.13 -42.34 -20.22
C VAL B 553 28.29 -41.40 -19.36
N PRO B 554 28.92 -40.58 -18.52
CA PRO B 554 28.18 -39.83 -17.50
C PRO B 554 27.13 -38.92 -18.12
N PRO B 555 25.94 -38.84 -17.50
CA PRO B 555 24.89 -37.96 -18.04
C PRO B 555 25.28 -36.50 -18.11
N GLU B 556 26.02 -35.98 -17.13
CA GLU B 556 26.37 -34.55 -17.15
C GLU B 556 27.44 -34.27 -18.19
N LYS B 557 28.31 -35.24 -18.46
CA LYS B 557 29.34 -35.06 -19.46
C LYS B 557 28.73 -34.90 -20.85
N LEU B 558 27.72 -35.71 -21.18
CA LEU B 558 26.96 -35.49 -22.40
C LEU B 558 26.14 -34.22 -22.30
N HIS B 559 25.61 -33.92 -21.11
CA HIS B 559 24.80 -32.73 -20.89
C HIS B 559 25.54 -31.47 -21.31
N ARG B 560 26.85 -31.45 -21.08
CA ARG B 560 27.64 -30.23 -21.42
C ARG B 560 27.67 -30.02 -22.94
N CYS B 561 28.09 -31.03 -23.71
CA CYS B 561 28.24 -30.85 -25.17
C CYS B 561 26.88 -30.44 -25.79
N PHE B 562 25.83 -31.19 -25.48
CA PHE B 562 24.47 -30.86 -25.99
C PHE B 562 24.08 -29.46 -25.53
N ARG B 563 24.34 -29.14 -24.27
CA ARG B 563 23.98 -27.80 -23.74
C ARG B 563 24.61 -26.72 -24.61
N LEU B 564 25.90 -26.85 -24.91
CA LEU B 564 26.60 -25.82 -25.73
C LEU B 564 25.90 -25.70 -27.09
N GLN B 565 25.65 -26.83 -27.77
CA GLN B 565 25.05 -26.76 -29.13
C GLN B 565 23.67 -26.11 -29.03
N VAL B 566 22.80 -26.62 -28.16
CA VAL B 566 21.41 -26.07 -28.10
C VAL B 566 21.53 -24.57 -27.85
N GLU B 567 22.41 -24.18 -26.92
CA GLU B 567 22.56 -22.74 -26.60
C GLU B 567 22.95 -22.00 -27.89
N SER B 568 23.95 -22.53 -28.60
CA SER B 568 24.37 -21.89 -29.85
C SER B 568 23.26 -21.92 -30.89
N LEU B 569 22.60 -23.06 -31.02
CA LEU B 569 21.49 -23.22 -31.96
C LEU B 569 20.36 -22.25 -31.63
N LYS B 570 20.07 -22.07 -30.36
CA LYS B 570 19.01 -21.14 -29.94
C LYS B 570 19.39 -19.70 -30.26
N LYS B 571 20.59 -19.29 -29.86
CA LYS B 571 20.95 -17.88 -29.98
C LYS B 571 21.13 -17.48 -31.44
N LEU B 572 21.65 -18.40 -32.26
CA LEU B 572 21.86 -18.08 -33.67
C LEU B 572 20.58 -17.77 -34.41
N GLY B 573 19.42 -17.93 -33.77
CA GLY B 573 18.16 -17.53 -34.36
C GLY B 573 17.48 -18.58 -35.20
N LYS B 574 18.01 -19.80 -35.26
CA LYS B 574 17.31 -20.87 -35.94
C LYS B 574 16.82 -21.84 -34.87
N GLN B 575 15.50 -21.92 -34.68
CA GLN B 575 14.96 -22.72 -33.59
C GLN B 575 14.76 -24.18 -33.98
N ALA B 576 14.54 -24.46 -35.27
CA ALA B 576 14.01 -25.78 -35.65
C ALA B 576 15.00 -26.89 -35.31
N GLN B 577 16.25 -26.79 -35.78
CA GLN B 577 17.17 -27.88 -35.51
C GLN B 577 17.70 -27.76 -34.08
N GLY B 578 17.45 -26.64 -33.43
CA GLY B 578 17.64 -26.58 -31.98
C GLY B 578 16.69 -27.52 -31.25
N CYS B 579 15.41 -27.50 -31.63
CA CYS B 579 14.45 -28.44 -31.06
C CYS B 579 14.80 -29.88 -31.45
N LYS B 580 15.25 -30.08 -32.69
CA LYS B 580 15.67 -31.42 -33.08
C LYS B 580 16.91 -31.87 -32.31
N MET B 581 17.80 -30.94 -31.96
CA MET B 581 18.94 -31.24 -31.12
C MET B 581 18.50 -31.61 -29.72
N VAL B 582 17.44 -30.95 -29.22
CA VAL B 582 16.88 -31.35 -27.94
C VAL B 582 16.32 -32.77 -28.01
N ILE B 583 15.66 -33.10 -29.13
CA ILE B 583 15.17 -34.46 -29.32
C ILE B 583 16.32 -35.45 -29.32
N LEU B 584 17.41 -35.12 -30.01
CA LEU B 584 18.56 -36.01 -30.07
C LEU B 584 19.23 -36.11 -28.69
N TRP B 585 19.24 -35.00 -27.95
CA TRP B 585 19.73 -34.97 -26.58
C TRP B 585 18.95 -35.92 -25.69
N LEU B 586 17.63 -35.89 -25.81
CA LEU B 586 16.78 -36.81 -25.05
C LEU B 586 17.01 -38.25 -25.50
N ALA B 587 17.21 -38.47 -26.79
CA ALA B 587 17.47 -39.82 -27.30
C ALA B 587 18.77 -40.38 -26.74
N ALA B 588 19.80 -39.55 -26.65
CA ALA B 588 21.08 -40.02 -26.14
C ALA B 588 20.96 -40.48 -24.70
N LEU B 589 20.22 -39.74 -23.88
CA LEU B 589 20.02 -40.08 -22.48
C LEU B 589 18.79 -40.94 -22.24
N GLN B 590 18.14 -41.42 -23.30
CA GLN B 590 16.89 -42.17 -23.16
C GLN B 590 16.99 -43.33 -22.18
N PRO B 591 18.05 -44.17 -22.18
CA PRO B 591 18.13 -45.20 -21.14
C PRO B 591 18.73 -44.68 -19.84
N CYS B 592 17.99 -43.82 -19.14
CA CYS B 592 18.46 -43.28 -17.87
C CYS B 592 17.34 -42.63 -17.08
N SER B 593 17.67 -42.06 -15.92
CA SER B 593 16.69 -41.49 -15.02
C SER B 593 16.16 -40.16 -15.56
N PRO B 594 14.97 -39.73 -15.11
CA PRO B 594 14.36 -38.52 -15.68
C PRO B 594 14.93 -37.22 -15.15
N GLU B 595 15.61 -37.25 -14.01
CA GLU B 595 16.10 -36.02 -13.42
C GLU B 595 17.14 -35.35 -14.32
N HIS B 596 17.88 -36.18 -15.05
CA HIS B 596 18.84 -35.63 -16.04
C HIS B 596 18.03 -35.04 -17.19
N MET B 597 16.98 -35.77 -17.61
CA MET B 597 16.15 -35.32 -18.77
C MET B 597 15.45 -34.00 -18.42
N ALA B 598 15.41 -33.63 -17.14
CA ALA B 598 14.74 -32.38 -16.71
C ALA B 598 15.33 -31.18 -17.45
N GLU B 599 16.67 -31.10 -17.52
CA GLU B 599 17.32 -29.93 -18.18
C GLU B 599 17.01 -29.92 -19.69
N PRO B 600 17.19 -31.02 -20.44
CA PRO B 600 16.80 -31.04 -21.85
C PRO B 600 15.38 -30.55 -22.04
N VAL B 601 14.48 -30.96 -21.15
CA VAL B 601 13.04 -30.54 -21.26
C VAL B 601 12.96 -29.01 -21.13
N THR B 602 13.69 -28.43 -20.18
CA THR B 602 13.63 -26.96 -19.97
C THR B 602 14.08 -26.29 -21.23
N PHE B 603 15.11 -26.84 -21.89
CA PHE B 603 15.63 -26.24 -23.14
C PHE B 603 14.53 -26.27 -24.21
N TRP B 604 13.85 -27.40 -24.37
CA TRP B 604 12.75 -27.52 -25.37
C TRP B 604 11.78 -26.35 -25.18
N VAL B 605 11.36 -26.11 -23.94
CA VAL B 605 10.36 -25.03 -23.67
C VAL B 605 10.94 -23.66 -24.03
N ARG B 606 12.20 -23.41 -23.65
CA ARG B 606 12.83 -22.09 -23.94
C ARG B 606 12.79 -21.85 -25.46
N VAL B 607 13.27 -22.81 -26.26
CA VAL B 607 13.30 -22.66 -27.74
C VAL B 607 11.86 -22.45 -28.23
N LYS B 608 10.93 -23.24 -27.71
CA LYS B 608 9.52 -23.16 -28.18
C LYS B 608 8.90 -21.82 -27.75
N MET B 609 9.16 -21.39 -26.52
CA MET B 609 8.61 -20.10 -26.03
C MET B 609 9.21 -18.97 -26.89
N ASP B 610 10.52 -19.02 -27.12
CA ASP B 610 11.14 -18.01 -27.98
C ASP B 610 10.59 -18.07 -29.40
N ALA B 611 10.32 -19.27 -29.92
CA ALA B 611 9.74 -19.38 -31.26
C ALA B 611 8.35 -18.80 -31.31
N ALA B 612 7.54 -19.04 -30.27
CA ALA B 612 6.22 -18.43 -30.19
C ALA B 612 6.35 -16.91 -30.13
N ARG B 613 7.31 -16.40 -29.37
CA ARG B 613 7.52 -14.95 -29.30
C ARG B 613 7.95 -14.38 -30.63
N ALA B 614 8.77 -15.09 -31.39
CA ALA B 614 9.30 -14.62 -32.67
C ALA B 614 8.28 -14.71 -33.79
N GLY B 615 7.01 -14.94 -33.50
CA GLY B 615 5.96 -14.97 -34.49
C GLY B 615 5.71 -16.33 -35.09
N ASP B 616 6.61 -17.28 -34.89
CA ASP B 616 6.42 -18.62 -35.44
C ASP B 616 5.26 -19.31 -34.74
N LYS B 617 4.33 -19.85 -35.54
CA LYS B 617 3.22 -20.63 -35.02
C LYS B 617 3.29 -22.10 -35.40
N GLU B 618 3.91 -22.43 -36.53
CA GLU B 618 4.10 -23.83 -36.90
C GLU B 618 4.96 -24.55 -35.87
N LEU B 619 6.06 -23.93 -35.46
CA LEU B 619 6.91 -24.54 -34.44
C LEU B 619 6.22 -24.55 -33.09
N GLN B 620 5.33 -23.59 -32.86
CA GLN B 620 4.57 -23.56 -31.60
C GLN B 620 3.70 -24.81 -31.46
N LEU B 621 3.20 -25.33 -32.58
CA LEU B 621 2.23 -26.42 -32.52
C LEU B 621 2.90 -27.74 -32.12
N LYS B 622 4.04 -28.06 -32.71
CA LYS B 622 4.66 -29.37 -32.51
C LYS B 622 5.00 -29.61 -31.04
N THR B 623 4.65 -30.79 -30.55
CA THR B 623 4.96 -31.23 -29.20
C THR B 623 5.90 -32.43 -29.27
N LEU B 624 6.24 -32.97 -28.10
CA LEU B 624 7.14 -34.11 -28.05
C LEU B 624 6.49 -35.40 -28.54
N ARG B 625 5.16 -35.47 -28.51
CA ARG B 625 4.45 -36.67 -29.00
C ARG B 625 4.61 -36.74 -30.53
N ASP B 626 4.58 -35.59 -31.20
CA ASP B 626 4.75 -35.52 -32.64
C ASP B 626 6.18 -35.81 -33.08
N SER B 627 7.13 -35.90 -32.16
CA SER B 627 8.52 -36.10 -32.52
C SER B 627 9.16 -37.31 -31.86
N LEU B 628 8.72 -37.68 -30.66
CA LEU B 628 9.30 -38.81 -29.93
C LEU B 628 8.47 -40.07 -30.06
N SER B 629 7.86 -40.30 -31.22
CA SER B 629 7.07 -41.51 -31.43
C SER B 629 7.96 -42.74 -31.28
N GLY B 630 7.47 -43.73 -30.54
CA GLY B 630 8.24 -44.97 -30.35
C GLY B 630 8.62 -45.18 -28.90
N TRP B 631 8.78 -44.09 -28.15
CA TRP B 631 9.18 -44.20 -26.74
C TRP B 631 8.09 -44.88 -25.93
N ASP B 632 8.46 -45.67 -24.92
CA ASP B 632 7.45 -46.31 -24.04
C ASP B 632 6.52 -45.22 -23.52
N PRO B 633 5.18 -45.35 -23.64
CA PRO B 633 4.27 -44.36 -23.08
C PRO B 633 4.72 -43.81 -21.73
N GLU B 634 5.18 -44.67 -20.83
CA GLU B 634 5.60 -44.23 -19.47
C GLU B 634 6.60 -43.08 -19.60
N THR B 635 7.72 -43.34 -20.26
CA THR B 635 8.76 -42.33 -20.47
C THR B 635 8.20 -41.11 -21.17
N LEU B 636 7.36 -41.32 -22.19
CA LEU B 636 6.75 -40.19 -22.89
C LEU B 636 5.87 -39.37 -21.96
N ALA B 637 5.10 -40.04 -21.09
CA ALA B 637 4.24 -39.33 -20.16
C ALA B 637 5.05 -38.55 -19.13
N LEU B 638 6.16 -39.12 -18.65
CA LEU B 638 7.01 -38.37 -17.72
C LEU B 638 7.63 -37.16 -18.40
N LEU B 639 8.05 -37.31 -19.66
CA LEU B 639 8.55 -36.15 -20.39
C LEU B 639 7.47 -35.09 -20.56
N LEU B 640 6.24 -35.52 -20.82
CA LEU B 640 5.15 -34.55 -20.97
C LEU B 640 4.83 -33.84 -19.66
N ARG B 641 4.91 -34.58 -18.54
CA ARG B 641 4.75 -33.94 -17.23
C ARG B 641 5.83 -32.89 -16.99
N GLU B 642 7.05 -33.19 -17.46
CA GLU B 642 8.17 -32.23 -17.26
C GLU B 642 7.96 -31.00 -18.17
N GLU B 643 7.45 -31.20 -19.39
CA GLU B 643 7.18 -30.06 -20.31
C GLU B 643 6.10 -29.16 -19.68
N LEU B 644 5.06 -29.77 -19.11
CA LEU B 644 3.99 -29.00 -18.45
C LEU B 644 4.59 -28.17 -17.31
N GLN B 645 5.45 -28.78 -16.51
CA GLN B 645 6.05 -28.06 -15.35
C GLN B 645 6.97 -26.93 -15.86
N ALA B 646 7.72 -27.18 -16.92
CA ALA B 646 8.62 -26.13 -17.48
C ALA B 646 7.76 -25.01 -18.06
N TYR B 647 6.60 -25.38 -18.62
CA TYR B 647 5.68 -24.37 -19.14
C TYR B 647 5.05 -23.56 -18.02
N LYS B 648 4.75 -24.20 -16.89
CA LYS B 648 4.25 -23.45 -15.73
C LYS B 648 5.30 -22.47 -15.22
N ALA B 649 6.58 -22.82 -15.33
CA ALA B 649 7.63 -21.93 -14.86
C ALA B 649 7.64 -20.61 -15.61
N VAL B 650 7.15 -20.61 -16.86
CA VAL B 650 7.24 -19.42 -17.71
C VAL B 650 6.39 -18.29 -17.15
N ARG B 651 6.93 -17.07 -17.22
CA ARG B 651 6.19 -15.88 -16.74
C ARG B 651 5.54 -15.20 -17.95
N ALA B 652 4.60 -15.89 -18.61
CA ALA B 652 3.92 -15.38 -19.79
C ALA B 652 2.55 -16.06 -19.89
N ASP B 653 1.91 -15.90 -21.03
CA ASP B 653 0.62 -16.52 -21.31
C ASP B 653 0.87 -17.84 -22.05
N THR B 654 0.53 -18.96 -21.40
CA THR B 654 0.80 -20.28 -22.01
C THR B 654 -0.43 -21.16 -21.90
N GLY B 655 -1.62 -20.62 -22.17
CA GLY B 655 -2.86 -21.39 -21.98
C GLY B 655 -2.99 -22.55 -22.94
N GLN B 656 -2.95 -22.30 -24.24
CA GLN B 656 -3.16 -23.38 -25.24
C GLN B 656 -1.99 -24.39 -25.18
N GLU B 657 -0.77 -23.90 -24.97
CA GLU B 657 0.41 -24.81 -24.91
C GLU B 657 0.16 -25.87 -23.84
N ARG B 658 -0.25 -25.45 -22.64
CA ARG B 658 -0.59 -26.38 -21.57
C ARG B 658 -1.85 -27.18 -21.91
N PHE B 659 -2.83 -26.55 -22.56
CA PHE B 659 -4.03 -27.28 -22.96
C PHE B 659 -3.70 -28.40 -23.94
N ASN B 660 -2.84 -28.12 -24.92
CA ASN B 660 -2.44 -29.15 -25.87
C ASN B 660 -1.73 -30.29 -25.16
N ILE B 661 -0.83 -29.97 -24.23
CA ILE B 661 -0.12 -31.03 -23.52
C ILE B 661 -1.09 -31.87 -22.70
N ILE B 662 -2.06 -31.22 -22.04
CA ILE B 662 -3.02 -31.97 -21.23
C ILE B 662 -3.89 -32.87 -22.11
N CYS B 663 -4.28 -32.37 -23.28
CA CYS B 663 -5.06 -33.18 -24.21
C CYS B 663 -4.28 -34.41 -24.67
N ASP B 664 -3.02 -34.22 -25.06
CA ASP B 664 -2.20 -35.37 -25.46
C ASP B 664 -1.99 -36.34 -24.31
N LEU B 665 -1.78 -35.81 -23.10
CA LEU B 665 -1.60 -36.68 -21.94
C LEU B 665 -2.85 -37.50 -21.67
N LEU B 666 -4.02 -36.89 -21.81
CA LEU B 666 -5.27 -37.61 -21.55
C LEU B 666 -5.59 -38.63 -22.63
N GLU B 667 -5.27 -38.35 -23.89
CA GLU B 667 -5.40 -39.38 -24.92
C GLU B 667 -4.38 -40.49 -24.72
N LEU B 668 -3.24 -40.19 -24.13
CA LEU B 668 -2.17 -41.18 -24.01
C LEU B 668 -2.44 -42.17 -22.88
N SER B 669 -3.04 -41.71 -21.78
CA SER B 669 -3.20 -42.57 -20.61
C SER B 669 -4.37 -43.53 -20.79
N PRO B 670 -4.16 -44.84 -20.61
CA PRO B 670 -5.28 -45.79 -20.70
C PRO B 670 -6.13 -45.74 -19.45
N GLU B 671 -7.43 -45.49 -19.64
CA GLU B 671 -8.30 -45.21 -18.49
C GLU B 671 -8.63 -46.46 -17.69
N GLU B 672 -8.77 -47.61 -18.35
CA GLU B 672 -9.31 -48.79 -17.68
C GLU B 672 -8.42 -49.27 -16.54
N THR B 673 -7.10 -49.11 -16.68
CA THR B 673 -6.20 -49.53 -15.62
C THR B 673 -6.32 -48.60 -14.42
N PRO B 674 -6.01 -49.09 -13.22
CA PRO B 674 -6.03 -48.19 -12.05
C PRO B 674 -4.99 -47.08 -12.10
N ALA B 675 -3.75 -47.41 -12.47
CA ALA B 675 -2.73 -46.38 -12.62
C ALA B 675 -3.13 -45.37 -13.70
N GLY B 676 -3.75 -45.86 -14.77
CA GLY B 676 -4.27 -44.95 -15.77
C GLY B 676 -5.34 -44.04 -15.24
N ALA B 677 -6.22 -44.54 -14.39
CA ALA B 677 -7.24 -43.69 -13.77
C ALA B 677 -6.61 -42.63 -12.88
N TRP B 678 -5.60 -43.01 -12.10
CA TRP B 678 -4.91 -42.04 -11.24
C TRP B 678 -4.21 -40.97 -12.07
N ALA B 679 -3.52 -41.38 -13.14
CA ALA B 679 -2.87 -40.41 -14.02
C ALA B 679 -3.88 -39.51 -14.70
N ARG B 680 -5.02 -40.06 -15.12
CA ARG B 680 -6.08 -39.26 -15.70
C ARG B 680 -6.61 -38.24 -14.70
N ALA B 681 -6.69 -38.64 -13.43
CA ALA B 681 -7.11 -37.69 -12.40
C ALA B 681 -6.13 -36.52 -12.29
N THR B 682 -4.83 -36.82 -12.32
CA THR B 682 -3.85 -35.73 -12.25
C THR B 682 -3.95 -34.81 -13.48
N HIS B 683 -4.06 -35.40 -14.67
CA HIS B 683 -4.18 -34.57 -15.88
C HIS B 683 -5.48 -33.78 -15.88
N LEU B 684 -6.53 -34.32 -15.25
CA LEU B 684 -7.79 -33.59 -15.13
C LEU B 684 -7.65 -32.42 -14.16
N VAL B 685 -6.81 -32.57 -13.12
CA VAL B 685 -6.52 -31.42 -12.26
C VAL B 685 -5.82 -30.32 -13.06
N GLU B 686 -4.87 -30.71 -13.91
CA GLU B 686 -4.21 -29.72 -14.77
C GLU B 686 -5.22 -29.04 -15.70
N LEU B 687 -6.10 -29.83 -16.32
CA LEU B 687 -7.15 -29.27 -17.16
C LEU B 687 -8.06 -28.35 -16.38
N ALA B 688 -8.32 -28.70 -15.11
CA ALA B 688 -9.14 -27.85 -14.25
C ALA B 688 -8.49 -26.48 -14.07
N GLN B 689 -7.18 -26.45 -13.83
CA GLN B 689 -6.50 -25.17 -13.73
C GLN B 689 -6.64 -24.36 -15.02
N VAL B 690 -6.34 -25.01 -16.15
CA VAL B 690 -6.34 -24.30 -17.43
C VAL B 690 -7.72 -23.74 -17.76
N LEU B 691 -8.77 -24.56 -17.61
CA LEU B 691 -10.13 -24.10 -17.84
C LEU B 691 -10.65 -23.23 -16.73
N CYS B 692 -9.97 -23.21 -15.58
CA CYS B 692 -10.35 -22.35 -14.48
C CYS B 692 -9.92 -20.91 -14.75
N TYR B 693 -8.84 -20.72 -15.49
CA TYR B 693 -8.44 -19.37 -15.86
C TYR B 693 -8.42 -19.08 -17.35
N HIS B 694 -8.96 -19.97 -18.19
CA HIS B 694 -9.08 -19.70 -19.62
C HIS B 694 -10.39 -20.27 -20.14
N ASP B 695 -10.87 -19.69 -21.25
CA ASP B 695 -12.12 -20.11 -21.86
C ASP B 695 -11.79 -20.99 -23.07
N PHE B 696 -11.61 -22.28 -22.82
CA PHE B 696 -11.48 -23.26 -23.88
C PHE B 696 -12.62 -24.27 -23.86
N THR B 697 -13.74 -23.91 -23.23
CA THR B 697 -14.81 -24.86 -22.99
C THR B 697 -15.40 -25.40 -24.30
N GLN B 698 -15.48 -24.56 -25.33
CA GLN B 698 -15.97 -25.04 -26.61
C GLN B 698 -15.07 -26.12 -27.19
N GLN B 699 -13.75 -25.98 -27.00
CA GLN B 699 -12.83 -26.99 -27.51
C GLN B 699 -12.87 -28.28 -26.71
N THR B 700 -13.19 -28.21 -25.42
CA THR B 700 -13.13 -29.40 -24.56
C THR B 700 -14.49 -29.94 -24.15
N ASN B 701 -15.55 -29.13 -24.23
CA ASN B 701 -16.90 -29.56 -23.89
C ASN B 701 -17.00 -30.04 -22.44
N CYS B 702 -16.35 -29.32 -21.54
CA CYS B 702 -16.38 -29.65 -20.12
C CYS B 702 -15.95 -28.43 -19.32
N SER B 703 -16.65 -28.16 -18.22
CA SER B 703 -16.30 -27.07 -17.34
C SER B 703 -15.19 -27.48 -16.39
N ALA B 704 -14.53 -26.48 -15.81
CA ALA B 704 -13.47 -26.76 -14.84
C ALA B 704 -14.02 -27.49 -13.63
N LEU B 705 -15.21 -27.12 -13.17
CA LEU B 705 -15.81 -27.80 -12.04
C LEU B 705 -16.09 -29.26 -12.34
N ASP B 706 -16.63 -29.55 -13.52
CA ASP B 706 -16.90 -30.95 -13.88
C ASP B 706 -15.60 -31.74 -14.00
N ALA B 707 -14.57 -31.14 -14.60
CA ALA B 707 -13.27 -31.81 -14.71
C ALA B 707 -12.69 -32.13 -13.34
N ILE B 708 -12.74 -31.17 -12.43
CA ILE B 708 -12.14 -31.38 -11.11
C ILE B 708 -12.98 -32.35 -10.29
N ARG B 709 -14.30 -32.36 -10.48
CA ARG B 709 -15.14 -33.31 -9.75
C ARG B 709 -14.92 -34.73 -10.26
N GLU B 710 -14.75 -34.90 -11.57
CA GLU B 710 -14.40 -36.21 -12.10
C GLU B 710 -13.03 -36.66 -11.62
N ALA B 711 -12.07 -35.72 -11.55
CA ALA B 711 -10.75 -36.05 -11.02
C ALA B 711 -10.84 -36.50 -9.57
N LEU B 712 -11.63 -35.81 -8.77
CA LEU B 712 -11.82 -36.21 -7.38
C LEU B 712 -12.46 -37.58 -7.27
N GLN B 713 -13.45 -37.87 -8.13
CA GLN B 713 -14.04 -39.20 -8.15
C GLN B 713 -13.01 -40.27 -8.49
N LEU B 714 -12.13 -39.98 -9.45
CA LEU B 714 -11.08 -40.93 -9.80
C LEU B 714 -10.07 -41.08 -8.68
N LEU B 715 -9.76 -40.00 -7.96
CA LEU B 715 -8.75 -40.07 -6.91
C LEU B 715 -9.26 -40.84 -5.70
N ASP B 716 -10.53 -40.68 -5.34
CA ASP B 716 -11.05 -41.38 -4.17
C ASP B 716 -11.21 -42.87 -4.39
N SER B 717 -11.09 -43.34 -5.63
CA SER B 717 -11.12 -44.77 -5.92
C SER B 717 -9.73 -45.40 -6.02
N VAL B 718 -8.67 -44.63 -5.79
CA VAL B 718 -7.33 -45.15 -5.96
C VAL B 718 -6.92 -45.97 -4.76
N ARG B 719 -6.43 -47.18 -5.01
CA ARG B 719 -5.81 -48.00 -3.97
C ARG B 719 -4.32 -48.00 -4.21
N PRO B 720 -3.54 -47.27 -3.44
CA PRO B 720 -2.12 -47.06 -3.77
C PRO B 720 -1.20 -48.09 -3.15
N GLU B 721 -0.04 -48.24 -3.78
CA GLU B 721 1.03 -49.01 -3.17
C GLU B 721 1.59 -48.27 -1.97
N ALA B 722 2.27 -49.01 -1.09
CA ALA B 722 2.82 -48.39 0.11
C ALA B 722 3.84 -47.30 -0.22
N GLN B 723 4.50 -47.40 -1.38
CA GLN B 723 5.46 -46.38 -1.77
C GLN B 723 4.77 -45.11 -2.23
N ALA B 724 3.72 -45.24 -3.03
CA ALA B 724 3.08 -44.09 -3.68
C ALA B 724 1.94 -43.50 -2.87
N ARG B 725 1.94 -43.70 -1.56
CA ARG B 725 0.90 -43.10 -0.73
C ARG B 725 1.09 -41.59 -0.59
N ASP B 726 2.33 -41.13 -0.54
CA ASP B 726 2.60 -39.70 -0.39
C ASP B 726 2.18 -38.93 -1.64
N GLN B 727 2.44 -39.51 -2.82
CA GLN B 727 2.03 -38.86 -4.06
C GLN B 727 0.51 -38.74 -4.13
N LEU B 728 -0.21 -39.75 -3.67
CA LEU B 728 -1.67 -39.66 -3.63
C LEU B 728 -2.12 -38.55 -2.68
N LEU B 729 -1.46 -38.43 -1.53
CA LEU B 729 -1.78 -37.34 -0.61
C LEU B 729 -1.62 -35.98 -1.28
N ASP B 730 -0.48 -35.77 -1.93
CA ASP B 730 -0.26 -34.49 -2.60
C ASP B 730 -1.27 -34.25 -3.71
N ASP B 731 -1.57 -35.29 -4.50
CA ASP B 731 -2.50 -35.14 -5.61
C ASP B 731 -3.90 -34.78 -5.11
N LYS B 732 -4.36 -35.44 -4.05
CA LYS B 732 -5.67 -35.13 -3.50
C LYS B 732 -5.70 -33.72 -2.93
N ALA B 733 -4.61 -33.29 -2.29
CA ALA B 733 -4.56 -31.92 -1.77
C ALA B 733 -4.65 -30.89 -2.90
N GLN B 734 -3.93 -31.13 -4.00
CA GLN B 734 -4.02 -30.23 -5.14
C GLN B 734 -5.43 -30.20 -5.72
N ALA B 735 -6.06 -31.37 -5.85
CA ALA B 735 -7.41 -31.41 -6.39
C ALA B 735 -8.38 -30.64 -5.51
N LEU B 736 -8.27 -30.79 -4.19
CA LEU B 736 -9.17 -30.07 -3.29
C LEU B 736 -8.94 -28.57 -3.34
N LEU B 737 -7.67 -28.15 -3.35
CA LEU B 737 -7.36 -26.73 -3.42
C LEU B 737 -7.90 -26.11 -4.71
N TRP B 738 -7.73 -26.79 -5.83
CA TRP B 738 -8.21 -26.23 -7.09
C TRP B 738 -9.72 -26.34 -7.24
N LEU B 739 -10.36 -27.31 -6.57
CA LEU B 739 -11.81 -27.27 -6.48
C LEU B 739 -12.28 -26.01 -5.77
N TYR B 740 -11.62 -25.66 -4.66
CA TYR B 740 -11.98 -24.42 -3.97
C TYR B 740 -11.75 -23.21 -4.87
N ILE B 741 -10.61 -23.18 -5.56
CA ILE B 741 -10.29 -22.02 -6.39
C ILE B 741 -11.31 -21.85 -7.50
N CYS B 742 -11.70 -22.96 -8.15
CA CYS B 742 -12.64 -22.85 -9.27
C CYS B 742 -14.06 -22.53 -8.79
N THR B 743 -14.48 -23.08 -7.66
CA THR B 743 -15.79 -22.69 -7.12
C THR B 743 -15.80 -21.21 -6.74
N LEU B 744 -14.69 -20.72 -6.17
CA LEU B 744 -14.60 -19.30 -5.84
C LEU B 744 -14.63 -18.43 -7.09
N GLU B 745 -13.94 -18.86 -8.15
CA GLU B 745 -13.96 -18.09 -9.40
C GLU B 745 -15.37 -18.06 -10.00
N ALA B 746 -16.08 -19.18 -9.96
CA ALA B 746 -17.46 -19.20 -10.44
C ALA B 746 -18.34 -18.26 -9.61
N LYS B 747 -18.16 -18.26 -8.30
CA LYS B 747 -18.92 -17.35 -7.44
C LYS B 747 -18.61 -15.89 -7.78
N MET B 748 -17.32 -15.59 -8.02
CA MET B 748 -16.95 -14.23 -8.38
C MET B 748 -17.59 -13.80 -9.69
N GLN B 749 -17.58 -14.68 -10.70
CA GLN B 749 -18.21 -14.33 -11.97
C GLN B 749 -19.72 -14.15 -11.81
N GLU B 750 -20.36 -14.98 -10.98
CA GLU B 750 -21.77 -14.76 -10.69
C GLU B 750 -22.00 -13.40 -10.05
N GLY B 751 -21.15 -13.01 -9.11
CA GLY B 751 -21.31 -11.70 -8.50
C GLY B 751 -21.12 -10.57 -9.48
N ILE B 752 -20.14 -10.71 -10.38
CA ILE B 752 -19.89 -9.67 -11.38
C ILE B 752 -21.09 -9.53 -12.32
N GLU B 753 -21.63 -10.66 -12.79
CA GLU B 753 -22.81 -10.59 -13.65
C GLU B 753 -24.02 -10.05 -12.90
N ARG B 754 -24.16 -10.41 -11.62
CA ARG B 754 -25.26 -9.90 -10.82
C ARG B 754 -25.20 -8.39 -10.68
N ASP B 755 -24.01 -7.85 -10.44
CA ASP B 755 -23.85 -6.41 -10.39
C ASP B 755 -24.08 -5.78 -11.75
N ARG B 756 -23.62 -6.43 -12.82
CA ARG B 756 -23.77 -5.86 -14.16
C ARG B 756 -25.23 -5.86 -14.61
N ARG B 757 -26.05 -6.76 -14.07
CA ARG B 757 -27.47 -6.78 -14.43
C ARG B 757 -28.25 -5.69 -13.70
N ALA B 758 -28.26 -5.76 -12.36
CA ALA B 758 -29.05 -4.84 -11.55
C ALA B 758 -28.19 -3.65 -11.12
N GLN B 759 -27.83 -2.84 -12.12
CA GLN B 759 -27.04 -1.65 -11.88
C GLN B 759 -27.93 -0.42 -11.74
N PHE B 783 -27.68 -2.98 -0.93
CA PHE B 783 -27.44 -4.39 -1.21
C PHE B 783 -27.48 -5.24 0.06
N LEU B 784 -28.30 -4.82 1.02
CA LEU B 784 -28.45 -5.59 2.25
C LEU B 784 -29.13 -6.92 2.01
N TYR B 785 -29.82 -7.07 0.88
CA TYR B 785 -30.44 -8.35 0.54
C TYR B 785 -29.37 -9.39 0.17
N SER B 786 -28.33 -8.97 -0.54
CA SER B 786 -27.26 -9.89 -0.91
C SER B 786 -26.47 -10.34 0.31
N ASN B 787 -26.40 -9.50 1.35
CA ASN B 787 -25.65 -9.86 2.55
C ASN B 787 -26.22 -11.10 3.22
N ILE B 788 -27.56 -11.19 3.28
CA ILE B 788 -28.22 -12.37 3.81
C ILE B 788 -28.38 -13.45 2.74
N ALA B 789 -28.02 -13.15 1.51
CA ALA B 789 -28.12 -14.09 0.39
C ALA B 789 -26.87 -14.97 0.26
N PHE B 790 -26.14 -15.15 1.34
CA PHE B 790 -24.97 -16.04 1.34
C PHE B 790 -25.43 -17.44 1.70
N ASN B 791 -25.32 -18.36 0.73
CA ASN B 791 -25.70 -19.73 0.97
C ASN B 791 -24.73 -20.39 1.96
N LEU B 792 -25.28 -20.87 3.07
CA LEU B 792 -24.45 -21.49 4.11
C LEU B 792 -23.86 -22.81 3.62
N ALA B 793 -24.68 -23.61 2.94
CA ALA B 793 -24.21 -24.92 2.47
C ALA B 793 -22.83 -24.74 1.85
N ALA B 794 -22.72 -23.80 0.91
CA ALA B 794 -21.43 -23.59 0.22
C ALA B 794 -20.37 -23.16 1.22
N ASP B 795 -20.73 -22.26 2.15
CA ASP B 795 -19.71 -21.73 3.09
C ASP B 795 -19.02 -22.89 3.82
N ALA B 796 -19.79 -23.76 4.45
CA ALA B 796 -19.20 -24.86 5.23
C ALA B 796 -18.52 -25.85 4.28
N ALA B 797 -19.27 -26.35 3.29
CA ALA B 797 -18.72 -27.35 2.35
C ALA B 797 -17.48 -26.80 1.65
N GLN B 798 -17.56 -25.57 1.13
CA GLN B 798 -16.41 -25.03 0.37
C GLN B 798 -15.20 -24.91 1.32
N SER B 799 -15.40 -24.36 2.52
CA SER B 799 -14.27 -24.16 3.45
C SER B 799 -13.69 -25.53 3.85
N LYS B 800 -14.53 -26.57 3.88
CA LYS B 800 -14.07 -27.93 4.26
C LYS B 800 -12.97 -28.39 3.30
N CYS B 801 -13.10 -28.04 2.01
CA CYS B 801 -12.08 -28.42 1.00
C CYS B 801 -10.69 -27.96 1.49
N LEU B 802 -10.58 -26.71 1.93
CA LEU B 802 -9.28 -26.16 2.40
C LEU B 802 -8.81 -26.89 3.66
N ASP B 803 -9.72 -27.15 4.59
CA ASP B 803 -9.36 -27.86 5.85
C ASP B 803 -8.82 -29.24 5.50
N GLN B 804 -9.45 -29.93 4.56
CA GLN B 804 -9.02 -31.31 4.17
C GLN B 804 -7.67 -31.24 3.45
N ALA B 805 -7.48 -30.28 2.53
CA ALA B 805 -6.19 -30.12 1.88
C ALA B 805 -5.09 -29.85 2.90
N LEU B 806 -5.37 -29.00 3.89
CA LEU B 806 -4.39 -28.73 4.94
C LEU B 806 -4.07 -30.00 5.71
N ALA B 807 -5.08 -30.81 6.03
CA ALA B 807 -4.84 -32.05 6.73
C ALA B 807 -3.93 -32.98 5.94
N LEU B 808 -4.19 -33.11 4.64
CA LEU B 808 -3.36 -33.98 3.80
C LEU B 808 -1.92 -33.48 3.72
N TRP B 809 -1.72 -32.17 3.56
CA TRP B 809 -0.36 -31.65 3.48
C TRP B 809 0.38 -31.76 4.81
N LYS B 810 -0.33 -31.56 5.92
CA LYS B 810 0.26 -31.77 7.24
C LYS B 810 0.73 -33.20 7.38
N GLU B 811 -0.11 -34.16 6.99
CA GLU B 811 0.27 -35.57 7.06
C GLU B 811 1.51 -35.83 6.21
N LEU B 812 1.54 -35.27 5.00
CA LEU B 812 2.66 -35.51 4.10
C LEU B 812 3.97 -34.94 4.65
N LEU B 813 3.92 -33.74 5.21
CA LEU B 813 5.15 -33.01 5.50
C LEU B 813 5.66 -33.16 6.93
N THR B 814 4.78 -33.45 7.90
CA THR B 814 5.24 -33.49 9.29
C THR B 814 6.11 -34.71 9.56
N LYS B 815 6.07 -35.72 8.70
CA LYS B 815 6.87 -36.91 8.91
C LYS B 815 8.35 -36.58 8.80
N GLY B 816 9.18 -37.37 9.50
CA GLY B 816 10.61 -37.11 9.48
C GLY B 816 11.24 -37.35 8.13
N GLN B 817 10.84 -38.42 7.45
CA GLN B 817 11.41 -38.73 6.15
C GLN B 817 10.98 -37.69 5.12
N ALA B 818 11.85 -37.44 4.15
CA ALA B 818 11.51 -36.51 3.09
C ALA B 818 10.32 -37.04 2.30
N PRO B 819 9.38 -36.19 1.92
CA PRO B 819 8.23 -36.65 1.13
C PRO B 819 8.67 -37.29 -0.17
N ALA B 820 8.01 -38.39 -0.53
CA ALA B 820 8.33 -39.10 -1.76
C ALA B 820 7.46 -38.65 -2.93
N VAL B 821 7.42 -37.32 -3.13
CA VAL B 821 6.56 -36.75 -4.21
C VAL B 821 7.42 -36.33 -5.41
N ARG B 822 6.83 -36.30 -6.60
CA ARG B 822 7.57 -35.93 -7.83
C ARG B 822 8.02 -34.47 -7.76
N CYS B 823 7.08 -33.54 -7.61
CA CYS B 823 7.44 -32.09 -7.62
C CYS B 823 7.15 -31.48 -6.24
N LEU B 824 8.18 -31.30 -5.43
CA LEU B 824 8.01 -30.65 -4.10
C LEU B 824 7.92 -29.13 -4.34
N GLN B 825 8.33 -28.68 -5.52
CA GLN B 825 8.22 -27.24 -5.86
C GLN B 825 6.74 -26.89 -6.03
N GLN B 826 5.96 -27.79 -6.64
CA GLN B 826 4.50 -27.55 -6.80
C GLN B 826 3.86 -27.53 -5.40
N THR B 827 4.26 -28.48 -4.55
CA THR B 827 3.71 -28.51 -3.20
C THR B 827 3.93 -27.18 -2.50
N ALA B 828 5.13 -26.59 -2.64
CA ALA B 828 5.40 -25.30 -2.02
C ALA B 828 4.52 -24.20 -2.59
N ALA B 829 4.39 -24.17 -3.92
CA ALA B 829 3.56 -23.14 -4.56
C ALA B 829 2.10 -23.28 -4.13
N SER B 830 1.59 -24.50 -4.09
CA SER B 830 0.22 -24.73 -3.65
C SER B 830 0.04 -24.33 -2.20
N LEU B 831 1.05 -24.55 -1.37
CA LEU B 831 0.98 -24.10 0.02
C LEU B 831 0.93 -22.58 0.12
N GLN B 832 1.69 -21.88 -0.71
CA GLN B 832 1.61 -20.41 -0.73
C GLN B 832 0.21 -19.95 -1.12
N ILE B 833 -0.36 -20.59 -2.14
CA ILE B 833 -1.72 -20.24 -2.57
C ILE B 833 -2.72 -20.50 -1.44
N LEU B 834 -2.56 -21.63 -0.75
CA LEU B 834 -3.47 -21.97 0.34
C LEU B 834 -3.35 -20.97 1.49
N ALA B 835 -2.14 -20.54 1.82
CA ALA B 835 -1.96 -19.55 2.88
C ALA B 835 -2.62 -18.23 2.50
N ALA B 836 -2.46 -17.82 1.24
CA ALA B 836 -3.10 -16.57 0.76
C ALA B 836 -4.62 -16.70 0.92
N LEU B 837 -5.17 -17.85 0.54
CA LEU B 837 -6.64 -18.08 0.63
C LEU B 837 -7.08 -18.00 2.09
N TYR B 838 -6.33 -18.62 3.00
CA TYR B 838 -6.69 -18.61 4.45
C TYR B 838 -6.70 -17.16 4.94
N GLN B 839 -5.75 -16.34 4.51
CA GLN B 839 -5.70 -14.95 5.03
C GLN B 839 -6.89 -14.15 4.45
N LEU B 840 -7.32 -14.48 3.23
CA LEU B 840 -8.51 -13.80 2.65
C LEU B 840 -9.78 -14.23 3.42
N VAL B 841 -9.94 -15.53 3.68
CA VAL B 841 -11.18 -16.03 4.35
C VAL B 841 -11.12 -15.68 5.85
N ALA B 842 -10.27 -14.71 6.21
CA ALA B 842 -10.15 -14.29 7.61
C ALA B 842 -9.97 -15.47 8.56
N LYS B 843 -9.14 -16.43 8.18
CA LYS B 843 -8.75 -17.52 9.07
C LYS B 843 -7.23 -17.52 9.18
N PRO B 844 -6.67 -16.70 10.07
CA PRO B 844 -5.22 -16.46 10.05
C PRO B 844 -4.38 -17.53 10.75
N MET B 845 -4.95 -18.23 11.74
CA MET B 845 -4.17 -19.26 12.43
C MET B 845 -3.89 -20.45 11.53
N GLN B 846 -4.85 -20.84 10.70
CA GLN B 846 -4.60 -21.87 9.71
C GLN B 846 -3.62 -21.42 8.64
N ALA B 847 -3.60 -20.12 8.32
CA ALA B 847 -2.54 -19.58 7.48
C ALA B 847 -1.18 -19.72 8.16
N LEU B 848 -1.12 -19.51 9.47
CA LEU B 848 0.12 -19.72 10.20
C LEU B 848 0.59 -21.17 10.11
N GLU B 849 -0.34 -22.11 10.25
CA GLU B 849 0.02 -23.52 10.10
C GLU B 849 0.55 -23.80 8.70
N VAL B 850 -0.14 -23.29 7.68
CA VAL B 850 0.31 -23.49 6.30
C VAL B 850 1.70 -22.89 6.09
N LEU B 851 1.99 -21.75 6.71
CA LEU B 851 3.30 -21.13 6.53
C LEU B 851 4.39 -21.91 7.26
N LEU B 852 4.08 -22.51 8.40
CA LEU B 852 5.05 -23.40 9.03
C LEU B 852 5.36 -24.61 8.14
N LEU B 853 4.34 -25.15 7.48
CA LEU B 853 4.58 -26.28 6.54
C LEU B 853 5.47 -25.80 5.38
N LEU B 854 5.26 -24.56 4.92
CA LEU B 854 6.03 -24.02 3.76
C LEU B 854 7.52 -23.94 4.14
N ARG B 855 7.81 -23.62 5.40
CA ARG B 855 9.22 -23.53 5.88
C ARG B 855 9.85 -24.93 5.89
N ILE B 856 9.08 -25.94 6.30
CA ILE B 856 9.59 -27.34 6.28
C ILE B 856 9.89 -27.72 4.82
N VAL B 857 8.99 -27.40 3.88
CA VAL B 857 9.20 -27.75 2.45
C VAL B 857 10.44 -26.99 1.93
N SER B 858 10.53 -25.70 2.22
CA SER B 858 11.65 -24.86 1.71
C SER B 858 13.00 -25.36 2.25
N GLU B 859 13.04 -25.80 3.52
CA GLU B 859 14.29 -26.36 4.11
C GLU B 859 14.66 -27.68 3.42
N ARG B 860 13.68 -28.51 3.09
CA ARG B 860 13.97 -29.76 2.34
C ARG B 860 14.52 -29.39 0.96
N LEU B 861 13.92 -28.39 0.32
CA LEU B 861 14.34 -27.99 -1.05
C LEU B 861 15.60 -27.10 -0.98
N LYS B 862 16.02 -26.69 0.21
CA LYS B 862 17.22 -25.83 0.37
C LYS B 862 17.01 -24.53 -0.42
N ASP B 863 15.76 -24.09 -0.56
CA ASP B 863 15.46 -22.81 -1.20
C ASP B 863 15.40 -21.77 -0.10
N HIS B 864 16.52 -21.09 0.12
CA HIS B 864 16.60 -20.11 1.19
C HIS B 864 15.71 -18.91 0.94
N SER B 865 15.46 -18.58 -0.33
CA SER B 865 14.53 -17.51 -0.65
C SER B 865 13.14 -17.80 -0.11
N LYS B 866 12.64 -19.03 -0.37
CA LYS B 866 11.31 -19.37 0.09
C LYS B 866 11.24 -19.48 1.60
N ALA B 867 12.29 -20.00 2.24
CA ALA B 867 12.33 -20.06 3.70
C ALA B 867 12.29 -18.66 4.31
N ALA B 868 13.09 -17.74 3.76
CA ALA B 868 13.09 -16.37 4.25
C ALA B 868 11.74 -15.70 4.04
N GLY B 869 11.13 -15.91 2.86
CA GLY B 869 9.83 -15.31 2.60
C GLY B 869 8.75 -15.85 3.52
N SER B 870 8.76 -17.17 3.75
CA SER B 870 7.78 -17.76 4.66
C SER B 870 7.98 -17.24 6.08
N SER B 871 9.22 -17.12 6.53
CA SER B 871 9.47 -16.59 7.87
C SER B 871 9.04 -15.14 7.98
N CYS B 872 9.26 -14.35 6.92
CA CYS B 872 8.80 -12.96 6.93
C CYS B 872 7.28 -12.90 7.00
N HIS B 873 6.59 -13.75 6.25
CA HIS B 873 5.13 -13.78 6.31
C HIS B 873 4.64 -14.19 7.69
N ILE B 874 5.32 -15.16 8.30
CA ILE B 874 4.95 -15.58 9.66
C ILE B 874 5.12 -14.42 10.63
N THR B 875 6.22 -13.68 10.52
CA THR B 875 6.46 -12.55 11.40
C THR B 875 5.38 -11.48 11.22
N GLN B 876 5.04 -11.19 9.96
CA GLN B 876 4.01 -10.20 9.69
C GLN B 876 2.66 -10.62 10.28
N LEU B 877 2.29 -11.89 10.08
CA LEU B 877 1.02 -12.37 10.60
C LEU B 877 1.01 -12.37 12.12
N LEU B 878 2.13 -12.72 12.74
CA LEU B 878 2.22 -12.74 14.21
C LEU B 878 2.12 -11.34 14.78
N LEU B 879 2.75 -10.37 14.12
CA LEU B 879 2.62 -8.98 14.56
C LEU B 879 1.20 -8.47 14.39
N THR B 880 0.54 -8.85 13.30
CA THR B 880 -0.86 -8.49 13.12
C THR B 880 -1.74 -9.10 14.20
N LEU B 881 -1.46 -10.34 14.59
CA LEU B 881 -2.21 -10.97 15.68
C LEU B 881 -1.89 -10.38 17.04
N GLY B 882 -0.74 -9.72 17.19
CA GLY B 882 -0.39 -9.04 18.42
C GLY B 882 0.71 -9.68 19.25
N CYS B 883 1.48 -10.60 18.70
CA CYS B 883 2.53 -11.27 19.45
C CYS B 883 3.90 -10.80 18.97
N PRO B 884 4.60 -9.97 19.74
CA PRO B 884 5.90 -9.47 19.29
C PRO B 884 7.05 -10.45 19.48
N SER B 885 7.00 -11.29 20.53
CA SER B 885 8.14 -12.15 20.84
C SER B 885 8.27 -13.29 19.85
N TYR B 886 7.16 -13.94 19.51
CA TYR B 886 7.18 -14.99 18.50
C TYR B 886 7.57 -14.42 17.14
N ALA B 887 7.09 -13.22 16.84
CA ALA B 887 7.51 -12.53 15.62
C ALA B 887 9.00 -12.25 15.63
N GLN B 888 9.57 -11.93 16.79
CA GLN B 888 11.01 -11.71 16.87
C GLN B 888 11.78 -12.99 16.59
N LEU B 889 11.32 -14.11 17.16
CA LEU B 889 11.96 -15.39 16.88
C LEU B 889 11.95 -15.68 15.38
N HIS B 890 10.80 -15.51 14.74
CA HIS B 890 10.74 -15.79 13.30
C HIS B 890 11.46 -14.75 12.47
N LEU B 891 11.63 -13.53 12.98
CA LEU B 891 12.42 -12.53 12.27
C LEU B 891 13.90 -12.90 12.27
N GLU B 892 14.43 -13.37 13.40
CA GLU B 892 15.81 -13.84 13.39
C GLU B 892 15.96 -15.10 12.53
N GLU B 893 14.95 -15.98 12.53
CA GLU B 893 14.99 -17.11 11.61
C GLU B 893 15.05 -16.65 10.15
N ALA B 894 14.28 -15.63 9.80
CA ALA B 894 14.33 -15.07 8.45
C ALA B 894 15.68 -14.44 8.16
N ALA B 895 16.26 -13.76 9.14
CA ALA B 895 17.55 -13.11 8.94
C ALA B 895 18.64 -14.13 8.66
N SER B 896 18.60 -15.28 9.35
CA SER B 896 19.62 -16.30 9.15
C SER B 896 19.59 -16.84 7.72
N SER B 897 18.40 -17.04 7.15
CA SER B 897 18.31 -17.59 5.80
C SER B 897 18.82 -16.61 4.75
N LEU B 898 18.73 -15.30 5.02
CA LEU B 898 19.22 -14.30 4.08
C LEU B 898 20.72 -14.40 3.87
N LYS B 899 21.46 -14.92 4.86
CA LYS B 899 22.90 -15.00 4.74
C LYS B 899 23.33 -16.04 3.71
N HIS B 900 22.48 -17.03 3.45
CA HIS B 900 22.77 -18.07 2.48
C HIS B 900 22.43 -17.66 1.05
N LEU B 901 22.19 -16.38 0.81
CA LEU B 901 21.68 -15.91 -0.47
C LEU B 901 22.66 -14.95 -1.13
N ASP B 902 22.67 -14.99 -2.46
CA ASP B 902 23.48 -14.06 -3.24
C ASP B 902 23.00 -12.64 -3.02
N GLN B 903 23.93 -11.74 -2.73
CA GLN B 903 23.56 -10.39 -2.31
C GLN B 903 23.20 -9.49 -3.47
N THR B 904 23.48 -9.92 -4.70
CA THR B 904 23.24 -9.07 -5.88
C THR B 904 21.88 -9.37 -6.46
N THR B 905 21.12 -10.29 -5.86
CA THR B 905 19.83 -10.70 -6.45
C THR B 905 18.73 -9.79 -5.94
N ASP B 906 17.72 -9.55 -6.78
CA ASP B 906 16.57 -8.69 -6.40
C ASP B 906 15.88 -9.35 -5.20
N THR B 907 15.81 -10.68 -5.18
CA THR B 907 15.16 -11.40 -4.07
C THR B 907 15.83 -11.01 -2.77
N TYR B 908 17.17 -11.02 -2.74
CA TYR B 908 17.89 -10.69 -1.51
C TYR B 908 17.57 -9.29 -1.04
N LEU B 909 17.56 -8.33 -1.96
CA LEU B 909 17.26 -6.95 -1.60
C LEU B 909 15.84 -6.83 -1.05
N LEU B 910 14.88 -7.48 -1.72
CA LEU B 910 13.50 -7.42 -1.27
C LEU B 910 13.34 -8.01 0.12
N LEU B 911 13.95 -9.17 0.36
CA LEU B 911 13.81 -9.81 1.66
C LEU B 911 14.56 -9.07 2.74
N SER B 912 15.71 -8.46 2.42
CA SER B 912 16.43 -7.65 3.40
C SER B 912 15.64 -6.41 3.79
N LEU B 913 15.04 -5.74 2.80
CA LEU B 913 14.21 -4.57 3.11
C LEU B 913 12.97 -4.98 3.90
N THR B 914 12.38 -6.13 3.57
CA THR B 914 11.25 -6.62 4.37
C THR B 914 11.67 -6.91 5.80
N CYS B 915 12.85 -7.51 5.98
CA CYS B 915 13.33 -7.79 7.32
C CYS B 915 13.58 -6.50 8.10
N ASP B 916 14.14 -5.47 7.45
CA ASP B 916 14.32 -4.19 8.11
C ASP B 916 12.99 -3.55 8.48
N LEU B 917 11.99 -3.66 7.61
CA LEU B 917 10.66 -3.18 7.95
C LEU B 917 10.10 -3.91 9.16
N LEU B 918 10.30 -5.22 9.24
CA LEU B 918 9.80 -5.99 10.36
C LEU B 918 10.54 -5.62 11.65
N ARG B 919 11.85 -5.37 11.57
CA ARG B 919 12.57 -4.89 12.76
C ARG B 919 12.06 -3.52 13.18
N SER B 920 11.77 -2.65 12.22
CA SER B 920 11.22 -1.35 12.55
C SER B 920 9.88 -1.48 13.27
N GLN B 921 9.02 -2.37 12.77
CA GLN B 921 7.74 -2.59 13.42
C GLN B 921 7.91 -3.18 14.81
N LEU B 922 8.85 -4.11 14.97
CA LEU B 922 9.12 -4.69 16.29
C LEU B 922 9.61 -3.62 17.26
N TYR B 923 10.50 -2.74 16.81
CA TYR B 923 10.97 -1.65 17.65
C TYR B 923 9.82 -0.72 18.03
N TRP B 924 8.90 -0.49 17.10
CA TRP B 924 7.71 0.30 17.42
C TRP B 924 6.87 -0.38 18.49
N THR B 925 6.70 -1.70 18.38
CA THR B 925 5.91 -2.43 19.37
C THR B 925 6.63 -2.55 20.70
N HIS B 926 7.96 -2.49 20.70
CA HIS B 926 8.75 -2.63 21.91
C HIS B 926 9.25 -1.29 22.45
N GLN B 927 8.67 -0.18 22.00
CA GLN B 927 8.93 1.16 22.51
C GLN B 927 10.34 1.65 22.25
N LYS B 928 11.05 1.06 21.29
CA LYS B 928 12.33 1.57 20.84
C LYS B 928 12.11 2.43 19.59
N VAL B 929 11.45 3.56 19.82
CA VAL B 929 10.95 4.38 18.71
C VAL B 929 12.08 5.01 17.93
N THR B 930 13.17 5.41 18.58
CA THR B 930 14.25 6.09 17.87
C THR B 930 14.95 5.15 16.89
N LYS B 931 15.30 3.95 17.35
CA LYS B 931 15.91 2.96 16.47
C LYS B 931 14.97 2.57 15.33
N GLY B 932 13.69 2.37 15.65
CA GLY B 932 12.73 2.01 14.63
C GLY B 932 12.54 3.11 13.60
N VAL B 933 12.56 4.37 14.05
CA VAL B 933 12.44 5.49 13.12
C VAL B 933 13.66 5.54 12.22
N SER B 934 14.85 5.31 12.77
CA SER B 934 16.05 5.27 11.94
C SER B 934 15.95 4.18 10.87
N LEU B 935 15.51 2.99 11.28
CA LEU B 935 15.37 1.88 10.33
C LEU B 935 14.33 2.20 9.26
N LEU B 936 13.18 2.73 9.67
CA LEU B 936 12.13 3.08 8.71
C LEU B 936 12.60 4.15 7.75
N LEU B 937 13.34 5.14 8.24
CA LEU B 937 13.86 6.18 7.36
C LEU B 937 14.84 5.60 6.35
N SER B 938 15.70 4.67 6.79
CA SER B 938 16.62 4.04 5.86
C SER B 938 15.86 3.24 4.80
N VAL B 939 14.78 2.55 5.20
CA VAL B 939 13.97 1.81 4.24
C VAL B 939 13.30 2.76 3.25
N LEU B 940 12.79 3.87 3.74
CA LEU B 940 12.09 4.83 2.88
C LEU B 940 13.05 5.50 1.90
N ARG B 941 14.27 5.79 2.33
CA ARG B 941 15.24 6.47 1.48
C ARG B 941 15.95 5.53 0.52
N ASP B 942 15.71 4.23 0.61
CA ASP B 942 16.40 3.28 -0.24
C ASP B 942 15.91 3.40 -1.68
N PRO B 943 16.80 3.54 -2.66
CA PRO B 943 16.34 3.70 -4.05
C PRO B 943 15.68 2.46 -4.62
N ALA B 944 15.91 1.29 -4.03
CA ALA B 944 15.39 0.05 -4.59
C ALA B 944 13.91 -0.13 -4.31
N LEU B 945 13.34 0.63 -3.37
CA LEU B 945 11.93 0.48 -3.03
C LEU B 945 11.03 0.84 -4.20
N GLN B 946 11.50 1.70 -5.10
CA GLN B 946 10.69 2.19 -6.20
C GLN B 946 10.79 1.34 -7.45
N LYS B 947 11.37 0.15 -7.36
CA LYS B 947 11.46 -0.73 -8.51
C LYS B 947 10.07 -1.17 -8.95
N SER B 948 9.88 -1.27 -10.26
CA SER B 948 8.55 -1.53 -10.83
C SER B 948 8.32 -3.04 -10.86
N SER B 949 7.88 -3.56 -9.72
CA SER B 949 7.47 -4.96 -9.59
C SER B 949 6.36 -5.04 -8.56
N LYS B 950 5.52 -6.06 -8.70
CA LYS B 950 4.36 -6.16 -7.82
C LYS B 950 4.74 -6.48 -6.38
N ALA B 951 5.81 -7.27 -6.19
CA ALA B 951 6.31 -7.50 -4.84
C ALA B 951 6.84 -6.21 -4.23
N TRP B 952 7.50 -5.37 -5.03
CA TRP B 952 7.95 -4.07 -4.55
C TRP B 952 6.77 -3.17 -4.20
N TYR B 953 5.69 -3.24 -5.00
CA TYR B 953 4.49 -2.46 -4.68
C TYR B 953 3.89 -2.91 -3.35
N LEU B 954 3.82 -4.22 -3.12
CA LEU B 954 3.29 -4.71 -1.84
C LEU B 954 4.19 -4.30 -0.67
N LEU B 955 5.51 -4.33 -0.87
CA LEU B 955 6.42 -3.84 0.16
C LEU B 955 6.17 -2.36 0.44
N ARG B 956 5.91 -1.58 -0.60
CA ARG B 956 5.61 -0.17 -0.40
C ARG B 956 4.30 0.02 0.37
N VAL B 957 3.31 -0.84 0.13
CA VAL B 957 2.07 -0.79 0.88
C VAL B 957 2.36 -1.01 2.37
N GLN B 958 3.15 -2.03 2.68
CA GLN B 958 3.49 -2.29 4.08
C GLN B 958 4.30 -1.15 4.69
N VAL B 959 5.19 -0.55 3.90
CA VAL B 959 5.96 0.60 4.37
C VAL B 959 5.03 1.75 4.72
N LEU B 960 4.02 2.00 3.89
CA LEU B 960 3.07 3.07 4.15
C LEU B 960 2.25 2.80 5.42
N GLN B 961 1.85 1.56 5.63
CA GLN B 961 1.15 1.25 6.87
C GLN B 961 2.04 1.45 8.09
N LEU B 962 3.33 1.11 7.98
CA LEU B 962 4.24 1.37 9.10
C LEU B 962 4.46 2.86 9.31
N VAL B 963 4.47 3.65 8.24
CA VAL B 963 4.56 5.10 8.37
C VAL B 963 3.34 5.62 9.12
N ALA B 964 2.16 5.11 8.80
CA ALA B 964 0.96 5.50 9.53
C ALA B 964 1.08 5.11 11.00
N ALA B 965 1.63 3.94 11.29
CA ALA B 965 1.81 3.52 12.67
C ALA B 965 2.74 4.46 13.43
N TYR B 966 3.80 4.93 12.77
CA TYR B 966 4.74 5.83 13.44
C TYR B 966 4.16 7.23 13.58
N LEU B 967 3.27 7.64 12.67
CA LEU B 967 2.69 8.98 12.75
C LEU B 967 1.62 9.09 13.83
N SER B 968 1.13 7.96 14.34
CA SER B 968 0.12 7.97 15.39
C SER B 968 0.72 8.12 16.79
N LEU B 969 2.04 8.20 16.91
CA LEU B 969 2.69 8.33 18.20
C LEU B 969 2.76 9.78 18.64
N PRO B 970 2.58 10.05 19.93
CA PRO B 970 2.66 11.43 20.43
C PRO B 970 4.04 12.03 20.22
N SER B 971 4.12 13.36 20.43
CA SER B 971 5.32 14.11 20.12
C SER B 971 6.48 13.80 21.05
N ASN B 972 6.22 13.35 22.28
CA ASN B 972 7.30 13.12 23.22
C ASN B 972 8.08 11.84 22.92
N ASN B 973 7.51 10.92 22.15
CA ASN B 973 8.20 9.67 21.86
C ASN B 973 9.40 9.88 20.97
N LEU B 974 9.41 10.97 20.19
CA LEU B 974 10.43 11.21 19.20
C LEU B 974 10.93 12.64 19.31
N SER B 975 12.19 12.83 18.96
CA SER B 975 12.75 14.17 18.97
C SER B 975 12.20 14.99 17.80
N HIS B 976 12.38 16.30 17.89
CA HIS B 976 11.83 17.19 16.87
C HIS B 976 12.44 16.89 15.50
N SER B 977 13.76 16.68 15.46
CA SER B 977 14.45 16.47 14.20
C SER B 977 13.93 15.23 13.49
N LEU B 978 13.75 14.13 14.24
CA LEU B 978 13.24 12.91 13.63
C LEU B 978 11.79 13.07 13.18
N TRP B 979 11.00 13.87 13.90
CA TRP B 979 9.65 14.16 13.45
C TRP B 979 9.65 14.89 12.11
N GLU B 980 10.49 15.92 11.97
CA GLU B 980 10.57 16.61 10.69
C GLU B 980 11.09 15.69 9.59
N GLN B 981 12.05 14.82 9.93
CA GLN B 981 12.59 13.91 8.93
C GLN B 981 11.55 12.92 8.44
N LEU B 982 10.71 12.42 9.35
CA LEU B 982 9.66 11.48 8.95
C LEU B 982 8.58 12.18 8.13
N CYS B 983 8.13 13.34 8.59
CA CYS B 983 7.08 14.07 7.87
C CYS B 983 7.55 14.54 6.51
N ALA B 984 8.87 14.74 6.34
CA ALA B 984 9.41 15.19 5.07
C ALA B 984 9.30 14.14 3.98
N GLN B 985 8.98 12.89 4.32
CA GLN B 985 8.88 11.85 3.31
C GLN B 985 7.58 11.93 2.51
N GLY B 986 6.61 12.72 2.96
CA GLY B 986 5.46 13.02 2.13
C GLY B 986 4.11 12.86 2.78
N TRP B 987 4.08 12.22 3.96
CA TRP B 987 2.79 12.01 4.69
C TRP B 987 2.92 12.60 6.10
N GLN B 988 1.94 13.40 6.52
CA GLN B 988 1.99 14.05 7.86
C GLN B 988 1.05 13.34 8.84
N THR B 989 -0.05 12.77 8.34
CA THR B 989 -1.04 12.14 9.24
C THR B 989 -1.23 10.69 8.85
N PRO B 990 -1.58 9.79 9.80
CA PRO B 990 -1.73 8.37 9.49
C PRO B 990 -2.78 8.11 8.41
N GLU B 991 -3.92 8.80 8.50
CA GLU B 991 -5.03 8.54 7.53
C GLU B 991 -4.51 8.81 6.10
N ILE B 992 -3.75 9.89 5.91
CA ILE B 992 -3.15 10.18 4.57
C ILE B 992 -2.37 8.94 4.12
N ALA B 993 -1.43 8.46 4.94
CA ALA B 993 -0.67 7.27 4.62
C ALA B 993 -1.57 6.08 4.38
N LEU B 994 -2.62 5.93 5.18
CA LEU B 994 -3.55 4.81 5.00
C LEU B 994 -4.29 4.92 3.66
N ILE B 995 -4.73 6.13 3.32
CA ILE B 995 -5.47 6.35 2.04
C ILE B 995 -4.54 6.02 0.86
N ASP B 996 -3.26 6.38 0.96
CA ASP B 996 -2.28 6.13 -0.13
C ASP B 996 -2.03 4.62 -0.26
N SER B 997 -1.98 3.90 0.86
CA SER B 997 -1.81 2.43 0.82
C SER B 997 -3.01 1.81 0.10
N HIS B 998 -4.22 2.30 0.40
CA HIS B 998 -5.45 1.78 -0.25
C HIS B 998 -5.37 2.05 -1.75
N LYS B 999 -4.94 3.25 -2.13
CA LYS B 999 -4.87 3.62 -3.56
C LYS B 999 -3.84 2.72 -4.25
N LEU B 1000 -2.70 2.49 -3.61
CA LEU B 1000 -1.65 1.62 -4.18
C LEU B 1000 -2.21 0.19 -4.31
N LEU B 1001 -2.93 -0.27 -3.29
CA LEU B 1001 -3.51 -1.60 -3.37
C LEU B 1001 -4.50 -1.70 -4.52
N ARG B 1002 -5.32 -0.66 -4.72
CA ARG B 1002 -6.26 -0.67 -5.84
C ARG B 1002 -5.54 -0.67 -7.18
N SER B 1003 -4.44 0.08 -7.28
CA SER B 1003 -3.65 0.04 -8.50
C SER B 1003 -3.07 -1.34 -8.76
N ILE B 1004 -2.59 -2.00 -7.69
CA ILE B 1004 -2.10 -3.37 -7.83
C ILE B 1004 -3.21 -4.30 -8.33
N ILE B 1005 -4.41 -4.14 -7.78
CA ILE B 1005 -5.54 -4.97 -8.21
C ILE B 1005 -5.84 -4.75 -9.68
N LEU B 1006 -5.80 -3.50 -10.13
CA LEU B 1006 -5.98 -3.23 -11.56
C LEU B 1006 -4.90 -3.90 -12.38
N LEU B 1007 -3.67 -3.93 -11.88
CA LEU B 1007 -2.56 -4.56 -12.64
C LEU B 1007 -2.77 -6.09 -12.68
N LEU B 1008 -3.08 -6.70 -11.53
CA LEU B 1008 -3.20 -8.18 -11.46
C LEU B 1008 -4.41 -8.65 -12.28
N MET B 1009 -5.58 -8.11 -11.99
CA MET B 1009 -6.81 -8.60 -12.66
C MET B 1009 -7.41 -7.46 -13.49
N GLY B 1010 -8.53 -6.92 -13.05
CA GLY B 1010 -9.18 -5.79 -13.76
C GLY B 1010 -10.03 -5.02 -12.78
N SER B 1011 -10.81 -4.06 -13.28
CA SER B 1011 -11.60 -3.19 -12.38
C SER B 1011 -12.92 -3.89 -12.00
N ASP B 1012 -13.26 -4.97 -12.67
CA ASP B 1012 -14.57 -5.64 -12.44
C ASP B 1012 -14.73 -6.04 -10.97
N ILE B 1013 -13.64 -6.46 -10.34
CA ILE B 1013 -13.72 -6.93 -8.92
C ILE B 1013 -14.09 -5.74 -8.03
N LEU B 1014 -13.74 -4.52 -8.43
CA LEU B 1014 -14.01 -3.38 -7.56
C LEU B 1014 -14.94 -2.33 -8.15
N SER B 1015 -15.22 -2.37 -9.45
CA SER B 1015 -16.12 -1.41 -10.08
C SER B 1015 -17.10 -2.19 -10.96
N THR B 1016 -17.89 -1.47 -11.73
CA THR B 1016 -18.85 -2.09 -12.64
C THR B 1016 -18.70 -1.48 -14.03
N GLN B 1017 -18.58 -2.35 -15.03
CA GLN B 1017 -18.41 -1.90 -16.41
C GLN B 1017 -18.98 -2.93 -17.38
N THR B 1023 -9.98 -7.48 -18.82
CA THR B 1023 -8.71 -7.92 -19.36
C THR B 1023 -8.50 -9.42 -19.11
N SER B 1024 -7.25 -9.85 -19.16
CA SER B 1024 -6.90 -11.25 -18.98
C SER B 1024 -5.99 -11.40 -17.77
N PHE B 1025 -6.23 -12.43 -16.97
CA PHE B 1025 -5.42 -12.71 -15.81
C PHE B 1025 -4.30 -13.66 -16.20
N LEU B 1026 -3.04 -13.22 -16.02
CA LEU B 1026 -1.88 -14.09 -16.37
C LEU B 1026 -1.50 -14.94 -15.14
N ASP B 1027 -1.92 -16.21 -15.14
CA ASP B 1027 -1.61 -17.12 -14.00
C ASP B 1027 -0.24 -17.77 -14.22
N TYR B 1028 0.84 -17.06 -13.87
CA TYR B 1028 2.20 -17.68 -13.96
C TYR B 1028 2.65 -18.08 -12.56
N GLY B 1029 1.70 -18.54 -11.73
CA GLY B 1029 2.04 -18.95 -10.36
C GLY B 1029 2.18 -17.76 -9.43
N GLU B 1030 3.13 -16.87 -9.71
CA GLU B 1030 3.31 -15.68 -8.85
C GLU B 1030 1.95 -14.96 -8.71
N ASN B 1031 1.31 -14.56 -9.81
CA ASN B 1031 0.05 -13.79 -9.75
C ASN B 1031 -0.98 -14.55 -8.90
N LEU B 1032 -1.06 -15.87 -9.08
CA LEU B 1032 -2.05 -16.70 -8.35
C LEU B 1032 -2.05 -16.30 -6.87
N VAL B 1033 -0.90 -16.40 -6.20
CA VAL B 1033 -0.86 -16.11 -4.77
C VAL B 1033 -1.03 -14.62 -4.53
N GLN B 1034 -0.51 -13.78 -5.44
CA GLN B 1034 -0.56 -12.35 -5.23
C GLN B 1034 -1.97 -11.80 -5.35
N LYS B 1035 -2.81 -12.41 -6.19
CA LYS B 1035 -4.20 -11.98 -6.30
C LYS B 1035 -4.92 -12.07 -4.94
N TRP B 1036 -4.87 -13.25 -4.32
CA TRP B 1036 -5.52 -13.42 -3.03
C TRP B 1036 -4.83 -12.60 -1.95
N GLN B 1037 -3.50 -12.47 -2.01
CA GLN B 1037 -2.80 -11.64 -1.04
C GLN B 1037 -3.26 -10.19 -1.11
N VAL B 1038 -3.39 -9.63 -2.31
CA VAL B 1038 -3.78 -8.23 -2.43
C VAL B 1038 -5.24 -8.04 -2.01
N LEU B 1039 -6.11 -9.02 -2.30
CA LEU B 1039 -7.48 -8.91 -1.80
C LEU B 1039 -7.52 -8.88 -0.28
N SER B 1040 -6.76 -9.79 0.36
CA SER B 1040 -6.69 -9.78 1.82
C SER B 1040 -6.14 -8.46 2.35
N GLU B 1041 -5.09 -7.95 1.71
CA GLU B 1041 -4.46 -6.72 2.18
C GLU B 1041 -5.37 -5.51 2.00
N VAL B 1042 -6.14 -5.44 0.92
CA VAL B 1042 -7.04 -4.30 0.74
C VAL B 1042 -8.15 -4.36 1.77
N LEU B 1043 -8.64 -5.56 2.10
CA LEU B 1043 -9.62 -5.64 3.17
C LEU B 1043 -9.04 -5.19 4.51
N SER B 1044 -7.80 -5.60 4.81
CA SER B 1044 -7.17 -5.19 6.07
C SER B 1044 -6.95 -3.67 6.11
N CYS B 1045 -6.48 -3.09 5.01
CA CYS B 1045 -6.26 -1.65 4.95
C CYS B 1045 -7.57 -0.89 5.08
N SER B 1046 -8.64 -1.41 4.48
CA SER B 1046 -9.95 -0.79 4.62
C SER B 1046 -10.41 -0.82 6.07
N GLU B 1047 -10.17 -1.93 6.77
CA GLU B 1047 -10.51 -1.98 8.19
C GLU B 1047 -9.76 -0.92 8.98
N LYS B 1048 -8.45 -0.81 8.75
CA LYS B 1048 -7.66 0.20 9.45
C LYS B 1048 -8.17 1.61 9.15
N LEU B 1049 -8.45 1.89 7.88
CA LEU B 1049 -8.92 3.21 7.49
C LEU B 1049 -10.27 3.54 8.13
N VAL B 1050 -11.19 2.57 8.10
CA VAL B 1050 -12.52 2.81 8.67
C VAL B 1050 -12.41 3.07 10.16
N CYS B 1051 -11.64 2.26 10.88
CA CYS B 1051 -11.52 2.46 12.32
C CYS B 1051 -10.88 3.80 12.63
N HIS B 1052 -9.81 4.17 11.92
CA HIS B 1052 -9.12 5.42 12.21
C HIS B 1052 -10.00 6.62 11.91
N LEU B 1053 -10.66 6.63 10.74
CA LEU B 1053 -11.50 7.75 10.37
C LEU B 1053 -12.71 7.86 11.30
N GLY B 1054 -13.30 6.74 11.69
CA GLY B 1054 -14.41 6.80 12.63
C GLY B 1054 -13.99 7.31 13.99
N ARG B 1055 -12.81 6.90 14.45
CA ARG B 1055 -12.30 7.41 15.71
C ARG B 1055 -12.03 8.91 15.64
N LEU B 1056 -11.55 9.40 14.50
CA LEU B 1056 -11.34 10.84 14.36
C LEU B 1056 -12.66 11.60 14.40
N GLY B 1057 -13.66 11.12 13.69
CA GLY B 1057 -14.92 11.83 13.60
C GLY B 1057 -15.35 12.07 12.16
N SER B 1058 -14.56 11.55 11.22
CA SER B 1058 -14.87 11.65 9.79
C SER B 1058 -15.72 10.45 9.38
N VAL B 1059 -16.98 10.48 9.83
CA VAL B 1059 -17.86 9.33 9.67
C VAL B 1059 -18.27 9.12 8.20
N SER B 1060 -18.34 10.20 7.42
CA SER B 1060 -18.77 10.05 6.03
C SER B 1060 -17.73 9.30 5.19
N GLU B 1061 -16.46 9.69 5.30
CA GLU B 1061 -15.42 8.98 4.55
C GLU B 1061 -15.29 7.54 5.03
N ALA B 1062 -15.39 7.32 6.34
CA ALA B 1062 -15.35 5.97 6.87
C ALA B 1062 -16.51 5.13 6.32
N LYS B 1063 -17.70 5.74 6.23
CA LYS B 1063 -18.84 5.04 5.66
C LYS B 1063 -18.60 4.69 4.20
N ALA B 1064 -18.00 5.61 3.44
CA ALA B 1064 -17.71 5.33 2.04
C ALA B 1064 -16.76 4.14 1.90
N PHE B 1065 -15.69 4.14 2.69
CA PHE B 1065 -14.75 3.02 2.65
C PHE B 1065 -15.41 1.72 3.09
N CYS B 1066 -16.25 1.79 4.12
CA CYS B 1066 -16.95 0.60 4.60
C CYS B 1066 -17.88 0.04 3.54
N LEU B 1067 -18.58 0.91 2.81
CA LEU B 1067 -19.47 0.44 1.76
C LEU B 1067 -18.70 -0.20 0.62
N GLU B 1068 -17.57 0.41 0.22
CA GLU B 1068 -16.75 -0.21 -0.82
C GLU B 1068 -16.27 -1.59 -0.40
N ALA B 1069 -15.78 -1.70 0.84
CA ALA B 1069 -15.30 -2.99 1.34
C ALA B 1069 -16.42 -4.02 1.41
N LEU B 1070 -17.62 -3.59 1.83
CA LEU B 1070 -18.76 -4.50 1.89
C LEU B 1070 -19.14 -4.99 0.51
N LYS B 1071 -19.09 -4.11 -0.50
CA LYS B 1071 -19.35 -4.55 -1.86
C LYS B 1071 -18.34 -5.60 -2.30
N LEU B 1072 -17.07 -5.39 -1.98
CA LEU B 1072 -16.06 -6.40 -2.33
C LEU B 1072 -16.33 -7.72 -1.64
N THR B 1073 -16.66 -7.69 -0.35
CA THR B 1073 -16.88 -8.92 0.41
C THR B 1073 -18.13 -9.65 -0.04
N THR B 1074 -19.15 -8.92 -0.50
CA THR B 1074 -20.33 -9.57 -1.06
C THR B 1074 -20.05 -10.15 -2.43
N LYS B 1075 -19.18 -9.49 -3.20
CA LYS B 1075 -18.75 -10.06 -4.48
C LYS B 1075 -18.01 -11.37 -4.27
N LEU B 1076 -17.13 -11.44 -3.28
CA LEU B 1076 -16.36 -12.64 -3.03
C LEU B 1076 -17.08 -13.66 -2.15
N GLN B 1077 -18.22 -13.29 -1.56
CA GLN B 1077 -19.02 -14.19 -0.72
C GLN B 1077 -18.22 -14.70 0.48
N ILE B 1078 -17.64 -13.77 1.23
CA ILE B 1078 -16.93 -14.07 2.48
C ILE B 1078 -17.78 -13.54 3.63
N PRO B 1079 -18.32 -14.41 4.50
CA PRO B 1079 -19.24 -13.92 5.53
C PRO B 1079 -18.54 -13.28 6.72
N ARG B 1080 -17.32 -13.71 7.04
CA ARG B 1080 -16.62 -13.15 8.20
C ARG B 1080 -16.21 -11.69 7.97
N GLN B 1081 -15.61 -11.41 6.82
CA GLN B 1081 -15.25 -10.02 6.51
C GLN B 1081 -16.49 -9.16 6.31
N CYS B 1082 -17.55 -9.74 5.73
CA CYS B 1082 -18.82 -9.05 5.63
C CYS B 1082 -19.33 -8.66 7.00
N ALA B 1083 -19.26 -9.58 7.97
CA ALA B 1083 -19.72 -9.27 9.33
C ALA B 1083 -18.86 -8.19 9.95
N LEU B 1084 -17.55 -8.25 9.74
CA LEU B 1084 -16.65 -7.23 10.30
C LEU B 1084 -17.03 -5.84 9.80
N PHE B 1085 -17.20 -5.71 8.49
CA PHE B 1085 -17.52 -4.40 7.94
C PHE B 1085 -18.95 -3.97 8.26
N LEU B 1086 -19.86 -4.93 8.46
CA LEU B 1086 -21.20 -4.55 8.92
C LEU B 1086 -21.16 -4.00 10.34
N VAL B 1087 -20.35 -4.59 11.22
CA VAL B 1087 -20.22 -4.06 12.58
C VAL B 1087 -19.61 -2.67 12.56
N LEU B 1088 -18.57 -2.48 11.74
CA LEU B 1088 -17.98 -1.15 11.60
C LEU B 1088 -19.00 -0.15 11.07
N LYS B 1089 -19.81 -0.54 10.10
CA LYS B 1089 -20.85 0.34 9.58
C LYS B 1089 -21.86 0.68 10.67
N GLY B 1090 -22.25 -0.30 11.48
CA GLY B 1090 -23.17 -0.03 12.56
C GLY B 1090 -22.62 0.98 13.55
N GLU B 1091 -21.34 0.87 13.88
CA GLU B 1091 -20.71 1.86 14.75
C GLU B 1091 -20.74 3.24 14.11
N LEU B 1092 -20.44 3.31 12.81
CA LEU B 1092 -20.46 4.61 12.13
C LEU B 1092 -21.87 5.22 12.13
N GLU B 1093 -22.90 4.41 11.93
CA GLU B 1093 -24.26 4.92 11.94
C GLU B 1093 -24.66 5.35 13.34
N LEU B 1094 -24.19 4.63 14.36
CA LEU B 1094 -24.40 5.06 15.74
C LEU B 1094 -23.79 6.44 15.99
N ALA B 1095 -22.61 6.68 15.42
CA ALA B 1095 -21.98 7.99 15.57
C ALA B 1095 -22.85 9.11 14.99
N ARG B 1096 -23.68 8.79 14.00
CA ARG B 1096 -24.57 9.77 13.38
C ARG B 1096 -25.93 9.83 14.04
N ASN B 1097 -26.14 9.07 15.11
CA ASN B 1097 -27.43 8.97 15.80
C ASN B 1097 -28.54 8.43 14.89
N ASP B 1098 -28.20 7.50 14.00
CA ASP B 1098 -29.18 6.81 13.17
C ASP B 1098 -29.40 5.43 13.77
N ILE B 1099 -30.32 5.36 14.74
CA ILE B 1099 -30.56 4.12 15.45
C ILE B 1099 -31.20 3.07 14.57
N ASP B 1100 -32.10 3.48 13.66
CA ASP B 1100 -32.81 2.51 12.82
C ASP B 1100 -31.85 1.74 11.92
N LEU B 1101 -31.01 2.45 11.18
CA LEU B 1101 -30.11 1.80 10.24
C LEU B 1101 -28.99 1.06 10.98
N CYS B 1102 -28.57 1.58 12.13
CA CYS B 1102 -27.61 0.87 12.98
C CYS B 1102 -28.19 -0.46 13.44
N GLN B 1103 -29.44 -0.47 13.89
CA GLN B 1103 -30.06 -1.71 14.35
C GLN B 1103 -30.24 -2.69 13.19
N SER B 1104 -30.55 -2.18 12.00
CA SER B 1104 -30.63 -3.05 10.83
C SER B 1104 -29.29 -3.72 10.54
N ASP B 1105 -28.21 -2.94 10.57
CA ASP B 1105 -26.88 -3.50 10.35
C ASP B 1105 -26.52 -4.52 11.42
N LEU B 1106 -26.86 -4.23 12.68
CA LEU B 1106 -26.56 -5.15 13.76
C LEU B 1106 -27.34 -6.46 13.62
N GLN B 1107 -28.61 -6.38 13.20
CA GLN B 1107 -29.39 -7.59 13.00
C GLN B 1107 -28.83 -8.42 11.85
N GLN B 1108 -28.34 -7.76 10.79
CA GLN B 1108 -27.65 -8.48 9.74
C GLN B 1108 -26.39 -9.18 10.28
N VAL B 1109 -25.65 -8.48 11.15
CA VAL B 1109 -24.48 -9.10 11.77
C VAL B 1109 -24.88 -10.34 12.55
N LEU B 1110 -25.98 -10.26 13.29
CA LEU B 1110 -26.43 -11.40 14.09
C LEU B 1110 -26.80 -12.58 13.19
N PHE B 1111 -27.46 -12.31 12.06
CA PHE B 1111 -27.76 -13.38 11.11
C PHE B 1111 -26.49 -14.02 10.58
N LEU B 1112 -25.50 -13.21 10.20
CA LEU B 1112 -24.26 -13.76 9.67
C LEU B 1112 -23.52 -14.57 10.73
N LEU B 1113 -23.52 -14.11 11.98
CA LEU B 1113 -22.85 -14.83 13.05
C LEU B 1113 -23.53 -16.17 13.31
N GLU B 1114 -24.86 -16.20 13.31
CA GLU B 1114 -25.56 -17.47 13.46
C GLU B 1114 -25.30 -18.39 12.26
N SER B 1115 -25.11 -17.82 11.07
CA SER B 1115 -24.76 -18.62 9.91
C SER B 1115 -23.35 -19.19 9.99
N CYS B 1116 -22.41 -18.47 10.59
CA CYS B 1116 -21.03 -18.94 10.71
C CYS B 1116 -20.77 -19.76 11.96
N THR B 1117 -21.67 -19.76 12.94
CA THR B 1117 -21.40 -20.44 14.21
C THR B 1117 -21.55 -21.95 14.11
N GLU B 1118 -22.16 -22.46 13.05
CA GLU B 1118 -22.36 -23.90 12.91
C GLU B 1118 -21.19 -24.55 12.19
N ILE B 1191 -31.34 -11.59 22.51
CA ILE B 1191 -30.02 -11.81 23.07
C ILE B 1191 -29.38 -13.05 22.45
N PRO B 1192 -28.30 -12.83 21.69
CA PRO B 1192 -27.62 -13.95 21.01
C PRO B 1192 -27.11 -15.00 21.98
N ASN B 1193 -26.62 -16.09 21.39
CA ASN B 1193 -26.10 -17.22 22.14
C ASN B 1193 -24.60 -17.20 22.32
N PHE B 1194 -23.88 -16.29 21.65
CA PHE B 1194 -22.43 -16.32 21.74
C PHE B 1194 -21.89 -15.65 23.00
N LEU B 1195 -22.70 -14.87 23.69
CA LEU B 1195 -22.32 -14.31 24.98
C LEU B 1195 -22.55 -15.27 26.13
N SER B 1196 -23.21 -16.40 25.87
CA SER B 1196 -23.41 -17.45 26.86
C SER B 1196 -22.34 -18.52 26.80
N HIS B 1197 -21.37 -18.38 25.92
CA HIS B 1197 -20.36 -19.42 25.73
C HIS B 1197 -19.39 -19.47 26.90
N SER B 1198 -18.80 -20.64 27.09
CA SER B 1198 -17.80 -20.85 28.14
C SER B 1198 -16.52 -20.11 27.79
N PRO B 1199 -15.77 -19.65 28.80
CA PRO B 1199 -14.50 -18.96 28.52
C PRO B 1199 -13.51 -19.79 27.73
N THR B 1200 -13.42 -21.10 28.01
CA THR B 1200 -12.57 -21.98 27.21
C THR B 1200 -13.44 -22.79 26.25
N CYS B 1201 -13.83 -22.12 25.17
CA CYS B 1201 -14.71 -22.71 24.17
C CYS B 1201 -13.94 -22.97 22.88
N ASP B 1202 -14.29 -24.08 22.22
CA ASP B 1202 -13.61 -24.52 21.00
C ASP B 1202 -14.50 -24.40 19.78
N CYS B 1203 -15.52 -23.55 19.83
CA CYS B 1203 -16.45 -23.40 18.73
C CYS B 1203 -15.86 -22.51 17.65
N SER B 1204 -16.61 -22.33 16.56
CA SER B 1204 -16.13 -21.53 15.44
C SER B 1204 -15.93 -20.08 15.85
N LEU B 1205 -16.85 -19.53 16.65
CA LEU B 1205 -16.70 -18.15 17.09
C LEU B 1205 -15.57 -17.97 18.08
N CYS B 1206 -15.38 -18.91 19.00
CA CYS B 1206 -14.37 -18.77 20.03
C CYS B 1206 -12.97 -19.13 19.56
N ALA B 1207 -12.84 -20.01 18.56
CA ALA B 1207 -11.52 -20.38 18.07
C ALA B 1207 -10.96 -19.37 17.08
N SER B 1208 -11.80 -18.48 16.53
CA SER B 1208 -11.35 -17.53 15.53
C SER B 1208 -11.20 -16.16 16.15
N PRO B 1209 -10.00 -15.58 16.20
CA PRO B 1209 -9.86 -14.22 16.77
C PRO B 1209 -10.71 -13.18 16.06
N VAL B 1210 -10.87 -13.29 14.74
CA VAL B 1210 -11.65 -12.32 13.99
C VAL B 1210 -13.11 -12.37 14.42
N LEU B 1211 -13.67 -13.57 14.54
CA LEU B 1211 -15.06 -13.69 14.94
C LEU B 1211 -15.26 -13.25 16.39
N THR B 1212 -14.29 -13.52 17.26
CA THR B 1212 -14.39 -13.04 18.63
C THR B 1212 -14.39 -11.51 18.69
N ALA B 1213 -13.52 -10.89 17.90
CA ALA B 1213 -13.48 -9.43 17.83
C ALA B 1213 -14.80 -8.88 17.30
N VAL B 1214 -15.37 -9.54 16.29
CA VAL B 1214 -16.65 -9.10 15.74
C VAL B 1214 -17.75 -9.21 16.79
N CYS B 1215 -17.76 -10.30 17.55
CA CYS B 1215 -18.76 -10.48 18.61
C CYS B 1215 -18.65 -9.38 19.65
N LEU B 1216 -17.42 -9.11 20.12
CA LEU B 1216 -17.23 -8.08 21.14
C LEU B 1216 -17.61 -6.70 20.61
N ARG B 1217 -17.25 -6.41 19.36
CA ARG B 1217 -17.62 -5.14 18.75
C ARG B 1217 -19.13 -5.01 18.63
N TRP B 1218 -19.81 -6.10 18.26
CA TRP B 1218 -21.27 -6.09 18.18
C TRP B 1218 -21.89 -5.78 19.54
N VAL B 1219 -21.35 -6.40 20.59
CA VAL B 1219 -21.85 -6.13 21.94
C VAL B 1219 -21.65 -4.66 22.30
N LEU B 1220 -20.49 -4.10 21.93
CA LEU B 1220 -20.23 -2.69 22.21
C LEU B 1220 -21.21 -1.78 21.49
N VAL B 1221 -21.47 -2.04 20.21
CA VAL B 1221 -22.42 -1.20 19.47
C VAL B 1221 -23.84 -1.37 20.00
N THR B 1222 -24.23 -2.58 20.40
CA THR B 1222 -25.55 -2.78 20.99
C THR B 1222 -25.68 -2.05 22.31
N ALA B 1223 -24.64 -2.06 23.12
CA ALA B 1223 -24.66 -1.28 24.36
C ALA B 1223 -24.79 0.19 24.09
N GLY B 1224 -24.07 0.70 23.08
CA GLY B 1224 -24.20 2.10 22.72
C GLY B 1224 -25.59 2.46 22.24
N VAL B 1225 -26.21 1.57 21.45
CA VAL B 1225 -27.58 1.80 20.99
C VAL B 1225 -28.53 1.85 22.17
N ARG B 1226 -28.39 0.91 23.11
CA ARG B 1226 -29.28 0.90 24.27
C ARG B 1226 -29.10 2.13 25.13
N LEU B 1227 -27.86 2.60 25.29
CA LEU B 1227 -27.63 3.81 26.06
C LEU B 1227 -28.16 5.05 25.34
N ALA B 1228 -28.18 5.02 24.00
CA ALA B 1228 -28.73 6.14 23.25
C ALA B 1228 -30.25 6.11 23.18
N MET B 1229 -30.86 4.96 23.49
CA MET B 1229 -32.31 4.85 23.59
C MET B 1229 -32.81 5.05 25.00
N GLY B 1230 -31.94 5.31 25.96
CA GLY B 1230 -32.36 5.53 27.32
C GLY B 1230 -32.47 4.29 28.18
N HIS B 1231 -31.85 3.19 27.76
CA HIS B 1231 -31.84 1.94 28.54
C HIS B 1231 -30.45 1.83 29.17
N GLN B 1232 -30.31 2.42 30.36
CA GLN B 1232 -29.00 2.48 31.00
C GLN B 1232 -28.54 1.11 31.48
N ALA B 1233 -29.42 0.36 32.14
CA ALA B 1233 -29.01 -0.87 32.81
C ALA B 1233 -28.50 -1.90 31.81
N GLN B 1234 -29.26 -2.13 30.74
CA GLN B 1234 -28.85 -3.14 29.76
C GLN B 1234 -27.56 -2.74 29.06
N GLY B 1235 -27.39 -1.44 28.78
CA GLY B 1235 -26.14 -0.98 28.21
C GLY B 1235 -24.95 -1.22 29.12
N LEU B 1236 -25.12 -0.94 30.42
CA LEU B 1236 -24.02 -1.17 31.37
C LEU B 1236 -23.70 -2.65 31.48
N ASP B 1237 -24.71 -3.51 31.51
CA ASP B 1237 -24.46 -4.95 31.57
C ASP B 1237 -23.73 -5.43 30.31
N LEU B 1238 -24.10 -4.92 29.14
CA LEU B 1238 -23.40 -5.31 27.93
C LEU B 1238 -21.94 -4.83 27.94
N LEU B 1239 -21.71 -3.62 28.45
CA LEU B 1239 -20.34 -3.14 28.58
C LEU B 1239 -19.53 -4.01 29.54
N GLN B 1240 -20.13 -4.45 30.63
CA GLN B 1240 -19.44 -5.37 31.54
C GLN B 1240 -19.15 -6.70 30.86
N VAL B 1241 -20.06 -7.16 29.99
CA VAL B 1241 -19.78 -8.36 29.20
C VAL B 1241 -18.53 -8.17 28.35
N VAL B 1242 -18.41 -7.00 27.70
CA VAL B 1242 -17.21 -6.73 26.91
C VAL B 1242 -15.97 -6.72 27.78
N LEU B 1243 -16.06 -6.06 28.94
CA LEU B 1243 -14.92 -5.97 29.86
C LEU B 1243 -14.44 -7.35 30.27
N LYS B 1244 -15.37 -8.25 30.61
CA LYS B 1244 -14.97 -9.60 30.96
C LYS B 1244 -14.42 -10.34 29.75
N GLY B 1245 -15.05 -10.17 28.59
CA GLY B 1245 -14.73 -11.00 27.44
C GLY B 1245 -13.35 -10.76 26.87
N CYS B 1246 -12.91 -9.51 26.82
CA CYS B 1246 -11.64 -9.24 26.14
C CYS B 1246 -10.44 -10.00 26.74
N PRO B 1247 -10.21 -10.00 28.05
CA PRO B 1247 -9.09 -10.80 28.58
C PRO B 1247 -9.21 -12.29 28.32
N GLU B 1248 -10.42 -12.84 28.38
CA GLU B 1248 -10.61 -14.26 28.09
C GLU B 1248 -10.24 -14.57 26.65
N ALA B 1249 -10.66 -13.71 25.72
CA ALA B 1249 -10.31 -13.90 24.32
C ALA B 1249 -8.80 -13.82 24.11
N ALA B 1250 -8.14 -12.89 24.80
CA ALA B 1250 -6.69 -12.80 24.70
C ALA B 1250 -6.04 -14.09 25.18
N GLU B 1251 -6.52 -14.64 26.30
CA GLU B 1251 -5.96 -15.90 26.80
C GLU B 1251 -6.18 -17.03 25.81
N ARG B 1252 -7.37 -17.12 25.22
CA ARG B 1252 -7.64 -18.18 24.24
C ARG B 1252 -6.72 -18.06 23.05
N LEU B 1253 -6.52 -16.84 22.55
CA LEU B 1253 -5.60 -16.65 21.43
C LEU B 1253 -4.17 -17.01 21.81
N THR B 1254 -3.77 -16.68 23.04
CA THR B 1254 -2.44 -17.05 23.50
C THR B 1254 -2.24 -18.56 23.46
N GLN B 1255 -3.20 -19.30 24.00
CA GLN B 1255 -3.10 -20.76 24.00
C GLN B 1255 -3.09 -21.31 22.58
N ALA B 1256 -3.95 -20.77 21.71
CA ALA B 1256 -4.01 -21.25 20.34
C ALA B 1256 -2.72 -20.96 19.58
N LEU B 1257 -2.12 -19.79 19.82
CA LEU B 1257 -0.84 -19.46 19.18
C LEU B 1257 0.25 -20.42 19.64
N GLN B 1258 0.31 -20.69 20.95
CA GLN B 1258 1.31 -21.62 21.44
C GLN B 1258 1.10 -23.02 20.86
N ALA B 1259 -0.15 -23.45 20.74
CA ALA B 1259 -0.43 -24.75 20.16
C ALA B 1259 -0.03 -24.81 18.69
N SER B 1260 -0.30 -23.74 17.93
CA SER B 1260 0.07 -23.72 16.52
C SER B 1260 1.58 -23.74 16.34
N LEU B 1261 2.29 -22.89 17.08
CA LEU B 1261 3.71 -22.68 16.83
C LEU B 1261 4.62 -23.62 17.62
N ASN B 1262 4.10 -24.33 18.62
CA ASN B 1262 4.86 -25.31 19.40
C ASN B 1262 6.09 -24.68 20.04
N HIS B 1263 5.88 -23.59 20.76
CA HIS B 1263 6.91 -22.99 21.60
C HIS B 1263 6.67 -23.40 23.05
N LYS B 1264 7.74 -23.64 23.79
CA LYS B 1264 7.61 -24.09 25.19
C LYS B 1264 7.15 -22.92 26.07
N THR B 1265 7.88 -21.81 26.03
CA THR B 1265 7.54 -20.64 26.85
C THR B 1265 6.31 -19.97 26.28
N PRO B 1266 5.31 -19.62 27.10
CA PRO B 1266 4.14 -18.91 26.60
C PRO B 1266 4.52 -17.50 26.17
N PRO B 1267 3.75 -16.86 25.27
CA PRO B 1267 4.03 -15.49 24.87
C PRO B 1267 4.25 -14.60 26.08
N SER B 1268 5.35 -13.84 26.07
CA SER B 1268 5.68 -12.97 27.23
C SER B 1268 4.41 -12.29 27.76
N LEU B 1269 3.78 -11.45 26.94
CA LEU B 1269 2.53 -10.83 27.36
C LEU B 1269 1.43 -11.25 26.41
N VAL B 1270 0.20 -11.22 26.90
CA VAL B 1270 -0.97 -11.60 26.09
C VAL B 1270 -1.01 -10.69 24.87
N PRO B 1271 -1.37 -11.21 23.70
CA PRO B 1271 -1.40 -10.37 22.50
C PRO B 1271 -2.33 -9.18 22.63
N SER B 1272 -1.95 -8.06 22.03
CA SER B 1272 -2.67 -6.80 22.16
C SER B 1272 -3.39 -6.50 20.85
N LEU B 1273 -4.59 -7.04 20.70
CA LEU B 1273 -5.47 -6.71 19.58
C LEU B 1273 -6.87 -6.30 20.02
N LEU B 1274 -7.35 -6.78 21.17
CA LEU B 1274 -8.63 -6.39 21.73
C LEU B 1274 -8.50 -5.27 22.74
N ASP B 1275 -7.31 -4.69 22.89
CA ASP B 1275 -7.10 -3.64 23.86
C ASP B 1275 -7.89 -2.38 23.51
N GLU B 1276 -8.07 -2.11 22.22
CA GLU B 1276 -8.86 -0.95 21.82
C GLU B 1276 -10.33 -1.12 22.21
N ILE B 1277 -10.86 -2.33 22.06
CA ILE B 1277 -12.24 -2.59 22.48
C ILE B 1277 -12.38 -2.43 23.99
N LEU B 1278 -11.42 -2.96 24.76
CA LEU B 1278 -11.44 -2.81 26.21
C LEU B 1278 -11.35 -1.35 26.61
N ALA B 1279 -10.50 -0.59 25.93
CA ALA B 1279 -10.33 0.82 26.24
C ALA B 1279 -11.61 1.60 25.96
N GLN B 1280 -12.26 1.31 24.83
CA GLN B 1280 -13.51 2.00 24.52
C GLN B 1280 -14.60 1.64 25.52
N ALA B 1281 -14.65 0.38 25.94
CA ALA B 1281 -15.61 -0.02 26.97
C ALA B 1281 -15.36 0.74 28.28
N TYR B 1282 -14.09 0.87 28.66
CA TYR B 1282 -13.75 1.63 29.86
C TYR B 1282 -14.16 3.09 29.73
N THR B 1283 -13.91 3.69 28.55
CA THR B 1283 -14.28 5.08 28.34
C THR B 1283 -15.80 5.27 28.46
N LEU B 1284 -16.56 4.39 27.82
CA LEU B 1284 -18.01 4.50 27.87
C LEU B 1284 -18.54 4.32 29.29
N LEU B 1285 -17.97 3.36 30.04
CA LEU B 1285 -18.41 3.15 31.42
C LEU B 1285 -18.05 4.34 32.29
N ALA B 1286 -16.89 4.96 32.06
CA ALA B 1286 -16.52 6.15 32.84
C ALA B 1286 -17.46 7.32 32.54
N LEU B 1287 -17.85 7.50 31.28
CA LEU B 1287 -18.80 8.55 30.96
C LEU B 1287 -20.16 8.27 31.59
N GLU B 1288 -20.59 7.01 31.57
CA GLU B 1288 -21.85 6.65 32.20
C GLU B 1288 -21.80 6.89 33.69
N GLY B 1289 -20.65 6.61 34.33
CA GLY B 1289 -20.46 6.96 35.72
C GLY B 1289 -20.48 8.46 35.96
N LEU B 1290 -20.00 9.24 34.99
CA LEU B 1290 -20.18 10.69 35.06
C LEU B 1290 -21.66 11.04 35.17
N ASN B 1291 -22.50 10.35 34.40
CA ASN B 1291 -23.94 10.58 34.51
C ASN B 1291 -24.47 10.19 35.89
N GLN B 1292 -23.95 9.12 36.48
CA GLN B 1292 -24.41 8.68 37.79
C GLN B 1292 -23.26 8.77 38.80
N PRO B 1293 -23.13 9.88 39.52
CA PRO B 1293 -21.98 10.06 40.42
C PRO B 1293 -22.05 9.26 41.70
N SER B 1294 -23.04 8.37 41.84
CA SER B 1294 -23.32 7.71 43.11
C SER B 1294 -23.50 6.20 42.90
N ASN B 1295 -22.59 5.59 42.14
CA ASN B 1295 -22.61 4.14 41.96
C ASN B 1295 -21.50 3.43 42.72
N GLU B 1296 -20.35 4.07 42.92
CA GLU B 1296 -19.24 3.58 43.76
C GLU B 1296 -18.53 2.41 43.09
N SER B 1297 -19.08 1.88 42.00
CA SER B 1297 -18.36 0.89 41.21
C SER B 1297 -17.85 1.52 39.92
N LEU B 1298 -18.68 2.33 39.27
CA LEU B 1298 -18.24 3.06 38.09
C LEU B 1298 -17.14 4.06 38.45
N GLN B 1299 -17.09 4.50 39.71
CA GLN B 1299 -15.99 5.34 40.16
C GLN B 1299 -14.69 4.57 40.18
N LYS B 1300 -14.73 3.29 40.58
CA LYS B 1300 -13.54 2.45 40.52
C LYS B 1300 -13.19 2.10 39.07
N VAL B 1301 -14.19 2.06 38.19
CA VAL B 1301 -13.94 1.75 36.79
C VAL B 1301 -13.01 2.79 36.17
N LEU B 1302 -13.14 4.05 36.60
CA LEU B 1302 -12.27 5.10 36.07
C LEU B 1302 -10.81 4.81 36.37
N GLN B 1303 -10.51 4.41 37.61
CA GLN B 1303 -9.14 4.08 37.98
C GLN B 1303 -8.67 2.81 37.30
N SER B 1304 -9.55 1.81 37.17
CA SER B 1304 -9.17 0.59 36.46
C SER B 1304 -8.80 0.90 35.02
N GLY B 1305 -9.59 1.74 34.35
CA GLY B 1305 -9.28 2.12 32.98
C GLY B 1305 -8.02 2.94 32.88
N LEU B 1306 -7.82 3.88 33.81
CA LEU B 1306 -6.61 4.69 33.76
C LEU B 1306 -5.37 3.84 33.94
N LYS B 1307 -5.43 2.85 34.85
CA LYS B 1307 -4.30 1.94 35.03
C LYS B 1307 -4.06 1.10 33.78
N PHE B 1308 -5.14 0.55 33.22
CA PHE B 1308 -5.01 -0.27 32.01
C PHE B 1308 -4.36 0.51 30.87
N VAL B 1309 -4.78 1.77 30.70
CA VAL B 1309 -4.27 2.54 29.57
C VAL B 1309 -2.87 3.08 29.86
N ALA B 1310 -2.57 3.43 31.11
CA ALA B 1310 -1.22 3.86 31.46
C ALA B 1310 -0.21 2.73 31.37
N ALA B 1311 -0.64 1.48 31.48
CA ALA B 1311 0.26 0.36 31.25
C ALA B 1311 0.70 0.24 29.80
N ARG B 1312 -0.10 0.72 28.86
CA ARG B 1312 0.13 0.51 27.44
C ARG B 1312 0.42 1.82 26.69
N ILE B 1313 1.10 2.74 27.33
CA ILE B 1313 1.59 3.97 26.68
C ILE B 1313 2.62 3.56 25.63
N PRO B 1314 2.63 4.14 24.43
CA PRO B 1314 1.71 5.17 23.91
C PRO B 1314 0.71 4.65 22.91
N HIS B 1315 0.18 3.43 23.08
CA HIS B 1315 -0.67 2.85 22.05
C HIS B 1315 -2.14 3.15 22.26
N LEU B 1316 -2.56 3.47 23.49
CA LEU B 1316 -3.96 3.75 23.78
C LEU B 1316 -4.15 5.20 24.24
N GLU B 1317 -3.36 6.11 23.67
CA GLU B 1317 -3.38 7.50 24.13
C GLU B 1317 -4.73 8.22 23.97
N PRO B 1318 -5.48 8.06 22.87
CA PRO B 1318 -6.80 8.73 22.81
C PRO B 1318 -7.73 8.35 23.96
N TRP B 1319 -7.75 7.06 24.32
CA TRP B 1319 -8.57 6.61 25.43
C TRP B 1319 -8.03 7.10 26.77
N ARG B 1320 -6.70 7.18 26.91
CA ARG B 1320 -6.13 7.79 28.10
C ARG B 1320 -6.57 9.24 28.23
N ALA B 1321 -6.58 9.97 27.12
CA ALA B 1321 -7.00 11.36 27.14
C ALA B 1321 -8.47 11.48 27.55
N SER B 1322 -9.33 10.61 27.00
CA SER B 1322 -10.74 10.64 27.37
C SER B 1322 -10.92 10.35 28.86
N LEU B 1323 -10.20 9.35 29.38
CA LEU B 1323 -10.32 9.00 30.79
C LEU B 1323 -9.78 10.12 31.68
N LEU B 1324 -8.70 10.78 31.27
CA LEU B 1324 -8.18 11.91 32.03
C LEU B 1324 -9.16 13.08 32.04
N LEU B 1325 -9.82 13.34 30.92
CA LEU B 1325 -10.85 14.37 30.89
C LEU B 1325 -12.01 14.03 31.82
N ILE B 1326 -12.42 12.76 31.84
CA ILE B 1326 -13.48 12.36 32.77
C ILE B 1326 -13.02 12.50 34.21
N TRP B 1327 -11.75 12.19 34.49
CA TRP B 1327 -11.20 12.38 35.83
C TRP B 1327 -11.22 13.85 36.24
N ALA B 1328 -10.85 14.74 35.31
CA ALA B 1328 -10.90 16.17 35.59
C ALA B 1328 -12.32 16.62 35.88
N LEU B 1329 -13.28 16.13 35.09
CA LEU B 1329 -14.67 16.50 35.33
C LEU B 1329 -15.16 16.00 36.68
N THR B 1330 -14.72 14.80 37.07
CA THR B 1330 -15.06 14.27 38.39
C THR B 1330 -14.48 15.15 39.50
N LYS B 1331 -13.23 15.58 39.35
CA LYS B 1331 -12.62 16.47 40.32
C LYS B 1331 -13.31 17.83 40.36
N LEU B 1332 -13.91 18.24 39.24
CA LEU B 1332 -14.64 19.50 39.20
C LEU B 1332 -15.95 19.43 39.96
N GLY B 1333 -16.73 18.38 39.73
CA GLY B 1333 -18.05 18.25 40.34
C GLY B 1333 -18.03 18.14 41.85
N THR B 1339 -23.36 26.99 40.02
CA THR B 1339 -22.32 27.33 40.99
C THR B 1339 -21.26 28.21 40.36
N THR B 1340 -20.47 28.88 41.21
CA THR B 1340 -19.40 29.74 40.72
C THR B 1340 -18.33 28.92 40.00
N GLN B 1341 -18.00 27.75 40.54
CA GLN B 1341 -17.01 26.83 39.99
C GLN B 1341 -15.61 27.40 40.06
N LEU B 1342 -14.60 26.54 39.98
CA LEU B 1342 -13.23 26.95 40.23
C LEU B 1342 -12.69 27.90 39.17
N PHE B 1343 -13.34 28.02 38.03
CA PHE B 1343 -12.84 28.89 36.96
C PHE B 1343 -12.94 30.36 37.30
N ALA B 1344 -13.75 30.72 38.30
CA ALA B 1344 -14.03 32.13 38.55
C ALA B 1344 -12.77 32.90 38.95
N SER B 1345 -11.86 32.25 39.68
CA SER B 1345 -10.66 32.94 40.12
C SER B 1345 -9.73 33.30 38.96
N SER B 1346 -9.80 32.56 37.85
CA SER B 1346 -8.92 32.80 36.72
C SER B 1346 -9.53 33.75 35.69
N TRP B 1347 -10.74 34.24 35.92
CA TRP B 1347 -11.41 35.13 34.97
C TRP B 1347 -11.69 36.46 35.65
N GLY B 1348 -11.38 37.55 34.96
CA GLY B 1348 -11.55 38.86 35.55
C GLY B 1348 -12.99 39.24 35.81
N TRP B 1349 -13.89 38.86 34.90
CA TRP B 1349 -15.28 39.24 35.00
C TRP B 1349 -16.11 38.09 35.58
N GLN B 1350 -16.67 38.33 36.76
CA GLN B 1350 -17.65 37.43 37.34
C GLN B 1350 -19.02 38.05 37.22
N PRO B 1351 -20.00 37.32 36.68
CA PRO B 1351 -21.30 37.93 36.38
C PRO B 1351 -21.96 38.50 37.61
N PRO B 1352 -22.61 39.68 37.49
CA PRO B 1352 -23.29 40.32 38.62
C PRO B 1352 -24.60 39.62 38.97
N GLY B 1582 -0.68 20.51 40.77
CA GLY B 1582 0.21 20.91 41.84
C GLY B 1582 -0.37 20.67 43.22
N LEU B 1583 -0.84 21.75 43.85
CA LEU B 1583 -1.43 21.67 45.18
C LEU B 1583 -2.94 21.94 45.11
N SER B 1584 -3.35 23.05 44.52
CA SER B 1584 -4.77 23.34 44.37
C SER B 1584 -5.42 22.36 43.42
N THR B 1585 -6.74 22.19 43.56
CA THR B 1585 -7.46 21.29 42.68
C THR B 1585 -7.37 21.76 41.23
N LEU B 1586 -7.44 23.07 41.02
CA LEU B 1586 -7.36 23.62 39.67
C LEU B 1586 -6.02 23.28 39.02
N ASP B 1587 -4.93 23.38 39.78
CA ASP B 1587 -3.61 23.07 39.22
C ASP B 1587 -3.51 21.61 38.80
N SER B 1588 -4.01 20.69 39.63
CA SER B 1588 -3.98 19.28 39.28
C SER B 1588 -4.83 19.01 38.04
N ILE B 1589 -6.00 19.65 37.96
CA ILE B 1589 -6.85 19.49 36.78
C ILE B 1589 -6.12 19.98 35.54
N CYS B 1590 -5.46 21.12 35.63
CA CYS B 1590 -4.73 21.65 34.48
C CYS B 1590 -3.59 20.73 34.07
N ASP B 1591 -2.86 20.16 35.02
CA ASP B 1591 -1.78 19.25 34.68
C ASP B 1591 -2.31 18.00 33.98
N SER B 1592 -3.39 17.43 34.50
CA SER B 1592 -3.98 16.26 33.86
C SER B 1592 -4.44 16.57 32.43
N LEU B 1593 -5.11 17.71 32.25
CA LEU B 1593 -5.58 18.07 30.92
C LEU B 1593 -4.42 18.37 29.98
N SER B 1594 -3.31 18.91 30.51
CA SER B 1594 -2.14 19.14 29.67
C SER B 1594 -1.55 17.83 29.19
N VAL B 1595 -1.47 16.84 30.08
CA VAL B 1595 -0.98 15.52 29.66
C VAL B 1595 -1.87 14.94 28.58
N ALA B 1596 -3.20 15.02 28.77
CA ALA B 1596 -4.11 14.49 27.76
C ALA B 1596 -3.99 15.23 26.44
N PHE B 1597 -3.92 16.56 26.50
CA PHE B 1597 -3.78 17.37 25.29
C PHE B 1597 -2.54 16.98 24.51
N ARG B 1598 -1.39 16.88 25.18
CA ARG B 1598 -0.19 16.44 24.48
C ARG B 1598 -0.29 15.00 24.03
N GLY B 1599 -1.14 14.20 24.67
CA GLY B 1599 -1.38 12.86 24.18
C GLY B 1599 -2.16 12.78 22.88
N ILE B 1600 -3.04 13.74 22.59
CA ILE B 1600 -3.85 13.65 21.38
C ILE B 1600 -3.56 14.74 20.35
N SER B 1601 -2.79 15.79 20.66
CA SER B 1601 -2.78 16.97 19.81
C SER B 1601 -2.16 16.71 18.44
N HIS B 1602 -1.41 15.62 18.28
CA HIS B 1602 -0.75 15.36 17.01
C HIS B 1602 -1.73 14.86 15.95
N CYS B 1603 -2.77 14.14 16.37
CA CYS B 1603 -3.84 13.70 15.48
C CYS B 1603 -5.10 13.61 16.32
N PRO B 1604 -5.76 14.73 16.56
CA PRO B 1604 -6.81 14.77 17.56
C PRO B 1604 -8.14 14.32 17.02
N PRO B 1605 -8.90 13.53 17.79
CA PRO B 1605 -10.32 13.36 17.50
C PRO B 1605 -11.06 14.66 17.76
N SER B 1606 -12.06 14.94 16.92
CA SER B 1606 -12.68 16.27 16.91
C SER B 1606 -13.35 16.59 18.25
N GLY B 1607 -14.24 15.70 18.71
CA GLY B 1607 -15.01 16.00 19.91
C GLY B 1607 -14.14 16.06 21.16
N LEU B 1608 -13.25 15.09 21.32
CA LEU B 1608 -12.37 15.08 22.49
C LEU B 1608 -11.44 16.28 22.50
N TYR B 1609 -10.90 16.63 21.33
CA TYR B 1609 -10.03 17.81 21.24
C TYR B 1609 -10.78 19.08 21.62
N ALA B 1610 -12.01 19.24 21.11
CA ALA B 1610 -12.79 20.42 21.44
C ALA B 1610 -13.07 20.50 22.93
N HIS B 1611 -13.51 19.38 23.51
CA HIS B 1611 -13.80 19.34 24.95
C HIS B 1611 -12.56 19.71 25.75
N LEU B 1612 -11.44 19.06 25.45
CA LEU B 1612 -10.19 19.29 26.19
C LEU B 1612 -9.75 20.74 26.06
N CYS B 1613 -9.77 21.28 24.85
CA CYS B 1613 -9.29 22.63 24.63
C CYS B 1613 -10.14 23.66 25.36
N ARG B 1614 -11.46 23.53 25.28
CA ARG B 1614 -12.31 24.51 25.95
C ARG B 1614 -12.26 24.37 27.47
N PHE B 1615 -12.14 23.14 27.98
CA PHE B 1615 -11.99 22.97 29.43
C PHE B 1615 -10.68 23.59 29.91
N LEU B 1616 -9.59 23.37 29.18
CA LEU B 1616 -8.31 23.97 29.55
C LEU B 1616 -8.36 25.49 29.43
N ALA B 1617 -9.08 26.02 28.44
CA ALA B 1617 -9.24 27.46 28.32
C ALA B 1617 -10.01 28.03 29.51
N LEU B 1618 -11.06 27.33 29.94
CA LEU B 1618 -11.78 27.76 31.14
C LEU B 1618 -10.87 27.76 32.36
N CYS B 1619 -10.06 26.72 32.52
CA CYS B 1619 -9.21 26.62 33.69
C CYS B 1619 -8.11 27.67 33.68
N LEU B 1620 -7.50 27.92 32.52
CA LEU B 1620 -6.39 28.86 32.44
C LEU B 1620 -6.85 30.29 32.60
N GLY B 1621 -7.95 30.65 31.93
CA GLY B 1621 -8.51 31.98 32.10
C GLY B 1621 -7.55 33.08 31.68
N HIS B 1622 -7.54 34.16 32.46
CA HIS B 1622 -6.67 35.30 32.20
C HIS B 1622 -5.31 35.15 32.84
N ARG B 1623 -5.03 33.99 33.45
CA ARG B 1623 -3.69 33.71 33.96
C ARG B 1623 -2.69 33.59 32.80
N ASP B 1624 -3.13 33.06 31.67
CA ASP B 1624 -2.34 33.05 30.43
C ASP B 1624 -3.28 33.44 29.28
N PRO B 1625 -3.37 34.74 28.97
CA PRO B 1625 -4.29 35.16 27.90
C PRO B 1625 -3.99 34.53 26.56
N TYR B 1626 -2.71 34.39 26.22
CA TYR B 1626 -2.36 33.85 24.91
C TYR B 1626 -2.65 32.36 24.82
N ALA B 1627 -2.38 31.61 25.88
CA ALA B 1627 -2.73 30.20 25.89
C ALA B 1627 -4.24 30.00 25.83
N THR B 1628 -5.00 30.81 26.56
CA THR B 1628 -6.45 30.72 26.50
C THR B 1628 -6.96 30.98 25.08
N ALA B 1629 -6.45 32.03 24.44
CA ALA B 1629 -6.88 32.33 23.08
C ALA B 1629 -6.49 31.22 22.11
N PHE B 1630 -5.31 30.64 22.28
CA PHE B 1630 -4.89 29.53 21.45
C PHE B 1630 -5.82 28.33 21.62
N LEU B 1631 -6.18 28.03 22.87
CA LEU B 1631 -7.03 26.87 23.14
C LEU B 1631 -8.43 27.06 22.59
N VAL B 1632 -8.98 28.27 22.70
CA VAL B 1632 -10.31 28.52 22.15
C VAL B 1632 -10.29 28.41 20.63
N THR B 1633 -9.25 28.95 19.99
CA THR B 1633 -9.15 28.91 18.54
C THR B 1633 -9.00 27.48 18.04
N GLU B 1634 -8.20 26.67 18.73
CA GLU B 1634 -7.91 25.32 18.27
C GLU B 1634 -9.11 24.38 18.33
N SER B 1635 -10.17 24.78 19.03
CA SER B 1635 -11.27 23.85 19.30
C SER B 1635 -12.37 23.86 18.25
N VAL B 1636 -12.28 24.72 17.23
CA VAL B 1636 -13.34 24.84 16.23
C VAL B 1636 -12.87 24.25 14.90
N SER B 1637 -13.73 23.43 14.30
CA SER B 1637 -13.57 22.89 12.96
C SER B 1637 -12.27 22.09 12.80
N ILE B 1638 -12.19 21.00 13.56
CA ILE B 1638 -11.03 20.12 13.44
C ILE B 1638 -11.19 19.14 12.28
N THR B 1639 -12.41 18.65 12.05
CA THR B 1639 -12.65 17.74 10.93
C THR B 1639 -12.36 18.43 9.61
N CYS B 1640 -12.74 19.71 9.49
CA CYS B 1640 -12.42 20.47 8.30
C CYS B 1640 -10.91 20.61 8.12
N ARG B 1641 -10.17 20.72 9.22
CA ARG B 1641 -8.71 20.76 9.16
C ARG B 1641 -8.15 19.44 8.64
N HIS B 1642 -8.66 18.31 9.14
CA HIS B 1642 -8.22 17.01 8.63
C HIS B 1642 -8.51 16.86 7.14
N GLN B 1643 -9.71 17.23 6.73
CA GLN B 1643 -10.10 17.11 5.32
C GLN B 1643 -9.25 18.01 4.45
N LEU B 1644 -8.95 19.22 4.91
CA LEU B 1644 -8.10 20.11 4.14
C LEU B 1644 -6.68 19.55 4.02
N LEU B 1645 -6.17 18.94 5.09
CA LEU B 1645 -4.85 18.32 5.00
C LEU B 1645 -4.83 17.20 3.96
N THR B 1646 -5.86 16.36 3.96
CA THR B 1646 -5.94 15.29 2.96
C THR B 1646 -6.04 15.86 1.54
N HIS B 1647 -6.86 16.90 1.37
CA HIS B 1647 -7.02 17.51 0.06
C HIS B 1647 -5.72 18.14 -0.42
N LEU B 1648 -4.98 18.77 0.49
CA LEU B 1648 -3.68 19.33 0.15
C LEU B 1648 -2.69 18.26 -0.26
N HIS B 1649 -2.69 17.12 0.44
CA HIS B 1649 -1.82 16.02 0.03
C HIS B 1649 -2.18 15.54 -1.37
N ARG B 1650 -3.48 15.40 -1.65
CA ARG B 1650 -3.90 15.00 -2.98
C ARG B 1650 -3.43 15.99 -4.03
N GLN B 1651 -3.56 17.28 -3.76
CA GLN B 1651 -3.17 18.29 -4.74
C GLN B 1651 -1.68 18.32 -4.97
N LEU B 1652 -0.89 18.18 -3.90
CA LEU B 1652 0.56 18.11 -4.04
C LEU B 1652 0.98 16.88 -4.84
N SER B 1653 0.35 15.73 -4.58
CA SER B 1653 0.66 14.54 -5.36
C SER B 1653 0.28 14.71 -6.82
N LYS B 1654 -0.86 15.34 -7.10
CA LYS B 1654 -1.27 15.60 -8.47
C LYS B 1654 -0.27 16.51 -9.18
N ALA B 1655 0.17 17.56 -8.50
CA ALA B 1655 1.15 18.47 -9.10
C ALA B 1655 2.47 17.76 -9.36
N GLN B 1656 2.94 16.98 -8.39
CA GLN B 1656 4.21 16.27 -8.55
C GLN B 1656 4.13 15.27 -9.69
N LYS B 1657 3.01 14.56 -9.81
CA LYS B 1657 2.86 13.61 -10.91
C LYS B 1657 2.87 14.33 -12.26
N HIS B 1658 2.21 15.48 -12.33
CA HIS B 1658 2.13 16.23 -13.58
C HIS B 1658 3.15 17.37 -13.61
N ASP B 1679 3.14 25.10 -5.84
CA ASP B 1679 3.22 24.14 -4.75
C ASP B 1679 3.74 24.80 -3.47
N VAL B 1680 4.42 25.94 -3.63
CA VAL B 1680 4.90 26.72 -2.49
C VAL B 1680 3.73 27.20 -1.65
N PRO B 1681 2.67 27.79 -2.23
CA PRO B 1681 1.49 28.10 -1.40
C PRO B 1681 0.89 26.86 -0.76
N LEU B 1682 0.88 25.74 -1.47
CA LEU B 1682 0.35 24.50 -0.89
C LEU B 1682 1.18 24.04 0.29
N ALA B 1683 2.51 24.13 0.18
CA ALA B 1683 3.37 23.75 1.30
C ALA B 1683 3.16 24.68 2.49
N ARG B 1684 3.02 25.99 2.23
CA ARG B 1684 2.77 26.93 3.32
C ARG B 1684 1.43 26.64 4.00
N ILE B 1685 0.39 26.34 3.21
CA ILE B 1685 -0.91 26.03 3.80
C ILE B 1685 -0.86 24.74 4.60
N GLN B 1686 -0.13 23.74 4.10
CA GLN B 1686 0.02 22.49 4.86
C GLN B 1686 0.72 22.73 6.18
N ARG B 1687 1.78 23.54 6.18
CA ARG B 1687 2.45 23.87 7.43
C ARG B 1687 1.53 24.67 8.35
N LEU B 1688 0.70 25.54 7.80
CA LEU B 1688 -0.24 26.31 8.61
C LEU B 1688 -1.26 25.40 9.28
N PHE B 1689 -1.78 24.41 8.56
CA PHE B 1689 -2.80 23.52 9.08
C PHE B 1689 -2.22 22.26 9.73
N SER B 1690 -0.90 22.12 9.77
CA SER B 1690 -0.27 20.93 10.32
C SER B 1690 -0.50 20.85 11.83
N PHE B 1691 -0.45 19.62 12.34
CA PHE B 1691 -0.50 19.38 13.77
C PHE B 1691 0.88 19.18 14.40
N ARG B 1692 1.92 18.98 13.60
CA ARG B 1692 3.23 18.60 14.11
C ARG B 1692 4.27 19.71 13.92
N ALA B 1693 3.86 20.89 13.50
CA ALA B 1693 4.79 21.99 13.21
C ALA B 1693 5.07 22.82 14.46
N LEU B 1694 5.60 22.14 15.47
CA LEU B 1694 5.84 22.75 16.77
C LEU B 1694 7.26 22.46 17.23
N GLU B 1695 7.86 23.43 17.93
CA GLU B 1695 9.15 23.21 18.55
C GLU B 1695 9.01 22.33 19.78
N SER B 1696 10.14 21.85 20.27
CA SER B 1696 10.13 21.07 21.50
C SER B 1696 9.97 21.99 22.70
N GLY B 1697 9.27 21.50 23.71
CA GLY B 1697 9.11 22.28 24.93
C GLY B 1697 8.03 21.69 25.81
N HIS B 1698 7.74 22.41 26.88
CA HIS B 1698 6.70 22.04 27.84
C HIS B 1698 5.45 22.86 27.58
N PHE B 1699 4.31 22.28 27.91
CA PHE B 1699 3.03 22.92 27.61
C PHE B 1699 2.90 24.21 28.42
N PRO B 1700 2.47 25.31 27.80
CA PRO B 1700 2.10 25.49 26.39
C PRO B 1700 3.06 26.36 25.60
N GLN B 1701 4.36 26.35 25.89
CA GLN B 1701 5.30 27.28 25.25
C GLN B 1701 5.33 27.16 23.73
N PRO B 1702 5.55 25.99 23.13
CA PRO B 1702 5.60 25.95 21.66
C PRO B 1702 4.28 26.31 21.01
N GLU B 1703 3.18 25.92 21.65
CA GLU B 1703 1.86 26.27 21.13
C GLU B 1703 1.64 27.78 21.18
N LYS B 1704 2.08 28.43 22.25
CA LYS B 1704 1.98 29.88 22.33
C LYS B 1704 2.85 30.57 21.29
N GLU B 1705 4.06 30.05 21.06
CA GLU B 1705 4.91 30.63 20.01
C GLU B 1705 4.28 30.49 18.63
N SER B 1706 3.73 29.32 18.33
CA SER B 1706 3.05 29.12 17.05
C SER B 1706 1.85 30.04 16.92
N PHE B 1707 1.09 30.22 18.00
CA PHE B 1707 -0.05 31.12 17.98
C PHE B 1707 0.39 32.56 17.70
N GLN B 1708 1.44 33.02 18.38
CA GLN B 1708 1.93 34.37 18.16
C GLN B 1708 2.44 34.54 16.74
N GLU B 1709 3.02 33.49 16.16
CA GLU B 1709 3.38 33.54 14.74
C GLU B 1709 2.14 33.69 13.88
N ARG B 1710 1.07 32.96 14.20
CA ARG B 1710 -0.17 33.09 13.45
C ARG B 1710 -0.81 34.45 13.68
N LEU B 1711 -0.70 34.99 14.89
CA LEU B 1711 -1.27 36.30 15.19
C LEU B 1711 -0.62 37.41 14.38
N ALA B 1712 0.66 37.25 14.03
CA ALA B 1712 1.35 38.30 13.29
C ALA B 1712 0.87 38.39 11.84
N LEU B 1713 0.21 37.35 11.33
CA LEU B 1713 -0.24 37.32 9.95
C LEU B 1713 -1.67 37.81 9.77
N ILE B 1714 -2.34 38.24 10.85
CA ILE B 1714 -3.73 38.71 10.72
C ILE B 1714 -3.74 39.97 9.86
N PRO B 1715 -4.60 40.04 8.84
CA PRO B 1715 -4.68 41.28 8.05
C PRO B 1715 -5.24 42.43 8.89
N SER B 1716 -4.83 43.64 8.53
CA SER B 1716 -5.33 44.82 9.21
C SER B 1716 -6.77 45.10 8.80
N GLY B 1717 -7.55 45.59 9.76
CA GLY B 1717 -8.94 45.88 9.52
C GLY B 1717 -9.88 44.71 9.73
N VAL B 1718 -9.35 43.53 9.99
CA VAL B 1718 -10.16 42.33 10.19
C VAL B 1718 -10.21 42.01 11.68
N THR B 1719 -11.43 41.92 12.21
CA THR B 1719 -11.66 41.50 13.58
C THR B 1719 -12.17 40.08 13.55
N VAL B 1720 -11.50 39.19 14.29
CA VAL B 1720 -11.88 37.79 14.36
C VAL B 1720 -12.45 37.53 15.73
N CYS B 1721 -13.69 37.07 15.78
CA CYS B 1721 -14.36 36.72 17.02
C CYS B 1721 -14.75 35.26 16.96
N VAL B 1722 -14.24 34.48 17.91
CA VAL B 1722 -14.50 33.05 17.98
C VAL B 1722 -15.47 32.81 19.12
N LEU B 1723 -16.67 32.37 18.77
CA LEU B 1723 -17.70 32.05 19.75
C LEU B 1723 -17.78 30.54 19.90
N ALA B 1724 -17.61 30.05 21.12
CA ALA B 1724 -17.58 28.62 21.39
C ALA B 1724 -18.37 28.33 22.65
N LEU B 1725 -18.93 27.13 22.71
CA LEU B 1725 -19.73 26.68 23.84
C LEU B 1725 -18.90 25.73 24.68
N ALA B 1726 -18.76 26.03 25.97
CA ALA B 1726 -17.97 25.22 26.88
C ALA B 1726 -18.85 24.11 27.43
N THR B 1727 -18.50 22.87 27.13
CA THR B 1727 -19.28 21.71 27.52
C THR B 1727 -18.62 21.01 28.69
N LEU B 1728 -19.37 20.86 29.80
CA LEU B 1728 -18.87 20.21 31.00
C LEU B 1728 -19.37 18.78 31.12
N GLN B 1729 -19.98 18.25 30.07
CA GLN B 1729 -20.41 16.86 30.00
C GLN B 1729 -20.44 16.44 28.54
N PRO B 1730 -19.57 15.51 28.12
CA PRO B 1730 -19.61 15.02 26.74
C PRO B 1730 -20.98 14.54 26.32
N GLY B 1731 -21.45 14.98 25.14
CA GLY B 1731 -22.76 14.64 24.67
C GLY B 1731 -23.84 15.65 24.99
N THR B 1732 -23.52 16.69 25.76
CA THR B 1732 -24.48 17.72 26.12
C THR B 1732 -24.09 19.04 25.47
N VAL B 1733 -24.92 20.04 25.70
CA VAL B 1733 -24.68 21.40 25.21
C VAL B 1733 -24.50 22.32 26.41
N GLY B 1734 -23.35 22.99 26.45
CA GLY B 1734 -23.04 23.82 27.60
C GLY B 1734 -23.79 25.13 27.58
N ASN B 1735 -23.82 25.78 28.75
CA ASN B 1735 -24.41 27.11 28.91
C ASN B 1735 -23.36 28.16 29.23
N THR B 1736 -22.10 27.88 28.90
CA THR B 1736 -21.00 28.82 29.05
C THR B 1736 -20.49 29.19 27.67
N LEU B 1737 -20.38 30.49 27.41
CA LEU B 1737 -19.96 30.99 26.11
C LEU B 1737 -18.55 31.55 26.20
N LEU B 1738 -17.66 31.04 25.35
CA LEU B 1738 -16.29 31.50 25.28
C LEU B 1738 -16.15 32.41 24.07
N LEU B 1739 -15.71 33.64 24.30
CA LEU B 1739 -15.56 34.64 23.27
C LEU B 1739 -14.12 35.11 23.24
N THR B 1740 -13.52 35.09 22.06
CA THR B 1740 -12.13 35.53 21.87
C THR B 1740 -12.08 36.51 20.72
N ARG B 1741 -11.52 37.69 20.96
CA ARG B 1741 -11.38 38.73 19.95
C ARG B 1741 -9.92 38.81 19.51
N LEU B 1742 -9.65 38.43 18.27
CA LEU B 1742 -8.30 38.41 17.73
C LEU B 1742 -8.17 39.53 16.71
N GLU B 1743 -7.24 40.43 16.96
CA GLU B 1743 -6.97 41.57 16.08
C GLU B 1743 -5.47 41.67 15.82
N LYS B 1744 -5.11 42.51 14.86
CA LYS B 1744 -3.70 42.73 14.55
C LYS B 1744 -3.11 43.75 15.50
N ASP B 1745 -1.90 43.45 15.99
CA ASP B 1745 -1.14 44.32 16.88
C ASP B 1745 -1.87 44.60 18.19
N SER B 1746 -2.78 43.71 18.59
CA SER B 1746 -3.48 43.85 19.86
C SER B 1746 -3.42 42.51 20.59
N PRO B 1747 -3.20 42.51 21.90
CA PRO B 1747 -3.23 41.26 22.66
C PRO B 1747 -4.62 40.63 22.59
N PRO B 1748 -4.70 39.31 22.56
CA PRO B 1748 -6.01 38.65 22.43
C PRO B 1748 -6.83 38.85 23.69
N VAL B 1749 -8.11 39.15 23.49
CA VAL B 1749 -9.04 39.38 24.59
C VAL B 1749 -10.03 38.23 24.63
N SER B 1750 -10.16 37.61 25.81
CA SER B 1750 -11.08 36.45 25.96
C SER B 1750 -12.01 36.70 27.14
N VAL B 1751 -13.28 36.30 27.00
CA VAL B 1751 -14.28 36.51 28.08
C VAL B 1751 -15.17 35.25 28.19
N GLN B 1752 -15.52 34.84 29.41
CA GLN B 1752 -16.46 33.71 29.60
C GLN B 1752 -17.80 34.30 30.06
N ILE B 1753 -18.88 33.94 29.39
CA ILE B 1753 -20.23 34.43 29.79
C ILE B 1753 -21.04 33.22 30.28
N PRO B 1754 -21.22 33.04 31.60
CA PRO B 1754 -22.05 31.96 32.12
C PRO B 1754 -23.52 32.32 31.94
N THR B 1755 -24.24 31.53 31.14
CA THR B 1755 -25.64 31.88 30.83
C THR B 1755 -26.59 30.99 31.60
N GLY B 1756 -26.08 29.97 32.28
CA GLY B 1756 -26.92 29.03 33.04
C GLY B 1756 -27.69 29.74 34.14
N GLN B 1757 -27.13 30.81 34.68
CA GLN B 1757 -27.78 31.57 35.79
C GLN B 1757 -29.03 32.30 35.29
N ASN B 1758 -28.97 32.93 34.11
CA ASN B 1758 -30.10 33.73 33.60
C ASN B 1758 -31.28 32.83 33.20
N LYS B 1759 -32.49 33.36 33.21
CA LYS B 1759 -33.69 32.59 32.78
C LYS B 1759 -33.55 32.28 31.29
N LEU B 1760 -33.04 33.24 30.50
CA LEU B 1760 -32.78 32.94 29.06
C LEU B 1760 -31.34 32.42 28.95
N HIS B 1761 -31.19 31.10 28.78
CA HIS B 1761 -29.83 30.50 28.70
C HIS B 1761 -29.57 30.08 27.25
N LEU B 1762 -28.32 29.75 26.92
CA LEU B 1762 -27.99 29.42 25.50
C LEU B 1762 -28.77 28.17 25.06
N ARG B 1763 -28.91 27.19 25.95
CA ARG B 1763 -29.60 25.93 25.60
C ARG B 1763 -31.05 26.26 25.24
N SER B 1764 -31.66 27.22 25.94
CA SER B 1764 -33.05 27.65 25.64
C SER B 1764 -33.12 28.22 24.22
N VAL B 1765 -32.17 29.07 23.85
CA VAL B 1765 -32.18 29.70 22.53
C VAL B 1765 -32.09 28.64 21.44
N LEU B 1766 -31.20 27.66 21.61
CA LEU B 1766 -31.07 26.61 20.61
C LEU B 1766 -32.34 25.77 20.52
N ASN B 1767 -32.95 25.46 21.68
CA ASN B 1767 -34.19 24.69 21.67
C ASN B 1767 -35.32 25.46 20.98
N GLU B 1768 -35.41 26.77 21.22
CA GLU B 1768 -36.43 27.56 20.55
C GLU B 1768 -36.19 27.63 19.05
N PHE B 1769 -34.93 27.73 18.63
CA PHE B 1769 -34.62 27.72 17.20
C PHE B 1769 -35.07 26.41 16.56
N ASP B 1770 -34.78 25.28 17.21
CA ASP B 1770 -35.20 24.00 16.66
C ASP B 1770 -36.72 23.84 16.66
N ALA B 1771 -37.39 24.37 17.69
CA ALA B 1771 -38.85 24.34 17.72
C ALA B 1771 -39.44 25.15 16.57
N ILE B 1772 -38.84 26.32 16.29
CA ILE B 1772 -39.31 27.15 15.17
C ILE B 1772 -39.14 26.41 13.86
N GLN B 1773 -38.00 25.73 13.68
CA GLN B 1773 -37.81 24.95 12.45
C GLN B 1773 -38.85 23.84 12.32
N LYS B 1774 -39.12 23.13 13.42
CA LYS B 1774 -40.09 22.04 13.39
C LYS B 1774 -41.49 22.57 13.06
N ALA B 1775 -41.88 23.68 13.67
CA ALA B 1775 -43.19 24.26 13.39
C ALA B 1775 -43.28 24.75 11.95
N GLN B 1776 -42.18 25.29 11.42
CA GLN B 1776 -42.15 25.69 10.01
C GLN B 1776 -42.40 24.50 9.10
N LYS B 1777 -41.78 23.36 9.41
CA LYS B 1777 -42.06 22.15 8.65
C LYS B 1777 -43.52 21.73 8.78
N GLU B 1778 -44.07 21.82 10.00
CA GLU B 1778 -45.46 21.39 10.21
C GLU B 1778 -46.45 22.34 9.53
N ASN B 1779 -46.14 23.63 9.50
CA ASN B 1779 -47.09 24.61 8.99
C ASN B 1779 -47.32 24.46 7.49
N SER B 1780 -46.30 23.98 6.75
CA SER B 1780 -46.44 23.86 5.30
C SER B 1780 -47.50 22.83 4.91
N SER B 1781 -47.86 21.93 5.83
CA SER B 1781 -48.88 20.93 5.53
C SER B 1781 -50.27 21.55 5.45
N CYS B 1782 -50.47 22.70 6.07
CA CYS B 1782 -51.80 23.32 6.11
C CYS B 1782 -52.24 23.72 4.70
N THR B 1783 -53.52 23.49 4.43
CA THR B 1783 -54.11 23.85 3.14
C THR B 1783 -54.90 25.14 3.18
N ASP B 1784 -55.32 25.59 4.36
CA ASP B 1784 -56.02 26.87 4.48
C ASP B 1784 -55.02 28.01 4.39
N LYS B 1785 -55.20 28.89 3.40
CA LYS B 1785 -54.22 29.99 3.19
C LYS B 1785 -54.17 30.94 4.41
N ARG B 1786 -55.33 31.32 4.95
CA ARG B 1786 -55.34 32.28 6.05
C ARG B 1786 -54.66 31.70 7.29
N GLU B 1787 -54.95 30.44 7.63
CA GLU B 1787 -54.27 29.81 8.75
C GLU B 1787 -52.79 29.64 8.46
N TRP B 1788 -52.44 29.34 7.21
CA TRP B 1788 -51.03 29.24 6.82
C TRP B 1788 -50.31 30.56 7.09
N TRP B 1789 -50.90 31.68 6.70
CA TRP B 1789 -50.24 32.96 6.92
C TRP B 1789 -50.23 33.36 8.38
N THR B 1790 -51.26 32.99 9.15
CA THR B 1790 -51.24 33.26 10.57
C THR B 1790 -50.08 32.52 11.24
N GLY B 1791 -49.89 31.26 10.89
CA GLY B 1791 -48.76 30.51 11.42
C GLY B 1791 -47.43 31.09 11.00
N ARG B 1792 -47.32 31.51 9.73
CA ARG B 1792 -46.08 32.12 9.27
C ARG B 1792 -45.75 33.40 10.03
N LEU B 1793 -46.76 34.24 10.26
CA LEU B 1793 -46.53 35.49 10.99
C LEU B 1793 -46.12 35.21 12.44
N ALA B 1794 -46.76 34.23 13.07
CA ALA B 1794 -46.34 33.87 14.43
C ALA B 1794 -44.91 33.37 14.46
N LEU B 1795 -44.51 32.56 13.47
CA LEU B 1795 -43.14 32.08 13.41
C LEU B 1795 -42.16 33.24 13.22
N ASP B 1796 -42.52 34.22 12.39
CA ASP B 1796 -41.66 35.38 12.20
C ASP B 1796 -41.48 36.15 13.49
N HIS B 1797 -42.56 36.33 14.26
CA HIS B 1797 -42.44 37.03 15.53
C HIS B 1797 -41.55 36.25 16.51
N ARG B 1798 -41.70 34.92 16.54
CA ARG B 1798 -40.85 34.11 17.39
C ARG B 1798 -39.38 34.28 17.00
N MET B 1799 -39.08 34.29 15.71
CA MET B 1799 -37.71 34.49 15.25
C MET B 1799 -37.16 35.85 15.69
N GLU B 1800 -37.98 36.90 15.56
CA GLU B 1800 -37.54 38.23 15.98
C GLU B 1800 -37.22 38.25 17.46
N VAL B 1801 -38.08 37.64 18.27
CA VAL B 1801 -37.82 37.58 19.71
C VAL B 1801 -36.55 36.79 19.98
N LEU B 1802 -36.29 35.74 19.20
CA LEU B 1802 -35.08 34.95 19.39
C LEU B 1802 -33.82 35.76 19.12
N ILE B 1803 -33.82 36.56 18.05
CA ILE B 1803 -32.64 37.36 17.74
C ILE B 1803 -32.42 38.44 18.80
N ALA B 1804 -33.52 39.08 19.24
CA ALA B 1804 -33.42 40.05 20.32
C ALA B 1804 -32.86 39.40 21.58
N SER B 1805 -33.34 38.19 21.89
CA SER B 1805 -32.84 37.47 23.06
C SER B 1805 -31.36 37.16 22.93
N LEU B 1806 -30.90 36.75 21.75
CA LEU B 1806 -29.47 36.60 21.54
C LEU B 1806 -28.74 37.86 22.00
N GLU B 1807 -29.02 38.98 21.33
CA GLU B 1807 -28.21 40.18 21.59
C GLU B 1807 -28.31 40.63 23.04
N LYS B 1808 -29.50 40.56 23.64
CA LYS B 1808 -29.67 41.16 24.95
C LYS B 1808 -29.32 40.23 26.10
N SER B 1809 -29.63 38.93 26.00
CA SER B 1809 -29.50 38.03 27.14
C SER B 1809 -28.43 36.97 26.97
N VAL B 1810 -27.67 36.95 25.87
CA VAL B 1810 -26.53 36.05 25.77
C VAL B 1810 -25.22 36.81 25.82
N LEU B 1811 -25.10 37.86 25.03
CA LEU B 1811 -23.89 38.69 25.03
C LEU B 1811 -23.94 39.75 26.12
N GLY B 1812 -25.01 40.55 26.11
CA GLY B 1812 -25.14 41.64 27.09
C GLY B 1812 -24.20 42.78 26.78
N CYS B 1813 -23.50 43.29 27.80
CA CYS B 1813 -22.55 44.42 27.61
C CYS B 1813 -21.42 44.01 26.65
N TRP B 1814 -21.04 42.73 26.65
CA TRP B 1814 -19.87 42.28 25.83
C TRP B 1814 -20.17 42.37 24.33
N LYS B 1815 -21.40 42.71 23.93
CA LYS B 1815 -21.70 42.90 22.49
C LYS B 1815 -20.61 43.77 21.86
N GLY B 1816 -19.96 44.63 22.66
CA GLY B 1816 -18.93 45.51 22.15
C GLY B 1816 -17.65 44.79 21.75
N LEU B 1817 -17.43 43.58 22.28
CA LEU B 1817 -16.30 42.77 21.84
C LEU B 1817 -16.40 42.36 20.39
N LEU B 1818 -17.60 42.39 19.82
CA LEU B 1818 -17.78 42.08 18.40
C LEU B 1818 -17.66 43.31 17.51
N LEU B 1819 -17.71 44.51 18.09
CA LEU B 1819 -17.73 45.76 17.34
C LEU B 1819 -16.31 46.26 17.08
N PRO B 1820 -16.12 47.06 16.03
CA PRO B 1820 -14.78 47.52 15.69
C PRO B 1820 -14.21 48.50 16.70
N SER B 1821 -12.88 48.56 16.74
CA SER B 1821 -12.17 49.46 17.64
C SER B 1821 -11.79 50.74 16.90
N SER B 1822 -12.04 51.88 17.54
CA SER B 1822 -11.78 53.16 16.92
C SER B 1822 -10.28 53.40 16.76
N GLU B 1823 -9.93 54.17 15.73
CA GLU B 1823 -8.57 54.64 15.55
C GLU B 1823 -8.32 55.96 16.25
N GLU B 1824 -9.36 56.58 16.79
CA GLU B 1824 -9.18 57.84 17.51
C GLU B 1824 -8.45 57.57 18.83
N PRO B 1825 -7.63 58.51 19.30
CA PRO B 1825 -6.79 58.24 20.48
C PRO B 1825 -7.51 58.34 21.81
N GLY B 1826 -8.76 58.81 21.85
CA GLY B 1826 -9.48 58.99 23.08
C GLY B 1826 -9.65 57.75 23.94
N PRO B 1827 -10.17 56.67 23.34
CA PRO B 1827 -10.38 55.44 24.14
C PRO B 1827 -9.11 54.87 24.75
N ALA B 1828 -7.98 54.95 24.04
CA ALA B 1828 -6.74 54.42 24.59
C ALA B 1828 -6.31 55.20 25.84
N GLN B 1829 -6.38 56.53 25.78
CA GLN B 1829 -6.04 57.34 26.94
C GLN B 1829 -7.00 57.07 28.09
N GLU B 1830 -8.29 56.95 27.77
CA GLU B 1830 -9.27 56.65 28.81
C GLU B 1830 -8.98 55.33 29.49
N ALA B 1831 -8.68 54.30 28.71
CA ALA B 1831 -8.36 52.99 29.28
C ALA B 1831 -7.08 53.04 30.11
N SER B 1832 -6.07 53.78 29.63
CA SER B 1832 -4.82 53.88 30.38
C SER B 1832 -5.06 54.52 31.75
N ARG B 1833 -5.84 55.60 31.79
CA ARG B 1833 -6.16 56.22 33.08
C ARG B 1833 -6.98 55.27 33.95
N LEU B 1834 -7.96 54.61 33.35
CA LEU B 1834 -8.90 53.80 34.12
C LEU B 1834 -8.26 52.54 34.66
N GLN B 1835 -7.17 52.06 34.05
CA GLN B 1835 -6.60 50.79 34.47
C GLN B 1835 -6.15 50.81 35.93
N GLU B 1836 -5.44 51.86 36.33
CA GLU B 1836 -4.96 51.93 37.71
C GLU B 1836 -6.11 52.13 38.69
N LEU B 1837 -7.02 53.05 38.38
CA LEU B 1837 -8.13 53.33 39.29
C LEU B 1837 -9.04 52.12 39.45
N LEU B 1838 -9.23 51.34 38.38
CA LEU B 1838 -9.99 50.12 38.47
C LEU B 1838 -9.22 48.99 39.14
N GLN B 1839 -7.89 49.00 39.02
CA GLN B 1839 -7.09 48.05 39.79
C GLN B 1839 -7.24 48.30 41.28
N ASP B 1840 -7.40 49.57 41.67
CA ASP B 1840 -7.68 49.87 43.06
C ASP B 1840 -9.10 49.48 43.48
N CYS B 1841 -10.04 49.43 42.53
CA CYS B 1841 -11.41 49.07 42.86
C CYS B 1841 -11.62 47.57 43.01
N GLY B 1842 -10.68 46.75 42.56
CA GLY B 1842 -10.80 45.32 42.74
C GLY B 1842 -10.83 44.52 41.45
N TRP B 1843 -10.20 45.04 40.41
CA TRP B 1843 -10.08 44.29 39.15
C TRP B 1843 -8.89 43.35 39.27
N LYS B 1844 -9.16 42.04 39.21
CA LYS B 1844 -8.10 41.06 39.46
C LYS B 1844 -7.09 41.01 38.33
N TYR B 1845 -7.53 41.10 37.08
CA TYR B 1845 -6.67 40.98 35.91
C TYR B 1845 -6.88 42.20 35.03
N PRO B 1846 -6.24 43.33 35.36
CA PRO B 1846 -6.48 44.56 34.60
C PRO B 1846 -6.00 44.45 33.17
N ASP B 1847 -6.92 44.70 32.23
CA ASP B 1847 -6.66 44.56 30.81
C ASP B 1847 -6.95 45.89 30.14
N ARG B 1848 -5.90 46.56 29.66
CA ARG B 1848 -6.06 47.82 28.93
C ARG B 1848 -6.76 47.62 27.60
N THR B 1849 -6.49 46.53 26.90
CA THR B 1849 -7.13 46.29 25.61
C THR B 1849 -8.63 46.09 25.76
N LEU B 1850 -9.05 45.35 26.79
CA LEU B 1850 -10.48 45.14 27.01
C LEU B 1850 -11.19 46.45 27.29
N LEU B 1851 -10.60 47.30 28.13
CA LEU B 1851 -11.19 48.60 28.41
C LEU B 1851 -11.27 49.44 27.14
N LYS B 1852 -10.20 49.45 26.36
CA LYS B 1852 -10.17 50.24 25.13
C LYS B 1852 -11.25 49.77 24.16
N ILE B 1853 -11.42 48.46 24.00
CA ILE B 1853 -12.44 47.93 23.10
C ILE B 1853 -13.83 48.27 23.60
N MET B 1854 -14.08 48.10 24.91
CA MET B 1854 -15.39 48.44 25.44
C MET B 1854 -15.65 49.94 25.39
N LEU B 1855 -14.63 50.75 25.66
CA LEU B 1855 -14.77 52.20 25.62
C LEU B 1855 -14.83 52.75 24.20
N SER B 1856 -14.42 51.99 23.20
CA SER B 1856 -14.55 52.45 21.83
C SER B 1856 -16.00 52.43 21.35
N GLY B 1857 -16.86 51.67 22.02
CA GLY B 1857 -18.27 51.67 21.71
C GLY B 1857 -19.07 52.38 22.79
N ALA B 1858 -18.50 53.48 23.29
CA ALA B 1858 -19.14 54.21 24.39
C ALA B 1858 -20.40 54.92 23.94
N GLY B 1859 -20.54 55.19 22.65
CA GLY B 1859 -21.69 55.92 22.14
C GLY B 1859 -22.99 55.16 22.31
N ALA B 1860 -22.89 53.84 22.46
CA ALA B 1860 -24.08 52.99 22.61
C ALA B 1860 -24.13 52.22 23.91
N LEU B 1861 -23.15 52.37 24.80
CA LEU B 1861 -23.15 51.63 26.05
C LEU B 1861 -24.25 52.14 26.98
N THR B 1862 -25.30 51.34 27.15
CA THR B 1862 -26.40 51.73 28.02
C THR B 1862 -25.96 51.68 29.48
N PRO B 1863 -26.64 52.42 30.36
CA PRO B 1863 -26.32 52.32 31.79
C PRO B 1863 -26.47 50.91 32.34
N GLN B 1864 -27.37 50.10 31.77
CA GLN B 1864 -27.46 48.70 32.18
C GLN B 1864 -26.16 47.95 31.88
N ASP B 1865 -25.62 48.16 30.67
CA ASP B 1865 -24.35 47.53 30.31
C ASP B 1865 -23.21 48.02 31.18
N ILE B 1866 -23.17 49.33 31.45
CA ILE B 1866 -22.12 49.89 32.30
C ILE B 1866 -22.22 49.31 33.70
N GLN B 1867 -23.44 49.17 34.22
CA GLN B 1867 -23.63 48.57 35.54
C GLN B 1867 -23.16 47.12 35.55
N ALA B 1868 -23.52 46.35 34.52
CA ALA B 1868 -23.07 44.97 34.46
C ALA B 1868 -21.54 44.89 34.42
N LEU B 1869 -20.91 45.71 33.58
CA LEU B 1869 -19.47 45.71 33.46
C LEU B 1869 -18.80 46.06 34.80
N ALA B 1870 -19.29 47.14 35.43
CA ALA B 1870 -18.67 47.60 36.67
C ALA B 1870 -18.87 46.60 37.81
N TYR B 1871 -20.10 46.10 37.98
CA TYR B 1871 -20.37 45.15 39.04
C TYR B 1871 -19.74 43.79 38.80
N GLY B 1872 -19.33 43.51 37.57
CA GLY B 1872 -18.70 42.23 37.26
C GLY B 1872 -17.20 42.28 37.44
N LEU B 1873 -16.55 43.28 36.86
CA LEU B 1873 -15.07 43.39 36.93
C LEU B 1873 -14.64 43.77 38.35
N CYS B 1874 -15.32 44.75 38.96
CA CYS B 1874 -14.92 45.22 40.30
C CYS B 1874 -16.00 44.82 41.32
N PRO B 1875 -15.82 43.71 42.06
CA PRO B 1875 -16.85 43.24 42.99
C PRO B 1875 -16.65 43.63 44.45
N THR B 1876 -15.55 44.32 44.76
CA THR B 1876 -15.30 44.78 46.14
C THR B 1876 -15.84 46.17 46.31
N GLN B 1877 -15.51 47.09 45.39
CA GLN B 1877 -16.06 48.47 45.44
C GLN B 1877 -16.76 48.77 44.10
N PRO B 1878 -17.98 48.23 43.86
CA PRO B 1878 -18.64 48.40 42.57
C PRO B 1878 -19.12 49.79 42.16
N GLU B 1879 -19.55 50.62 43.11
CA GLU B 1879 -20.12 51.93 42.79
C GLU B 1879 -19.04 52.92 42.37
N ARG B 1880 -17.86 52.88 42.98
CA ARG B 1880 -16.76 53.73 42.54
C ARG B 1880 -16.36 53.39 41.10
N ALA B 1881 -16.30 52.10 40.78
CA ALA B 1881 -16.01 51.68 39.42
C ALA B 1881 -17.09 52.15 38.45
N GLN B 1882 -18.35 52.05 38.87
CA GLN B 1882 -19.44 52.52 38.02
C GLN B 1882 -19.35 54.01 37.77
N GLU B 1883 -19.00 54.79 38.80
CA GLU B 1883 -18.85 56.22 38.64
C GLU B 1883 -17.72 56.54 37.66
N LEU B 1884 -16.57 55.88 37.83
CA LEU B 1884 -15.45 56.11 36.92
C LEU B 1884 -15.81 55.74 35.49
N LEU B 1885 -16.47 54.60 35.31
CA LEU B 1885 -16.86 54.16 33.97
C LEU B 1885 -17.86 55.12 33.35
N ASN B 1886 -18.85 55.57 34.11
CA ASN B 1886 -19.84 56.51 33.60
C ASN B 1886 -19.17 57.81 33.18
N GLU B 1887 -18.22 58.30 33.99
CA GLU B 1887 -17.49 59.50 33.62
C GLU B 1887 -16.69 59.29 32.33
N ALA B 1888 -16.05 58.14 32.20
CA ALA B 1888 -15.28 57.84 30.99
C ALA B 1888 -16.18 57.82 29.76
N VAL B 1889 -17.34 57.18 29.86
CA VAL B 1889 -18.28 57.16 28.74
C VAL B 1889 -18.74 58.58 28.42
N GLY B 1890 -19.00 59.39 29.45
CA GLY B 1890 -19.40 60.76 29.21
C GLY B 1890 -18.34 61.55 28.45
N ARG B 1891 -17.07 61.34 28.79
CA ARG B 1891 -16.02 62.07 28.09
C ARG B 1891 -15.68 61.47 26.74
N LEU B 1892 -16.18 60.26 26.44
CA LEU B 1892 -15.93 59.60 25.17
C LEU B 1892 -17.10 59.69 24.21
N GLN B 1893 -18.14 60.42 24.56
CA GLN B 1893 -19.29 60.56 23.67
C GLN B 1893 -18.88 61.33 22.42
N GLY B 1894 -19.40 60.91 21.26
CA GLY B 1894 -19.05 61.53 20.01
C GLY B 1894 -17.83 60.92 19.35
N LEU B 1895 -17.88 59.61 19.11
CA LEU B 1895 -16.80 58.89 18.46
C LEU B 1895 -17.29 58.37 17.12
N THR B 1896 -16.42 58.38 16.12
CA THR B 1896 -16.76 57.85 14.80
C THR B 1896 -16.30 56.41 14.70
N VAL B 1897 -17.22 55.50 14.40
CA VAL B 1897 -16.86 54.10 14.23
C VAL B 1897 -16.07 53.93 12.95
N PRO B 1898 -14.98 53.15 12.95
CA PRO B 1898 -14.17 53.00 11.74
C PRO B 1898 -14.99 52.40 10.60
N SER B 1899 -14.72 52.87 9.40
CA SER B 1899 -15.48 52.45 8.22
C SER B 1899 -14.94 51.17 7.61
N ASN B 1900 -13.63 51.12 7.34
CA ASN B 1900 -13.02 49.98 6.67
C ASN B 1900 -12.60 48.91 7.69
N SER B 1901 -13.61 48.36 8.38
CA SER B 1901 -13.40 47.29 9.33
C SER B 1901 -14.38 46.16 9.06
N HIS B 1902 -13.92 44.93 9.28
CA HIS B 1902 -14.69 43.75 8.91
C HIS B 1902 -14.65 42.75 10.06
N LEU B 1903 -15.73 42.00 10.22
CA LEU B 1903 -15.86 41.03 11.29
C LEU B 1903 -15.95 39.62 10.69
N VAL B 1904 -15.16 38.70 11.23
CA VAL B 1904 -15.20 37.30 10.86
C VAL B 1904 -15.71 36.53 12.06
N LEU B 1905 -16.75 35.73 11.85
CA LEU B 1905 -17.41 34.99 12.92
C LEU B 1905 -17.03 33.52 12.80
N VAL B 1906 -16.36 33.01 13.82
CA VAL B 1906 -16.04 31.59 13.92
C VAL B 1906 -16.90 31.00 15.03
N LEU B 1907 -17.88 30.17 14.65
CA LEU B 1907 -18.84 29.69 15.68
C LEU B 1907 -18.69 28.18 15.95
N ASP B 1908 -19.37 27.69 16.99
CA ASP B 1908 -19.33 26.23 17.32
C ASP B 1908 -20.40 25.54 16.46
N LYS B 1909 -20.33 24.20 16.36
CA LYS B 1909 -21.29 23.44 15.50
C LYS B 1909 -22.72 23.70 15.96
N ASP B 1910 -22.91 24.14 17.21
CA ASP B 1910 -24.27 24.44 17.74
C ASP B 1910 -24.60 25.91 17.51
N LEU B 1911 -23.64 26.81 17.78
CA LEU B 1911 -23.90 28.24 17.65
C LEU B 1911 -23.99 28.69 16.19
N GLN B 1912 -23.55 27.86 15.25
CA GLN B 1912 -23.61 28.25 13.85
C GLN B 1912 -25.04 28.30 13.33
N LYS B 1913 -25.95 27.56 13.96
CA LYS B 1913 -27.33 27.52 13.49
C LYS B 1913 -28.01 28.88 13.60
N LEU B 1914 -27.72 29.62 14.65
CA LEU B 1914 -28.42 30.85 14.99
C LEU B 1914 -28.09 31.97 14.02
N PRO B 1915 -29.04 32.87 13.75
CA PRO B 1915 -28.80 34.03 12.87
C PRO B 1915 -28.12 35.18 13.60
N TRP B 1916 -26.81 35.04 13.82
CA TRP B 1916 -26.06 36.05 14.56
C TRP B 1916 -26.02 37.37 13.81
N GLU B 1917 -25.89 37.31 12.48
CA GLU B 1917 -25.71 38.52 11.68
C GLU B 1917 -26.89 39.47 11.75
N SER B 1918 -28.07 38.99 12.14
CA SER B 1918 -29.27 39.81 12.18
C SER B 1918 -29.52 40.43 13.54
N MET B 1919 -28.53 40.39 14.43
CA MET B 1919 -28.65 41.09 15.69
C MET B 1919 -28.68 42.60 15.44
N PRO B 1920 -29.41 43.37 16.26
CA PRO B 1920 -29.57 44.81 15.98
C PRO B 1920 -28.26 45.56 15.89
N SER B 1921 -27.25 45.17 16.66
CA SER B 1921 -25.97 45.87 16.63
C SER B 1921 -25.15 45.54 15.38
N LEU B 1922 -25.35 44.36 14.80
CA LEU B 1922 -24.57 43.91 13.65
C LEU B 1922 -25.27 44.16 12.32
N GLN B 1923 -26.41 44.83 12.32
CA GLN B 1923 -27.14 45.07 11.07
C GLN B 1923 -26.47 46.12 10.21
N ALA B 1924 -25.58 46.94 10.77
CA ALA B 1924 -24.88 47.96 10.00
C ALA B 1924 -23.39 47.66 9.83
N LEU B 1925 -22.99 46.39 9.99
CA LEU B 1925 -21.60 46.01 9.93
C LEU B 1925 -21.38 44.91 8.90
N PRO B 1926 -20.21 44.87 8.27
CA PRO B 1926 -19.88 43.77 7.34
C PRO B 1926 -19.44 42.53 8.10
N VAL B 1927 -20.26 41.49 8.07
CA VAL B 1927 -20.02 40.27 8.82
C VAL B 1927 -20.03 39.09 7.87
N THR B 1928 -19.02 38.22 8.00
CA THR B 1928 -18.97 36.93 7.31
C THR B 1928 -18.58 35.85 8.30
N ARG B 1929 -18.75 34.60 7.88
CA ARG B 1929 -18.41 33.44 8.69
C ARG B 1929 -17.27 32.69 8.06
N LEU B 1930 -16.37 32.15 8.89
CA LEU B 1930 -15.30 31.29 8.42
C LEU B 1930 -15.26 30.04 9.28
N PRO B 1931 -14.86 28.91 8.71
CA PRO B 1931 -14.74 27.69 9.53
C PRO B 1931 -13.73 27.82 10.64
N SER B 1932 -12.64 28.54 10.42
CA SER B 1932 -11.60 28.72 11.43
C SER B 1932 -10.76 29.94 11.08
N PHE B 1933 -9.94 30.35 12.04
CA PHE B 1933 -9.05 31.50 11.86
C PHE B 1933 -7.87 31.16 10.96
N ARG B 1934 -7.43 29.90 10.99
CA ARG B 1934 -6.47 29.41 10.02
C ARG B 1934 -6.97 29.56 8.59
N PHE B 1935 -8.29 29.55 8.38
CA PHE B 1935 -8.83 29.76 7.05
C PHE B 1935 -8.64 31.20 6.59
N LEU B 1936 -8.75 32.14 7.53
CA LEU B 1936 -8.40 33.52 7.21
C LEU B 1936 -6.93 33.65 6.82
N LEU B 1937 -6.05 32.98 7.58
CA LEU B 1937 -4.64 33.02 7.21
C LEU B 1937 -4.38 32.36 5.85
N SER B 1938 -5.07 31.26 5.56
CA SER B 1938 -4.94 30.60 4.26
C SER B 1938 -5.42 31.52 3.13
N TYR B 1939 -6.50 32.26 3.38
CA TYR B 1939 -6.97 33.23 2.40
C TYR B 1939 -5.91 34.28 2.12
N SER B 1940 -5.24 34.77 3.16
CA SER B 1940 -4.16 35.74 2.94
C SER B 1940 -3.02 35.13 2.14
N ILE B 1941 -2.63 33.89 2.47
CA ILE B 1941 -1.55 33.23 1.74
C ILE B 1941 -1.90 33.08 0.27
N ILE B 1942 -3.12 32.63 -0.02
CA ILE B 1942 -3.56 32.47 -1.40
C ILE B 1942 -3.58 33.81 -2.11
N LYS B 1943 -4.01 34.87 -1.41
CA LYS B 1943 -4.09 36.19 -2.02
C LYS B 1943 -2.71 36.75 -2.36
N GLU B 1944 -1.69 36.42 -1.58
CA GLU B 1944 -0.34 36.92 -1.90
C GLU B 1944 0.15 36.38 -3.24
N TYR B 1945 -0.11 35.11 -3.53
CA TYR B 1945 0.37 34.48 -4.75
C TYR B 1945 -0.58 34.68 -5.92
N GLY B 1946 -1.65 35.45 -5.75
CA GLY B 1946 -2.56 35.74 -6.84
C GLY B 1946 -3.32 34.53 -7.34
N ALA B 1947 -3.76 33.66 -6.43
CA ALA B 1947 -4.56 32.50 -6.78
C ALA B 1947 -6.04 32.71 -6.55
N SER B 1948 -6.45 33.91 -6.10
CA SER B 1948 -7.85 34.25 -5.87
C SER B 1948 -8.15 35.53 -6.62
N PRO B 1949 -8.49 35.44 -7.91
CA PRO B 1949 -8.67 36.68 -8.70
C PRO B 1949 -9.75 37.60 -8.16
N VAL B 1950 -10.83 37.05 -7.62
CA VAL B 1950 -11.92 37.89 -7.11
C VAL B 1950 -11.48 38.67 -5.88
N LEU B 1951 -10.70 38.04 -5.00
CA LEU B 1951 -10.21 38.74 -3.82
C LEU B 1951 -9.10 39.74 -4.13
N SER B 1952 -8.50 39.65 -5.31
CA SER B 1952 -7.41 40.54 -5.70
C SER B 1952 -7.88 41.69 -6.59
N GLN B 1953 -8.79 41.43 -7.51
CA GLN B 1953 -9.24 42.44 -8.46
C GLN B 1953 -10.68 42.87 -8.25
N GLY B 1954 -11.59 41.92 -8.03
CA GLY B 1954 -12.99 42.21 -7.84
C GLY B 1954 -13.82 41.24 -8.64
N VAL B 1955 -15.12 41.52 -8.70
CA VAL B 1955 -16.08 40.69 -9.44
C VAL B 1955 -16.41 41.40 -10.74
N ASP B 1956 -16.22 40.71 -11.86
CA ASP B 1956 -16.66 41.23 -13.14
C ASP B 1956 -18.14 40.90 -13.28
N PRO B 1957 -19.01 41.90 -13.31
CA PRO B 1957 -20.46 41.62 -13.33
C PRO B 1957 -20.92 40.92 -14.59
N ARG B 1958 -20.12 40.88 -15.65
CA ARG B 1958 -20.49 40.22 -16.88
C ARG B 1958 -20.07 38.76 -16.94
N SER B 1959 -19.35 38.26 -15.93
CA SER B 1959 -18.97 36.85 -15.85
C SER B 1959 -19.87 36.17 -14.82
N THR B 1960 -21.06 35.79 -15.27
CA THR B 1960 -22.07 35.22 -14.38
C THR B 1960 -22.74 34.03 -15.03
N PHE B 1961 -22.97 32.99 -14.24
CA PHE B 1961 -23.67 31.79 -14.67
C PHE B 1961 -24.82 31.52 -13.70
N TYR B 1962 -26.01 31.29 -14.24
CA TYR B 1962 -27.19 31.09 -13.41
C TYR B 1962 -27.86 29.76 -13.74
N VAL B 1963 -28.41 29.13 -12.71
CA VAL B 1963 -29.21 27.91 -12.86
C VAL B 1963 -30.58 28.24 -12.28
N LEU B 1964 -31.56 28.45 -13.15
CA LEU B 1964 -32.90 28.87 -12.75
C LEU B 1964 -33.92 27.82 -13.14
N ASN B 1965 -34.76 27.45 -12.18
CA ASN B 1965 -35.82 26.44 -12.34
C ASN B 1965 -35.26 25.17 -12.98
N PRO B 1966 -34.27 24.53 -12.36
CA PRO B 1966 -33.67 23.35 -13.01
C PRO B 1966 -34.60 22.16 -13.09
N HIS B 1967 -35.51 22.02 -12.12
CA HIS B 1967 -36.40 20.82 -12.07
C HIS B 1967 -37.79 21.17 -12.59
N ASN B 1968 -37.96 22.38 -13.15
CA ASN B 1968 -39.26 22.82 -13.69
C ASN B 1968 -40.37 22.65 -12.66
N ASN B 1969 -40.07 22.99 -11.40
CA ASN B 1969 -41.06 22.97 -10.34
C ASN B 1969 -41.53 24.36 -9.92
N LEU B 1970 -40.67 25.37 -10.01
CA LEU B 1970 -40.94 26.70 -9.48
C LEU B 1970 -41.20 27.66 -10.63
N SER B 1971 -42.45 27.76 -11.05
CA SER B 1971 -42.81 28.60 -12.19
C SER B 1971 -42.85 30.08 -11.86
N SER B 1972 -43.25 30.46 -10.63
CA SER B 1972 -43.26 31.87 -10.27
C SER B 1972 -41.86 32.45 -10.25
N THR B 1973 -40.90 31.67 -9.75
CA THR B 1973 -39.49 32.13 -9.71
C THR B 1973 -39.00 32.39 -11.11
N GLU B 1974 -39.28 31.49 -12.05
CA GLU B 1974 -38.72 31.62 -13.43
C GLU B 1974 -39.27 32.88 -14.11
N GLU B 1975 -40.58 33.10 -14.09
CA GLU B 1975 -41.15 34.26 -14.83
C GLU B 1975 -40.54 35.57 -14.31
N GLN B 1976 -40.29 35.65 -13.00
CA GLN B 1976 -39.72 36.86 -12.36
C GLN B 1976 -38.25 37.07 -12.75
N PHE B 1977 -37.47 35.99 -12.87
CA PHE B 1977 -36.00 36.17 -13.08
C PHE B 1977 -35.56 35.86 -14.52
N ARG B 1978 -36.39 35.21 -15.33
CA ARG B 1978 -35.92 34.79 -16.68
C ARG B 1978 -35.46 36.00 -17.52
N ALA B 1979 -36.37 36.93 -17.80
CA ALA B 1979 -36.03 38.09 -18.68
C ALA B 1979 -34.91 38.92 -18.07
N ASN B 1980 -35.06 39.26 -16.79
CA ASN B 1980 -34.02 40.09 -16.12
C ASN B 1980 -32.67 39.40 -16.28
N PHE B 1981 -32.62 38.09 -15.99
CA PHE B 1981 -31.35 37.33 -16.10
C PHE B 1981 -30.91 37.28 -17.57
N SER B 1982 -31.80 36.87 -18.48
CA SER B 1982 -31.39 36.72 -19.87
C SER B 1982 -31.03 38.07 -20.50
N SER B 1983 -31.61 39.16 -20.00
CA SER B 1983 -31.33 40.47 -20.59
C SER B 1983 -30.01 41.06 -20.14
N GLU B 1984 -29.33 40.46 -19.16
CA GLU B 1984 -28.11 41.01 -18.64
C GLU B 1984 -26.94 40.75 -19.59
N ALA B 1985 -25.96 41.64 -19.55
CA ALA B 1985 -24.83 41.59 -20.48
C ALA B 1985 -23.86 40.50 -20.05
N GLY B 1986 -23.68 39.50 -20.91
CA GLY B 1986 -22.73 38.44 -20.66
C GLY B 1986 -23.21 37.36 -19.71
N TRP B 1987 -24.51 37.29 -19.43
CA TRP B 1987 -25.04 36.30 -18.50
C TRP B 1987 -25.53 35.08 -19.27
N ARG B 1988 -25.12 33.90 -18.82
CA ARG B 1988 -25.40 32.65 -19.49
C ARG B 1988 -25.80 31.60 -18.47
N GLY B 1989 -26.79 30.78 -18.82
CA GLY B 1989 -27.26 29.83 -17.82
C GLY B 1989 -28.24 28.84 -18.39
N VAL B 1990 -28.79 28.02 -17.48
CA VAL B 1990 -29.70 26.94 -17.81
C VAL B 1990 -31.05 27.22 -17.18
N VAL B 1991 -32.08 27.30 -18.00
CA VAL B 1991 -33.45 27.53 -17.54
C VAL B 1991 -34.29 26.34 -17.95
N GLY B 1992 -34.96 25.73 -16.97
CA GLY B 1992 -35.89 24.66 -17.23
C GLY B 1992 -35.27 23.30 -17.41
N GLU B 1993 -33.95 23.21 -17.49
CA GLU B 1993 -33.24 21.95 -17.70
C GLU B 1993 -32.27 21.73 -16.55
N VAL B 1994 -31.98 20.46 -16.29
CA VAL B 1994 -30.94 20.15 -15.30
C VAL B 1994 -29.58 20.49 -15.91
N PRO B 1995 -28.76 21.30 -15.26
CA PRO B 1995 -27.41 21.56 -15.79
C PRO B 1995 -26.55 20.30 -15.74
N ARG B 1996 -25.68 20.17 -16.73
CA ARG B 1996 -24.71 19.09 -16.72
C ARG B 1996 -23.61 19.40 -15.72
N PRO B 1997 -22.97 18.39 -15.14
CA PRO B 1997 -21.89 18.65 -14.19
C PRO B 1997 -20.75 19.45 -14.78
N GLU B 1998 -20.44 19.26 -16.06
CA GLU B 1998 -19.41 20.07 -16.70
C GLU B 1998 -19.82 21.54 -16.74
N GLN B 1999 -21.11 21.81 -16.92
CA GLN B 1999 -21.60 23.17 -16.93
C GLN B 1999 -21.37 23.86 -15.58
N VAL B 2000 -21.70 23.17 -14.48
CA VAL B 2000 -21.51 23.75 -13.16
C VAL B 2000 -20.03 23.89 -12.85
N GLN B 2001 -19.21 22.92 -13.29
CA GLN B 2001 -17.78 23.02 -13.07
C GLN B 2001 -17.19 24.23 -13.79
N GLU B 2002 -17.61 24.47 -15.03
CA GLU B 2002 -17.16 25.66 -15.75
C GLU B 2002 -17.70 26.94 -15.12
N ALA B 2003 -18.91 26.89 -14.57
CA ALA B 2003 -19.44 28.04 -13.85
C ALA B 2003 -18.57 28.39 -12.66
N LEU B 2004 -18.15 27.39 -11.89
CA LEU B 2004 -17.37 27.65 -10.69
C LEU B 2004 -15.93 28.02 -11.02
N THR B 2005 -15.34 27.42 -12.06
CA THR B 2005 -13.92 27.63 -12.31
C THR B 2005 -13.64 28.81 -13.24
N LYS B 2006 -14.53 29.10 -14.19
CA LYS B 2006 -14.25 30.08 -15.23
C LYS B 2006 -14.97 31.40 -15.04
N HIS B 2007 -16.01 31.45 -14.21
CA HIS B 2007 -16.80 32.66 -14.01
C HIS B 2007 -16.49 33.29 -12.65
N ASP B 2008 -16.88 34.55 -12.50
CA ASP B 2008 -16.70 35.26 -11.25
C ASP B 2008 -17.93 35.25 -10.36
N LEU B 2009 -19.09 34.93 -10.91
CA LEU B 2009 -20.33 34.90 -10.13
C LEU B 2009 -21.19 33.72 -10.59
N TYR B 2010 -21.75 33.01 -9.61
CA TYR B 2010 -22.60 31.85 -9.86
C TYR B 2010 -23.86 31.99 -9.03
N ILE B 2011 -25.01 32.09 -9.71
CA ILE B 2011 -26.29 32.33 -9.06
C ILE B 2011 -27.16 31.10 -9.24
N TYR B 2012 -27.53 30.47 -8.13
CA TYR B 2012 -28.40 29.30 -8.16
C TYR B 2012 -29.72 29.69 -7.50
N ALA B 2013 -30.79 29.69 -8.29
CA ALA B 2013 -32.09 30.15 -7.81
C ALA B 2013 -33.14 29.04 -7.91
N GLY B 2014 -32.77 27.83 -7.50
CA GLY B 2014 -33.67 26.70 -7.57
C GLY B 2014 -33.81 26.03 -6.22
N HIS B 2015 -34.09 24.73 -6.27
CA HIS B 2015 -34.34 23.92 -5.09
C HIS B 2015 -33.02 23.54 -4.44
N GLY B 2016 -32.84 23.92 -3.19
CA GLY B 2016 -31.66 23.53 -2.44
C GLY B 2016 -30.39 24.18 -2.92
N ALA B 2017 -29.28 23.49 -2.68
CA ALA B 2017 -27.96 23.96 -3.08
C ALA B 2017 -27.46 23.31 -4.36
N GLY B 2018 -28.27 22.49 -5.02
CA GLY B 2018 -27.83 21.82 -6.23
C GLY B 2018 -26.72 20.81 -6.03
N ALA B 2019 -26.72 20.14 -4.89
CA ALA B 2019 -25.64 19.17 -4.58
C ALA B 2019 -25.74 18.01 -5.57
N ARG B 2020 -26.86 17.93 -6.29
CA ARG B 2020 -27.05 16.81 -7.26
C ARG B 2020 -26.31 17.13 -8.56
N PHE B 2021 -26.32 18.39 -8.97
CA PHE B 2021 -25.64 18.79 -10.24
C PHE B 2021 -24.15 18.66 -10.04
N LEU B 2022 -23.62 19.25 -8.96
CA LEU B 2022 -22.18 19.11 -8.64
C LEU B 2022 -22.06 18.78 -7.15
N ASP B 2023 -21.72 17.53 -6.81
CA ASP B 2023 -21.58 17.12 -5.43
C ASP B 2023 -20.36 17.78 -4.80
N GLY B 2024 -20.28 17.69 -3.47
CA GLY B 2024 -19.22 18.37 -2.76
C GLY B 2024 -17.83 17.90 -3.15
N GLN B 2025 -17.68 16.61 -3.46
CA GLN B 2025 -16.37 16.09 -3.84
C GLN B 2025 -15.91 16.67 -5.17
N ALA B 2026 -16.83 16.88 -6.10
CA ALA B 2026 -16.46 17.53 -7.36
C ALA B 2026 -16.03 18.97 -7.13
N VAL B 2027 -16.75 19.69 -6.27
CA VAL B 2027 -16.38 21.06 -5.95
C VAL B 2027 -15.02 21.11 -5.28
N LEU B 2028 -14.70 20.09 -4.48
CA LEU B 2028 -13.40 20.05 -3.81
C LEU B 2028 -12.26 19.96 -4.82
N ARG B 2029 -12.46 19.17 -5.87
CA ARG B 2029 -11.38 18.94 -6.88
C ARG B 2029 -11.19 20.14 -7.82
N LEU B 2030 -12.04 21.16 -7.73
CA LEU B 2030 -11.90 22.36 -8.55
C LEU B 2030 -11.26 23.49 -7.75
N SER B 2031 -10.88 24.53 -8.47
CA SER B 2031 -10.47 25.79 -7.86
C SER B 2031 -11.65 26.74 -7.99
N CYS B 2032 -12.20 27.16 -6.85
CA CYS B 2032 -13.40 27.99 -6.84
C CYS B 2032 -12.99 29.44 -7.01
N ARG B 2033 -13.37 30.02 -8.15
CA ARG B 2033 -13.10 31.42 -8.44
C ARG B 2033 -14.33 32.30 -8.26
N ALA B 2034 -15.52 31.77 -8.50
CA ALA B 2034 -16.74 32.56 -8.52
C ALA B 2034 -17.26 32.82 -7.11
N VAL B 2035 -18.16 33.78 -7.02
CA VAL B 2035 -18.92 34.03 -5.79
C VAL B 2035 -20.22 33.25 -5.90
N ALA B 2036 -20.42 32.29 -5.01
CA ALA B 2036 -21.54 31.36 -5.09
C ALA B 2036 -22.74 31.96 -4.36
N LEU B 2037 -23.72 32.43 -5.12
CA LEU B 2037 -24.99 32.90 -4.56
C LEU B 2037 -25.99 31.77 -4.73
N LEU B 2038 -26.03 30.89 -3.73
CA LEU B 2038 -26.94 29.72 -3.81
C LEU B 2038 -28.23 30.05 -3.04
N PHE B 2039 -29.23 30.56 -3.75
CA PHE B 2039 -30.53 30.92 -3.10
C PHE B 2039 -31.39 29.68 -3.05
N GLY B 2040 -31.25 28.90 -2.00
CA GLY B 2040 -32.05 27.67 -1.84
C GLY B 2040 -32.18 27.34 -0.37
N SER B 2041 -33.06 26.42 -0.02
CA SER B 2041 -33.30 26.13 1.41
C SER B 2041 -32.08 25.47 2.04
N SER B 2042 -31.67 25.93 3.23
CA SER B 2042 -30.54 25.31 3.97
C SER B 2042 -29.31 25.15 3.07
N SER B 2043 -29.00 26.17 2.28
CA SER B 2043 -27.83 26.13 1.36
C SER B 2043 -26.52 26.27 2.14
N ALA B 2044 -26.49 27.14 3.15
CA ALA B 2044 -25.25 27.38 3.93
C ALA B 2044 -25.39 26.75 5.31
N ALA B 2045 -26.31 25.79 5.45
CA ALA B 2045 -26.55 25.17 6.77
C ALA B 2045 -25.65 23.96 6.94
N LEU B 2046 -25.19 23.74 8.17
CA LEU B 2046 -24.34 22.59 8.47
C LEU B 2046 -25.15 21.58 9.27
N ALA B 2047 -25.16 20.34 8.80
CA ALA B 2047 -25.98 19.29 9.40
C ALA B 2047 -25.25 18.71 10.61
N VAL B 2048 -25.78 18.96 11.80
CA VAL B 2048 -25.20 18.45 13.04
C VAL B 2048 -25.92 17.15 13.37
N HIS B 2049 -25.23 16.03 13.18
CA HIS B 2049 -25.76 14.70 13.49
C HIS B 2049 -25.04 14.19 14.73
N GLY B 2050 -25.75 14.15 15.84
CA GLY B 2050 -25.14 13.72 17.09
C GLY B 2050 -24.10 14.72 17.59
N ASN B 2051 -22.99 14.17 18.10
CA ASN B 2051 -21.87 14.97 18.56
C ASN B 2051 -20.87 15.25 17.45
N LEU B 2052 -21.21 14.94 16.21
CA LEU B 2052 -20.33 15.17 15.08
C LEU B 2052 -20.41 16.62 14.65
N GLU B 2053 -19.31 17.12 14.10
CA GLU B 2053 -19.24 18.51 13.68
C GLU B 2053 -20.10 18.73 12.43
N GLY B 2054 -20.52 19.98 12.25
CA GLY B 2054 -21.43 20.29 11.16
C GLY B 2054 -20.83 19.98 9.80
N ALA B 2055 -21.67 19.47 8.90
CA ALA B 2055 -21.26 19.10 7.56
C ALA B 2055 -22.15 19.80 6.54
N GLY B 2056 -21.54 20.24 5.45
CA GLY B 2056 -22.28 20.91 4.40
C GLY B 2056 -21.40 21.20 3.21
N ILE B 2057 -22.05 21.53 2.10
CA ILE B 2057 -21.33 21.84 0.87
C ILE B 2057 -20.64 23.20 0.95
N VAL B 2058 -21.08 24.07 1.86
CA VAL B 2058 -20.41 25.36 2.02
C VAL B 2058 -18.96 25.15 2.44
N LEU B 2059 -18.71 24.14 3.27
CA LEU B 2059 -17.34 23.83 3.67
C LEU B 2059 -16.50 23.41 2.48
N LYS B 2060 -17.06 22.58 1.60
CA LYS B 2060 -16.32 22.18 0.40
C LYS B 2060 -16.03 23.39 -0.49
N TYR B 2061 -17.01 24.28 -0.64
CA TYR B 2061 -16.79 25.49 -1.42
C TYR B 2061 -15.67 26.33 -0.82
N ILE B 2062 -15.63 26.45 0.51
CA ILE B 2062 -14.61 27.27 1.16
C ILE B 2062 -13.24 26.63 1.05
N MET B 2063 -13.15 25.31 1.23
CA MET B 2063 -11.86 24.64 1.06
C MET B 2063 -11.40 24.62 -0.39
N ALA B 2064 -12.32 24.76 -1.35
CA ALA B 2064 -11.93 24.92 -2.74
C ALA B 2064 -11.46 26.33 -3.07
N GLY B 2065 -11.64 27.28 -2.18
CA GLY B 2065 -11.17 28.63 -2.36
C GLY B 2065 -12.22 29.66 -2.74
N CYS B 2066 -13.48 29.44 -2.42
CA CYS B 2066 -14.53 30.37 -2.80
C CYS B 2066 -14.32 31.70 -2.09
N PRO B 2067 -14.32 32.83 -2.81
CA PRO B 2067 -14.20 34.13 -2.13
C PRO B 2067 -15.33 34.39 -1.15
N LEU B 2068 -16.58 34.26 -1.60
CA LEU B 2068 -17.73 34.46 -0.73
C LEU B 2068 -18.81 33.48 -1.12
N PHE B 2069 -19.49 32.94 -0.11
CA PHE B 2069 -20.58 31.98 -0.29
C PHE B 2069 -21.81 32.52 0.42
N LEU B 2070 -22.86 32.79 -0.34
CA LEU B 2070 -24.11 33.29 0.21
C LEU B 2070 -25.16 32.18 0.16
N GLY B 2071 -25.80 31.92 1.30
CA GLY B 2071 -26.78 30.85 1.39
C GLY B 2071 -27.67 31.04 2.60
N ASN B 2072 -28.69 30.18 2.67
CA ASN B 2072 -29.72 30.29 3.68
C ASN B 2072 -29.45 29.35 4.85
N LEU B 2073 -29.64 29.86 6.06
CA LEU B 2073 -29.44 29.05 7.25
C LEU B 2073 -30.55 28.02 7.43
N TRP B 2074 -31.77 28.35 7.03
CA TRP B 2074 -32.88 27.41 7.15
C TRP B 2074 -33.72 27.39 5.88
N ASP B 2075 -34.89 26.76 5.95
CA ASP B 2075 -35.75 26.60 4.78
C ASP B 2075 -36.59 27.85 4.56
N VAL B 2076 -36.79 28.21 3.29
CA VAL B 2076 -37.48 29.43 2.91
C VAL B 2076 -38.56 29.09 1.88
N THR B 2077 -39.44 30.06 1.65
CA THR B 2077 -40.50 29.95 0.66
C THR B 2077 -40.11 30.69 -0.61
N ASP B 2078 -40.68 30.26 -1.73
CA ASP B 2078 -40.18 30.68 -3.04
C ASP B 2078 -40.35 32.18 -3.25
N ARG B 2079 -41.54 32.72 -2.98
CA ARG B 2079 -41.81 34.14 -3.33
C ARG B 2079 -40.97 35.10 -2.47
N ASP B 2080 -40.92 34.90 -1.15
CA ASP B 2080 -40.18 35.84 -0.32
C ASP B 2080 -38.67 35.77 -0.60
N ILE B 2081 -38.14 34.57 -0.82
CA ILE B 2081 -36.74 34.47 -1.21
C ILE B 2081 -36.53 35.08 -2.59
N ASP B 2082 -37.55 35.03 -3.45
CA ASP B 2082 -37.47 35.74 -4.72
C ASP B 2082 -37.37 37.25 -4.51
N ARG B 2083 -38.16 37.78 -3.57
CA ARG B 2083 -38.06 39.20 -3.26
C ARG B 2083 -36.67 39.56 -2.75
N TYR B 2084 -36.12 38.75 -1.85
CA TYR B 2084 -34.77 39.00 -1.36
C TYR B 2084 -33.75 38.96 -2.48
N THR B 2085 -33.85 37.95 -3.35
CA THR B 2085 -32.89 37.81 -4.44
C THR B 2085 -32.98 39.00 -5.38
N GLU B 2086 -34.20 39.43 -5.72
CA GLU B 2086 -34.38 40.56 -6.61
C GLU B 2086 -33.80 41.83 -6.01
N ALA B 2087 -34.09 42.07 -4.72
CA ALA B 2087 -33.58 43.28 -4.07
C ALA B 2087 -32.06 43.26 -4.03
N LEU B 2088 -31.47 42.13 -3.63
CA LEU B 2088 -30.01 42.06 -3.54
C LEU B 2088 -29.36 42.26 -4.90
N LEU B 2089 -29.87 41.57 -5.93
CA LEU B 2089 -29.28 41.69 -7.26
C LEU B 2089 -29.41 43.11 -7.79
N GLN B 2090 -30.59 43.71 -7.65
CA GLN B 2090 -30.78 45.08 -8.14
C GLN B 2090 -29.86 46.05 -7.41
N GLY B 2091 -29.78 45.93 -6.08
CA GLY B 2091 -28.97 46.86 -5.31
C GLY B 2091 -27.49 46.73 -5.60
N TRP B 2092 -27.00 45.49 -5.65
CA TRP B 2092 -25.57 45.30 -5.86
C TRP B 2092 -25.16 45.61 -7.30
N LEU B 2093 -25.92 45.11 -8.27
CA LEU B 2093 -25.56 45.31 -9.66
C LEU B 2093 -25.85 46.72 -10.15
N GLY B 2094 -26.73 47.45 -9.47
CA GLY B 2094 -27.04 48.80 -9.86
C GLY B 2094 -26.25 49.84 -9.10
N ALA B 2095 -25.53 49.39 -8.06
CA ALA B 2095 -24.74 50.30 -7.26
C ALA B 2095 -23.58 50.89 -8.05
N GLY B 2096 -22.98 50.10 -8.93
CA GLY B 2096 -21.84 50.55 -9.69
C GLY B 2096 -20.58 49.83 -9.27
N PRO B 2097 -19.46 50.16 -9.92
CA PRO B 2097 -18.20 49.46 -9.61
C PRO B 2097 -17.74 49.76 -8.19
N GLY B 2098 -16.99 48.81 -7.64
CA GLY B 2098 -16.48 48.95 -6.28
C GLY B 2098 -17.55 48.93 -5.22
N ALA B 2099 -18.59 48.13 -5.39
CA ALA B 2099 -19.69 48.05 -4.45
C ALA B 2099 -19.55 46.80 -3.60
N PRO B 2100 -19.50 46.93 -2.28
CA PRO B 2100 -19.41 45.73 -1.42
C PRO B 2100 -20.68 44.90 -1.51
N LEU B 2101 -20.51 43.58 -1.63
CA LEU B 2101 -21.66 42.69 -1.67
C LEU B 2101 -22.37 42.64 -0.33
N LEU B 2102 -21.60 42.72 0.77
CA LEU B 2102 -22.19 42.56 2.09
C LEU B 2102 -23.13 43.70 2.44
N TYR B 2103 -22.82 44.92 1.99
CA TYR B 2103 -23.69 46.05 2.27
C TYR B 2103 -25.08 45.82 1.70
N TYR B 2104 -25.16 45.31 0.47
CA TYR B 2104 -26.46 45.09 -0.15
C TYR B 2104 -27.05 43.74 0.25
N VAL B 2105 -26.24 42.85 0.83
CA VAL B 2105 -26.80 41.69 1.53
C VAL B 2105 -27.59 42.13 2.75
N ASN B 2106 -27.01 43.04 3.54
CA ASN B 2106 -27.71 43.54 4.72
C ASN B 2106 -28.93 44.37 4.34
N GLN B 2107 -28.80 45.20 3.30
CA GLN B 2107 -29.92 46.05 2.91
C GLN B 2107 -31.09 45.25 2.35
N ALA B 2108 -30.80 44.12 1.70
CA ALA B 2108 -31.85 43.32 1.09
C ALA B 2108 -32.67 42.52 2.09
N ARG B 2109 -32.28 42.49 3.37
CA ARG B 2109 -33.07 41.80 4.38
C ARG B 2109 -34.41 42.48 4.64
N GLN B 2110 -34.56 43.75 4.31
CA GLN B 2110 -35.81 44.45 4.48
C GLN B 2110 -36.80 44.16 3.37
N ALA B 2111 -36.35 43.58 2.26
CA ALA B 2111 -37.22 43.30 1.13
C ALA B 2111 -38.32 42.30 1.43
N PRO B 2112 -38.06 41.14 2.06
CA PRO B 2112 -39.13 40.16 2.23
C PRO B 2112 -40.23 40.67 3.15
N ARG B 2113 -41.43 40.13 2.97
CA ARG B 2113 -42.56 40.49 3.87
C ARG B 2113 -42.21 39.93 5.25
N LEU B 2114 -41.72 38.69 5.30
CA LEU B 2114 -41.31 38.09 6.57
C LEU B 2114 -39.85 38.47 6.81
N LYS B 2115 -39.63 39.53 7.59
CA LYS B 2115 -38.29 40.09 7.74
C LYS B 2115 -37.36 39.16 8.50
N TYR B 2116 -37.86 38.48 9.53
CA TYR B 2116 -37.02 37.66 10.40
C TYR B 2116 -37.14 36.17 10.15
N LEU B 2117 -38.10 35.74 9.34
CA LEU B 2117 -38.19 34.34 8.93
C LEU B 2117 -37.52 34.08 7.59
N ILE B 2118 -37.56 35.05 6.68
CA ILE B 2118 -36.93 34.92 5.38
C ILE B 2118 -35.70 35.81 5.24
N GLY B 2119 -35.77 37.04 5.73
CA GLY B 2119 -34.67 37.96 5.59
C GLY B 2119 -33.48 37.65 6.47
N ALA B 2120 -33.72 36.99 7.60
CA ALA B 2120 -32.63 36.60 8.48
C ALA B 2120 -31.92 35.33 8.03
N ALA B 2121 -32.51 34.59 7.09
CA ALA B 2121 -31.96 33.34 6.57
C ALA B 2121 -30.62 33.49 5.86
N PRO B 2122 -30.43 34.46 4.96
CA PRO B 2122 -29.18 34.49 4.18
C PRO B 2122 -27.99 34.90 5.02
N ILE B 2123 -26.92 34.11 4.93
CA ILE B 2123 -25.65 34.40 5.59
C ILE B 2123 -24.53 34.25 4.58
N ALA B 2124 -23.39 34.84 4.90
CA ALA B 2124 -22.24 34.88 3.99
C ALA B 2124 -21.05 34.18 4.61
N TYR B 2125 -20.40 33.32 3.82
CA TYR B 2125 -19.23 32.57 4.24
C TYR B 2125 -18.05 33.00 3.38
N GLY B 2126 -16.94 33.36 4.02
CA GLY B 2126 -15.73 33.75 3.31
C GLY B 2126 -15.27 35.15 3.69
N LEU B 2127 -14.77 35.87 2.71
CA LEU B 2127 -14.22 37.20 2.88
C LEU B 2127 -15.02 38.21 2.06
N PRO B 2128 -15.03 39.48 2.48
CA PRO B 2128 -15.84 40.49 1.78
C PRO B 2128 -15.39 40.64 0.33
N VAL B 2129 -16.36 40.86 -0.55
CA VAL B 2129 -16.13 40.90 -1.98
C VAL B 2129 -16.83 42.13 -2.56
N SER B 2130 -16.12 42.81 -3.47
CA SER B 2130 -16.63 44.01 -4.12
C SER B 2130 -16.64 43.81 -5.62
N LEU B 2131 -17.17 44.79 -6.33
CA LEU B 2131 -17.19 44.78 -7.79
C LEU B 2131 -15.91 45.41 -8.35
N ARG B 2132 -15.60 45.07 -9.59
CA ARG B 2132 -14.41 45.56 -10.26
C ARG B 2132 -14.49 47.06 -10.53
#